data_7TWD
# 
_entry.id   7TWD 
# 
_audit_conform.dict_name       mmcif_pdbx.dic 
_audit_conform.dict_version    5.392 
_audit_conform.dict_location   http://mmcif.pdb.org/dictionaries/ascii/mmcif_pdbx.dic 
# 
loop_
_database_2.database_id 
_database_2.database_code 
_database_2.pdbx_database_accession 
_database_2.pdbx_DOI 
PDB   7TWD         pdb_00007twd 10.2210/pdb7twd/pdb 
WWPDB D_1000255647 ?            ?                   
# 
loop_
_pdbx_audit_revision_history.ordinal 
_pdbx_audit_revision_history.data_content_type 
_pdbx_audit_revision_history.major_revision 
_pdbx_audit_revision_history.minor_revision 
_pdbx_audit_revision_history.revision_date 
1 'Structure model' 1 0 2023-01-18 
2 'Structure model' 1 1 2024-05-22 
# 
_pdbx_audit_revision_details.ordinal             1 
_pdbx_audit_revision_details.revision_ordinal    1 
_pdbx_audit_revision_details.data_content_type   'Structure model' 
_pdbx_audit_revision_details.provider            repository 
_pdbx_audit_revision_details.type                'Initial release' 
_pdbx_audit_revision_details.description         ? 
_pdbx_audit_revision_details.details             ? 
# 
_pdbx_audit_revision_group.ordinal             1 
_pdbx_audit_revision_group.revision_ordinal    2 
_pdbx_audit_revision_group.data_content_type   'Structure model' 
_pdbx_audit_revision_group.group               'Data collection' 
# 
loop_
_pdbx_audit_revision_category.ordinal 
_pdbx_audit_revision_category.revision_ordinal 
_pdbx_audit_revision_category.data_content_type 
_pdbx_audit_revision_category.category 
1 2 'Structure model' chem_comp_atom 
2 2 'Structure model' chem_comp_bond 
# 
_pdbx_database_status.status_code                     REL 
_pdbx_database_status.status_code_sf                  REL 
_pdbx_database_status.status_code_mr                  ? 
_pdbx_database_status.entry_id                        7TWD 
_pdbx_database_status.recvd_initial_deposition_date   2022-02-07 
_pdbx_database_status.SG_entry                        N 
_pdbx_database_status.deposit_site                    RCSB 
_pdbx_database_status.process_site                    RCSB 
_pdbx_database_status.status_code_cs                  ? 
_pdbx_database_status.status_code_nmr_data            ? 
_pdbx_database_status.methods_development_category    ? 
_pdbx_database_status.pdb_format_compatible           Y 
# 
loop_
_audit_author.name 
_audit_author.pdbx_ordinal 
_audit_author.identifier_ORCID 
'Tian, Y.' 1 0000-0001-8828-1131 
'Yin, Q.'  2 0000-0002-8481-150X 
# 
_citation.abstract                  ? 
_citation.abstract_id_CAS           ? 
_citation.book_id_ISBN              ? 
_citation.book_publisher            ? 
_citation.book_publisher_city       ? 
_citation.book_title                ? 
_citation.coordinate_linkage        ? 
_citation.country                   US 
_citation.database_id_Medline       ? 
_citation.details                   ? 
_citation.id                        primary 
_citation.journal_abbrev            Proc.Natl.Acad.Sci.USA 
_citation.journal_id_ASTM           PNASA6 
_citation.journal_id_CSD            0040 
_citation.journal_id_ISSN           1091-6490 
_citation.journal_full              ? 
_citation.journal_issue             ? 
_citation.journal_volume            120 
_citation.language                  ? 
_citation.page_first                e2205199120 
_citation.page_last                 e2205199120 
_citation.title                     'Oligomer-to-monomer transition underlies the chaperone function of AAGAB in AP1/AP2 assembly.' 
_citation.year                      2023 
_citation.database_id_CSD           ? 
_citation.pdbx_database_id_DOI      10.1073/pnas.2205199120 
_citation.pdbx_database_id_PubMed   36598941 
_citation.pdbx_database_id_patent   ? 
_citation.unpublished_flag          ? 
# 
loop_
_citation_author.citation_id 
_citation_author.name 
_citation_author.ordinal 
_citation_author.identifier_ORCID 
primary 'Tian, Y.'        1  ?                   
primary 'Datta, I.'       2  ?                   
primary 'Yang, R.'        3  0000-0002-9311-1265 
primary 'Wan, C.'         4  ?                   
primary 'Wang, B.'        5  0000-0003-0431-8449 
primary 'Crisman, L.'     6  ?                   
primary 'He, H.'          7  ?                   
primary 'Brautigam, C.A.' 8  ?                   
primary 'Li, S.'          9  0000-0001-8641-2759 
primary 'Shen, J.'        10 0000-0001-9595-1148 
primary 'Yin, Q.'         11 0000-0002-8481-150X 
# 
loop_
_entity.id 
_entity.type 
_entity.src_method 
_entity.pdbx_description 
_entity.formula_weight 
_entity.pdbx_number_of_molecules 
_entity.pdbx_ec 
_entity.pdbx_mutation 
_entity.pdbx_fragment 
_entity.details 
1 polymer     man 'Alpha- and gamma-adaptin-binding protein p34' 5184.021 2  ? ? ? ? 
2 non-polymer syn 'PHOSPHATE ION'                                94.971   2  ? ? ? ? 
3 water       nat water                                          18.015   74 ? ? ? ? 
# 
_entity_poly.entity_id                      1 
_entity_poly.type                           'polypeptide(L)' 
_entity_poly.nstd_linkage                   no 
_entity_poly.nstd_monomer                   no 
_entity_poly.pdbx_seq_one_letter_code       SDVENFERLFSKLKEMKDKAATLPHEQRKVHAEKVAKAFWMAIGG 
_entity_poly.pdbx_seq_one_letter_code_can   SDVENFERLFSKLKEMKDKAATLPHEQRKVHAEKVAKAFWMAIGG 
_entity_poly.pdbx_strand_id                 A,B 
_entity_poly.pdbx_target_identifier         ? 
# 
loop_
_pdbx_entity_nonpoly.entity_id 
_pdbx_entity_nonpoly.name 
_pdbx_entity_nonpoly.comp_id 
2 'PHOSPHATE ION' PO4 
3 water           HOH 
# 
loop_
_entity_poly_seq.entity_id 
_entity_poly_seq.num 
_entity_poly_seq.mon_id 
_entity_poly_seq.hetero 
1 1  SER n 
1 2  ASP n 
1 3  VAL n 
1 4  GLU n 
1 5  ASN n 
1 6  PHE n 
1 7  GLU n 
1 8  ARG n 
1 9  LEU n 
1 10 PHE n 
1 11 SER n 
1 12 LYS n 
1 13 LEU n 
1 14 LYS n 
1 15 GLU n 
1 16 MET n 
1 17 LYS n 
1 18 ASP n 
1 19 LYS n 
1 20 ALA n 
1 21 ALA n 
1 22 THR n 
1 23 LEU n 
1 24 PRO n 
1 25 HIS n 
1 26 GLU n 
1 27 GLN n 
1 28 ARG n 
1 29 LYS n 
1 30 VAL n 
1 31 HIS n 
1 32 ALA n 
1 33 GLU n 
1 34 LYS n 
1 35 VAL n 
1 36 ALA n 
1 37 LYS n 
1 38 ALA n 
1 39 PHE n 
1 40 TRP n 
1 41 MET n 
1 42 ALA n 
1 43 ILE n 
1 44 GLY n 
1 45 GLY n 
# 
_entity_src_gen.entity_id                          1 
_entity_src_gen.pdbx_src_id                        1 
_entity_src_gen.pdbx_alt_source_flag               sample 
_entity_src_gen.pdbx_seq_type                      'Biological sequence' 
_entity_src_gen.pdbx_beg_seq_num                   1 
_entity_src_gen.pdbx_end_seq_num                   45 
_entity_src_gen.gene_src_common_name               human 
_entity_src_gen.gene_src_genus                     ? 
_entity_src_gen.pdbx_gene_src_gene                 AAGAB 
_entity_src_gen.gene_src_species                   ? 
_entity_src_gen.gene_src_strain                    ? 
_entity_src_gen.gene_src_tissue                    ? 
_entity_src_gen.gene_src_tissue_fraction           ? 
_entity_src_gen.gene_src_details                   ? 
_entity_src_gen.pdbx_gene_src_fragment             ? 
_entity_src_gen.pdbx_gene_src_scientific_name      'Homo sapiens' 
_entity_src_gen.pdbx_gene_src_ncbi_taxonomy_id     9606 
_entity_src_gen.pdbx_gene_src_variant              ? 
_entity_src_gen.pdbx_gene_src_cell_line            ? 
_entity_src_gen.pdbx_gene_src_atcc                 ? 
_entity_src_gen.pdbx_gene_src_organ                ? 
_entity_src_gen.pdbx_gene_src_organelle            ? 
_entity_src_gen.pdbx_gene_src_cell                 ? 
_entity_src_gen.pdbx_gene_src_cellular_location    ? 
_entity_src_gen.host_org_common_name               ? 
_entity_src_gen.pdbx_host_org_scientific_name      'Escherichia coli' 
_entity_src_gen.pdbx_host_org_ncbi_taxonomy_id     562 
_entity_src_gen.host_org_genus                     ? 
_entity_src_gen.pdbx_host_org_gene                 ? 
_entity_src_gen.pdbx_host_org_organ                ? 
_entity_src_gen.host_org_species                   ? 
_entity_src_gen.pdbx_host_org_tissue               ? 
_entity_src_gen.pdbx_host_org_tissue_fraction      ? 
_entity_src_gen.pdbx_host_org_strain               ? 
_entity_src_gen.pdbx_host_org_variant              ? 
_entity_src_gen.pdbx_host_org_cell_line            ? 
_entity_src_gen.pdbx_host_org_atcc                 ? 
_entity_src_gen.pdbx_host_org_culture_collection   ? 
_entity_src_gen.pdbx_host_org_cell                 ? 
_entity_src_gen.pdbx_host_org_organelle            ? 
_entity_src_gen.pdbx_host_org_cellular_location    ? 
_entity_src_gen.pdbx_host_org_vector_type          ? 
_entity_src_gen.pdbx_host_org_vector               ? 
_entity_src_gen.host_org_details                   ? 
_entity_src_gen.expression_system_id               ? 
_entity_src_gen.plasmid_name                       ? 
_entity_src_gen.plasmid_details                    ? 
_entity_src_gen.pdbx_description                   ? 
# 
loop_
_chem_comp.id 
_chem_comp.type 
_chem_comp.mon_nstd_flag 
_chem_comp.name 
_chem_comp.pdbx_synonyms 
_chem_comp.formula 
_chem_comp.formula_weight 
ALA 'L-peptide linking' y ALANINE         ? 'C3 H7 N O2'     89.093  
ARG 'L-peptide linking' y ARGININE        ? 'C6 H15 N4 O2 1' 175.209 
ASN 'L-peptide linking' y ASPARAGINE      ? 'C4 H8 N2 O3'    132.118 
ASP 'L-peptide linking' y 'ASPARTIC ACID' ? 'C4 H7 N O4'     133.103 
GLN 'L-peptide linking' y GLUTAMINE       ? 'C5 H10 N2 O3'   146.144 
GLU 'L-peptide linking' y 'GLUTAMIC ACID' ? 'C5 H9 N O4'     147.129 
GLY 'peptide linking'   y GLYCINE         ? 'C2 H5 N O2'     75.067  
HIS 'L-peptide linking' y HISTIDINE       ? 'C6 H10 N3 O2 1' 156.162 
HOH non-polymer         . WATER           ? 'H2 O'           18.015  
ILE 'L-peptide linking' y ISOLEUCINE      ? 'C6 H13 N O2'    131.173 
LEU 'L-peptide linking' y LEUCINE         ? 'C6 H13 N O2'    131.173 
LYS 'L-peptide linking' y LYSINE          ? 'C6 H15 N2 O2 1' 147.195 
MET 'L-peptide linking' y METHIONINE      ? 'C5 H11 N O2 S'  149.211 
PHE 'L-peptide linking' y PHENYLALANINE   ? 'C9 H11 N O2'    165.189 
PO4 non-polymer         . 'PHOSPHATE ION' ? 'O4 P -3'        94.971  
PRO 'L-peptide linking' y PROLINE         ? 'C5 H9 N O2'     115.130 
SER 'L-peptide linking' y SERINE          ? 'C3 H7 N O3'     105.093 
THR 'L-peptide linking' y THREONINE       ? 'C4 H9 N O3'     119.119 
TRP 'L-peptide linking' y TRYPTOPHAN      ? 'C11 H12 N2 O2'  204.225 
VAL 'L-peptide linking' y VALINE          ? 'C5 H11 N O2'    117.146 
# 
loop_
_pdbx_poly_seq_scheme.asym_id 
_pdbx_poly_seq_scheme.entity_id 
_pdbx_poly_seq_scheme.seq_id 
_pdbx_poly_seq_scheme.mon_id 
_pdbx_poly_seq_scheme.ndb_seq_num 
_pdbx_poly_seq_scheme.pdb_seq_num 
_pdbx_poly_seq_scheme.auth_seq_num 
_pdbx_poly_seq_scheme.pdb_mon_id 
_pdbx_poly_seq_scheme.auth_mon_id 
_pdbx_poly_seq_scheme.pdb_strand_id 
_pdbx_poly_seq_scheme.pdb_ins_code 
_pdbx_poly_seq_scheme.hetero 
A 1 1  SER 1  257 257 SER SER A . n 
A 1 2  ASP 2  258 258 ASP ASP A . n 
A 1 3  VAL 3  259 259 VAL VAL A . n 
A 1 4  GLU 4  260 260 GLU GLU A . n 
A 1 5  ASN 5  261 261 ASN ASN A . n 
A 1 6  PHE 6  262 262 PHE PHE A . n 
A 1 7  GLU 7  263 263 GLU GLU A . n 
A 1 8  ARG 8  264 264 ARG ARG A . n 
A 1 9  LEU 9  265 265 LEU LEU A . n 
A 1 10 PHE 10 266 266 PHE PHE A . n 
A 1 11 SER 11 267 267 SER SER A . n 
A 1 12 LYS 12 268 268 LYS LYS A . n 
A 1 13 LEU 13 269 269 LEU LEU A . n 
A 1 14 LYS 14 270 270 LYS LYS A . n 
A 1 15 GLU 15 271 271 GLU GLU A . n 
A 1 16 MET 16 272 272 MET MET A . n 
A 1 17 LYS 17 273 273 LYS LYS A . n 
A 1 18 ASP 18 274 274 ASP ASP A . n 
A 1 19 LYS 19 275 275 LYS LYS A . n 
A 1 20 ALA 20 276 276 ALA ALA A . n 
A 1 21 ALA 21 277 277 ALA ALA A . n 
A 1 22 THR 22 278 278 THR THR A . n 
A 1 23 LEU 23 279 279 LEU LEU A . n 
A 1 24 PRO 24 280 280 PRO PRO A . n 
A 1 25 HIS 25 281 281 HIS HIS A . n 
A 1 26 GLU 26 282 282 GLU GLU A . n 
A 1 27 GLN 27 283 283 GLN GLN A . n 
A 1 28 ARG 28 284 284 ARG ARG A . n 
A 1 29 LYS 29 285 285 LYS LYS A . n 
A 1 30 VAL 30 286 286 VAL VAL A . n 
A 1 31 HIS 31 287 287 HIS HIS A . n 
A 1 32 ALA 32 288 288 ALA ALA A . n 
A 1 33 GLU 33 289 289 GLU GLU A . n 
A 1 34 LYS 34 290 290 LYS LYS A . n 
A 1 35 VAL 35 291 291 VAL VAL A . n 
A 1 36 ALA 36 292 292 ALA ALA A . n 
A 1 37 LYS 37 293 293 LYS LYS A . n 
A 1 38 ALA 38 294 294 ALA ALA A . n 
A 1 39 PHE 39 295 295 PHE PHE A . n 
A 1 40 TRP 40 296 296 TRP TRP A . n 
A 1 41 MET 41 297 297 MET MET A . n 
A 1 42 ALA 42 298 298 ALA ALA A . n 
A 1 43 ILE 43 299 299 ILE ILE A . n 
A 1 44 GLY 44 300 300 GLY GLY A . n 
A 1 45 GLY 45 301 ?   ?   ?   A . n 
B 1 1  SER 1  257 257 SER SER B . n 
B 1 2  ASP 2  258 258 ASP ASP B . n 
B 1 3  VAL 3  259 259 VAL VAL B . n 
B 1 4  GLU 4  260 260 GLU GLU B . n 
B 1 5  ASN 5  261 261 ASN ASN B . n 
B 1 6  PHE 6  262 262 PHE PHE B . n 
B 1 7  GLU 7  263 263 GLU GLU B . n 
B 1 8  ARG 8  264 264 ARG ARG B . n 
B 1 9  LEU 9  265 265 LEU LEU B . n 
B 1 10 PHE 10 266 266 PHE PHE B . n 
B 1 11 SER 11 267 267 SER SER B . n 
B 1 12 LYS 12 268 268 LYS LYS B . n 
B 1 13 LEU 13 269 269 LEU LEU B . n 
B 1 14 LYS 14 270 270 LYS LYS B . n 
B 1 15 GLU 15 271 271 GLU GLU B . n 
B 1 16 MET 16 272 272 MET MET B . n 
B 1 17 LYS 17 273 273 LYS LYS B . n 
B 1 18 ASP 18 274 274 ASP ASP B . n 
B 1 19 LYS 19 275 275 LYS LYS B . n 
B 1 20 ALA 20 276 276 ALA ALA B . n 
B 1 21 ALA 21 277 277 ALA ALA B . n 
B 1 22 THR 22 278 278 THR THR B . n 
B 1 23 LEU 23 279 279 LEU LEU B . n 
B 1 24 PRO 24 280 280 PRO PRO B . n 
B 1 25 HIS 25 281 281 HIS HIS B . n 
B 1 26 GLU 26 282 282 GLU GLU B . n 
B 1 27 GLN 27 283 283 GLN GLN B . n 
B 1 28 ARG 28 284 284 ARG ARG B . n 
B 1 29 LYS 29 285 285 LYS LYS B . n 
B 1 30 VAL 30 286 286 VAL VAL B . n 
B 1 31 HIS 31 287 287 HIS HIS B . n 
B 1 32 ALA 32 288 288 ALA ALA B . n 
B 1 33 GLU 33 289 289 GLU GLU B . n 
B 1 34 LYS 34 290 290 LYS LYS B . n 
B 1 35 VAL 35 291 291 VAL VAL B . n 
B 1 36 ALA 36 292 292 ALA ALA B . n 
B 1 37 LYS 37 293 293 LYS LYS B . n 
B 1 38 ALA 38 294 294 ALA ALA B . n 
B 1 39 PHE 39 295 295 PHE PHE B . n 
B 1 40 TRP 40 296 296 TRP TRP B . n 
B 1 41 MET 41 297 297 MET MET B . n 
B 1 42 ALA 42 298 298 ALA ALA B . n 
B 1 43 ILE 43 299 299 ILE ILE B . n 
B 1 44 GLY 44 300 300 GLY GLY B . n 
B 1 45 GLY 45 301 301 GLY GLY B . n 
# 
loop_
_pdbx_nonpoly_scheme.asym_id 
_pdbx_nonpoly_scheme.entity_id 
_pdbx_nonpoly_scheme.mon_id 
_pdbx_nonpoly_scheme.ndb_seq_num 
_pdbx_nonpoly_scheme.pdb_seq_num 
_pdbx_nonpoly_scheme.auth_seq_num 
_pdbx_nonpoly_scheme.pdb_mon_id 
_pdbx_nonpoly_scheme.auth_mon_id 
_pdbx_nonpoly_scheme.pdb_strand_id 
_pdbx_nonpoly_scheme.pdb_ins_code 
C 2 PO4 1  401 1  PO4 PO4 A . 
D 2 PO4 1  401 2  PO4 PO4 B . 
E 3 HOH 1  501 43 HOH HOH A . 
E 3 HOH 2  502 64 HOH HOH A . 
E 3 HOH 3  503 30 HOH HOH A . 
E 3 HOH 4  504 19 HOH HOH A . 
E 3 HOH 5  505 39 HOH HOH A . 
E 3 HOH 6  506 15 HOH HOH A . 
E 3 HOH 7  507 24 HOH HOH A . 
E 3 HOH 8  508 2  HOH HOH A . 
E 3 HOH 9  509 31 HOH HOH A . 
E 3 HOH 10 510 73 HOH HOH A . 
E 3 HOH 11 511 20 HOH HOH A . 
E 3 HOH 12 512 18 HOH HOH A . 
E 3 HOH 13 513 21 HOH HOH A . 
E 3 HOH 14 514 5  HOH HOH A . 
E 3 HOH 15 515 27 HOH HOH A . 
E 3 HOH 16 516 67 HOH HOH A . 
E 3 HOH 17 517 17 HOH HOH A . 
E 3 HOH 18 518 35 HOH HOH A . 
E 3 HOH 19 519 16 HOH HOH A . 
E 3 HOH 20 520 52 HOH HOH A . 
E 3 HOH 21 521 9  HOH HOH A . 
E 3 HOH 22 522 60 HOH HOH A . 
E 3 HOH 23 523 55 HOH HOH A . 
E 3 HOH 24 524 44 HOH HOH A . 
E 3 HOH 25 525 56 HOH HOH A . 
E 3 HOH 26 526 59 HOH HOH A . 
E 3 HOH 27 527 29 HOH HOH A . 
E 3 HOH 28 528 37 HOH HOH A . 
E 3 HOH 29 529 4  HOH HOH A . 
E 3 HOH 30 530 42 HOH HOH A . 
E 3 HOH 31 531 51 HOH HOH A . 
E 3 HOH 32 532 14 HOH HOH A . 
E 3 HOH 33 533 69 HOH HOH A . 
E 3 HOH 34 534 46 HOH HOH A . 
E 3 HOH 35 535 48 HOH HOH A . 
E 3 HOH 36 536 47 HOH HOH A . 
E 3 HOH 37 537 74 HOH HOH A . 
E 3 HOH 38 538 22 HOH HOH A . 
E 3 HOH 39 539 63 HOH HOH A . 
F 3 HOH 1  501 66 HOH HOH B . 
F 3 HOH 2  502 25 HOH HOH B . 
F 3 HOH 3  503 58 HOH HOH B . 
F 3 HOH 4  504 38 HOH HOH B . 
F 3 HOH 5  505 23 HOH HOH B . 
F 3 HOH 6  506 70 HOH HOH B . 
F 3 HOH 7  507 34 HOH HOH B . 
F 3 HOH 8  508 36 HOH HOH B . 
F 3 HOH 9  509 7  HOH HOH B . 
F 3 HOH 10 510 6  HOH HOH B . 
F 3 HOH 11 511 33 HOH HOH B . 
F 3 HOH 12 512 10 HOH HOH B . 
F 3 HOH 13 513 1  HOH HOH B . 
F 3 HOH 14 514 26 HOH HOH B . 
F 3 HOH 15 515 3  HOH HOH B . 
F 3 HOH 16 516 11 HOH HOH B . 
F 3 HOH 17 517 12 HOH HOH B . 
F 3 HOH 18 518 72 HOH HOH B . 
F 3 HOH 19 519 53 HOH HOH B . 
F 3 HOH 20 520 57 HOH HOH B . 
F 3 HOH 21 521 45 HOH HOH B . 
F 3 HOH 22 522 40 HOH HOH B . 
F 3 HOH 23 523 61 HOH HOH B . 
F 3 HOH 24 524 71 HOH HOH B . 
F 3 HOH 25 525 50 HOH HOH B . 
F 3 HOH 26 526 49 HOH HOH B . 
F 3 HOH 27 527 62 HOH HOH B . 
F 3 HOH 28 528 65 HOH HOH B . 
F 3 HOH 29 529 8  HOH HOH B . 
F 3 HOH 30 530 54 HOH HOH B . 
F 3 HOH 31 531 68 HOH HOH B . 
F 3 HOH 32 532 13 HOH HOH B . 
F 3 HOH 33 533 41 HOH HOH B . 
F 3 HOH 34 534 32 HOH HOH B . 
F 3 HOH 35 535 28 HOH HOH B . 
# 
loop_
_software.citation_id 
_software.classification 
_software.compiler_name 
_software.compiler_version 
_software.contact_author 
_software.contact_author_email 
_software.date 
_software.description 
_software.dependencies 
_software.hardware 
_software.language 
_software.location 
_software.mods 
_software.name 
_software.os 
_software.os_version 
_software.type 
_software.version 
_software.pdbx_ordinal 
? refinement       ? ? ? ? ? ? ? ? ? ? ? PHENIX   ? ? ? 1.15.2_3472 1 
? 'data reduction' ? ? ? ? ? ? ? ? ? ? ? HKL-2000 ? ? ? .           2 
? 'data scaling'   ? ? ? ? ? ? ? ? ? ? ? HKL-2000 ? ? ? .           3 
? phasing          ? ? ? ? ? ? ? ? ? ? ? PHENIX   ? ? ? .           4 
# 
_cell.angle_alpha                  90.000 
_cell.angle_alpha_esd              ? 
_cell.angle_beta                   90.000 
_cell.angle_beta_esd               ? 
_cell.angle_gamma                  120.000 
_cell.angle_gamma_esd              ? 
_cell.entry_id                     7TWD 
_cell.details                      ? 
_cell.formula_units_Z              ? 
_cell.length_a                     47.539 
_cell.length_a_esd                 ? 
_cell.length_b                     47.539 
_cell.length_b_esd                 ? 
_cell.length_c                     191.394 
_cell.length_c_esd                 ? 
_cell.volume                       374592.463 
_cell.volume_esd                   ? 
_cell.Z_PDB                        24 
_cell.reciprocal_angle_alpha       ? 
_cell.reciprocal_angle_beta        ? 
_cell.reciprocal_angle_gamma       ? 
_cell.reciprocal_angle_alpha_esd   ? 
_cell.reciprocal_angle_beta_esd    ? 
_cell.reciprocal_angle_gamma_esd   ? 
_cell.reciprocal_length_a          ? 
_cell.reciprocal_length_b          ? 
_cell.reciprocal_length_c          ? 
_cell.reciprocal_length_a_esd      ? 
_cell.reciprocal_length_b_esd      ? 
_cell.reciprocal_length_c_esd      ? 
_cell.pdbx_unique_axis             ? 
# 
_symmetry.entry_id                         7TWD 
_symmetry.cell_setting                     ? 
_symmetry.Int_Tables_number                178 
_symmetry.space_group_name_Hall            'P 61 2 (x,y,z+5/12)' 
_symmetry.space_group_name_H-M             'P 61 2 2' 
_symmetry.pdbx_full_space_group_name_H-M   ? 
# 
_exptl.absorpt_coefficient_mu     ? 
_exptl.absorpt_correction_T_max   ? 
_exptl.absorpt_correction_T_min   ? 
_exptl.absorpt_correction_type    ? 
_exptl.absorpt_process_details    ? 
_exptl.entry_id                   7TWD 
_exptl.crystals_number            1 
_exptl.details                    ? 
_exptl.method                     'X-RAY DIFFRACTION' 
_exptl.method_details             ? 
# 
_exptl_crystal.colour                      ? 
_exptl_crystal.density_diffrn              ? 
_exptl_crystal.density_Matthews            3.01 
_exptl_crystal.density_method              ? 
_exptl_crystal.density_percent_sol         59.15 
_exptl_crystal.description                 ? 
_exptl_crystal.F_000                       ? 
_exptl_crystal.id                          1 
_exptl_crystal.preparation                 ? 
_exptl_crystal.size_max                    ? 
_exptl_crystal.size_mid                    ? 
_exptl_crystal.size_min                    ? 
_exptl_crystal.size_rad                    ? 
_exptl_crystal.colour_lustre               ? 
_exptl_crystal.colour_modifier             ? 
_exptl_crystal.colour_primary              ? 
_exptl_crystal.density_meas                ? 
_exptl_crystal.density_meas_esd            ? 
_exptl_crystal.density_meas_gt             ? 
_exptl_crystal.density_meas_lt             ? 
_exptl_crystal.density_meas_temp           ? 
_exptl_crystal.density_meas_temp_esd       ? 
_exptl_crystal.density_meas_temp_gt        ? 
_exptl_crystal.density_meas_temp_lt        ? 
_exptl_crystal.pdbx_crystal_image_url      ? 
_exptl_crystal.pdbx_crystal_image_format   ? 
_exptl_crystal.pdbx_mosaicity              ? 
_exptl_crystal.pdbx_mosaicity_esd          ? 
# 
_exptl_crystal_grow.apparatus       ? 
_exptl_crystal_grow.atmosphere      ? 
_exptl_crystal_grow.crystal_id      1 
_exptl_crystal_grow.details         ? 
_exptl_crystal_grow.method          'VAPOR DIFFUSION, HANGING DROP' 
_exptl_crystal_grow.method_ref      ? 
_exptl_crystal_grow.pH              7.5 
_exptl_crystal_grow.pressure        ? 
_exptl_crystal_grow.pressure_esd    ? 
_exptl_crystal_grow.seeding         ? 
_exptl_crystal_grow.seeding_ref     ? 
_exptl_crystal_grow.temp            289 
_exptl_crystal_grow.temp_details    ? 
_exptl_crystal_grow.temp_esd        ? 
_exptl_crystal_grow.time            ? 
_exptl_crystal_grow.pdbx_details    '30% glycerol, 0.5 M ammonium phosphate' 
_exptl_crystal_grow.pdbx_pH_range   ? 
# 
_diffrn.ambient_environment              ? 
_diffrn.ambient_temp                     100 
_diffrn.ambient_temp_details             ? 
_diffrn.ambient_temp_esd                 ? 
_diffrn.crystal_id                       1 
_diffrn.crystal_support                  ? 
_diffrn.crystal_treatment                ? 
_diffrn.details                          ? 
_diffrn.id                               1 
_diffrn.ambient_pressure                 ? 
_diffrn.ambient_pressure_esd             ? 
_diffrn.ambient_pressure_gt              ? 
_diffrn.ambient_pressure_lt              ? 
_diffrn.ambient_temp_gt                  ? 
_diffrn.ambient_temp_lt                  ? 
_diffrn.pdbx_serial_crystal_experiment   N 
# 
_diffrn_detector.details                      ? 
_diffrn_detector.detector                     PIXEL 
_diffrn_detector.diffrn_id                    1 
_diffrn_detector.type                         'DECTRIS EIGER X 16M' 
_diffrn_detector.area_resol_mean              ? 
_diffrn_detector.dtime                        ? 
_diffrn_detector.pdbx_frames_total            ? 
_diffrn_detector.pdbx_collection_time_total   ? 
_diffrn_detector.pdbx_collection_date         2018-11-07 
_diffrn_detector.pdbx_frequency               ? 
# 
_diffrn_radiation.collimation                      ? 
_diffrn_radiation.diffrn_id                        1 
_diffrn_radiation.filter_edge                      ? 
_diffrn_radiation.inhomogeneity                    ? 
_diffrn_radiation.monochromator                    ? 
_diffrn_radiation.polarisn_norm                    ? 
_diffrn_radiation.polarisn_ratio                   ? 
_diffrn_radiation.probe                            ? 
_diffrn_radiation.type                             ? 
_diffrn_radiation.xray_symbol                      ? 
_diffrn_radiation.wavelength_id                    1 
_diffrn_radiation.pdbx_monochromatic_or_laue_m_l   M 
_diffrn_radiation.pdbx_wavelength_list             ? 
_diffrn_radiation.pdbx_wavelength                  ? 
_diffrn_radiation.pdbx_diffrn_protocol             'SINGLE WAVELENGTH' 
_diffrn_radiation.pdbx_analyzer                    ? 
_diffrn_radiation.pdbx_scattering_type             x-ray 
# 
_diffrn_radiation_wavelength.id           1 
_diffrn_radiation_wavelength.wavelength   1.000 
_diffrn_radiation_wavelength.wt           1.0 
# 
_diffrn_source.current                     ? 
_diffrn_source.details                     ? 
_diffrn_source.diffrn_id                   1 
_diffrn_source.power                       ? 
_diffrn_source.size                        ? 
_diffrn_source.source                      SYNCHROTRON 
_diffrn_source.target                      ? 
_diffrn_source.type                        'APS BEAMLINE 22-ID' 
_diffrn_source.voltage                     ? 
_diffrn_source.take-off_angle              ? 
_diffrn_source.pdbx_wavelength_list        1.000 
_diffrn_source.pdbx_wavelength             ? 
_diffrn_source.pdbx_synchrotron_beamline   22-ID 
_diffrn_source.pdbx_synchrotron_site       APS 
# 
_reflns.B_iso_Wilson_estimate                          22.72 
_reflns.entry_id                                       7TWD 
_reflns.data_reduction_details                         ? 
_reflns.data_reduction_method                          ? 
_reflns.d_resolution_high                              2.00 
_reflns.d_resolution_low                               50.00 
_reflns.details                                        ? 
_reflns.limit_h_max                                    ? 
_reflns.limit_h_min                                    ? 
_reflns.limit_k_max                                    ? 
_reflns.limit_k_min                                    ? 
_reflns.limit_l_max                                    ? 
_reflns.limit_l_min                                    ? 
_reflns.number_all                                     ? 
_reflns.number_obs                                     9351 
_reflns.observed_criterion                             ? 
_reflns.observed_criterion_F_max                       ? 
_reflns.observed_criterion_F_min                       ? 
_reflns.observed_criterion_I_max                       ? 
_reflns.observed_criterion_I_min                       ? 
_reflns.observed_criterion_sigma_F                     ? 
_reflns.observed_criterion_sigma_I                     ? 
_reflns.percent_possible_obs                           99.2 
_reflns.R_free_details                                 ? 
_reflns.Rmerge_F_all                                   ? 
_reflns.Rmerge_F_obs                                   ? 
_reflns.Friedel_coverage                               ? 
_reflns.number_gt                                      ? 
_reflns.threshold_expression                           ? 
_reflns.pdbx_redundancy                                13.5 
_reflns.pdbx_Rmerge_I_obs                              0.205 
_reflns.pdbx_Rmerge_I_all                              ? 
_reflns.pdbx_Rsym_value                                ? 
_reflns.pdbx_netI_over_av_sigmaI                       ? 
_reflns.pdbx_netI_over_sigmaI                          17.4 
_reflns.pdbx_res_netI_over_av_sigmaI_2                 ? 
_reflns.pdbx_res_netI_over_sigmaI_2                    ? 
_reflns.pdbx_chi_squared                               0.458 
_reflns.pdbx_scaling_rejects                           ? 
_reflns.pdbx_d_res_high_opt                            ? 
_reflns.pdbx_d_res_low_opt                             ? 
_reflns.pdbx_d_res_opt_method                          ? 
_reflns.phase_calculation_details                      ? 
_reflns.pdbx_Rrim_I_all                                0.213 
_reflns.pdbx_Rpim_I_all                                0.057 
_reflns.pdbx_d_opt                                     ? 
_reflns.pdbx_number_measured_all                       ? 
_reflns.pdbx_diffrn_id                                 1 
_reflns.pdbx_ordinal                                   1 
_reflns.pdbx_CC_half                                   0.985 
_reflns.pdbx_CC_star                                   0.996 
_reflns.pdbx_R_split                                   ? 
_reflns.pdbx_aniso_diffraction_limit_axis_1_ortho[1]   ? 
_reflns.pdbx_aniso_diffraction_limit_axis_1_ortho[2]   ? 
_reflns.pdbx_aniso_diffraction_limit_axis_1_ortho[3]   ? 
_reflns.pdbx_aniso_diffraction_limit_axis_2_ortho[1]   ? 
_reflns.pdbx_aniso_diffraction_limit_axis_2_ortho[2]   ? 
_reflns.pdbx_aniso_diffraction_limit_axis_2_ortho[3]   ? 
_reflns.pdbx_aniso_diffraction_limit_axis_3_ortho[1]   ? 
_reflns.pdbx_aniso_diffraction_limit_axis_3_ortho[2]   ? 
_reflns.pdbx_aniso_diffraction_limit_axis_3_ortho[3]   ? 
_reflns.pdbx_aniso_diffraction_limit_1                 ? 
_reflns.pdbx_aniso_diffraction_limit_2                 ? 
_reflns.pdbx_aniso_diffraction_limit_3                 ? 
_reflns.pdbx_aniso_B_tensor_eigenvector_1_ortho[1]     ? 
_reflns.pdbx_aniso_B_tensor_eigenvector_1_ortho[2]     ? 
_reflns.pdbx_aniso_B_tensor_eigenvector_1_ortho[3]     ? 
_reflns.pdbx_aniso_B_tensor_eigenvector_2_ortho[1]     ? 
_reflns.pdbx_aniso_B_tensor_eigenvector_2_ortho[2]     ? 
_reflns.pdbx_aniso_B_tensor_eigenvector_2_ortho[3]     ? 
_reflns.pdbx_aniso_B_tensor_eigenvector_3_ortho[1]     ? 
_reflns.pdbx_aniso_B_tensor_eigenvector_3_ortho[2]     ? 
_reflns.pdbx_aniso_B_tensor_eigenvector_3_ortho[3]     ? 
_reflns.pdbx_aniso_B_tensor_eigenvalue_1               ? 
_reflns.pdbx_aniso_B_tensor_eigenvalue_2               ? 
_reflns.pdbx_aniso_B_tensor_eigenvalue_3               ? 
_reflns.pdbx_orthogonalization_convention              ? 
_reflns.pdbx_percent_possible_ellipsoidal              ? 
_reflns.pdbx_percent_possible_spherical                ? 
_reflns.pdbx_percent_possible_ellipsoidal_anomalous    ? 
_reflns.pdbx_percent_possible_spherical_anomalous      ? 
_reflns.pdbx_redundancy_anomalous                      ? 
_reflns.pdbx_CC_half_anomalous                         ? 
_reflns.pdbx_absDiff_over_sigma_anomalous              ? 
_reflns.pdbx_percent_possible_anomalous                ? 
_reflns.pdbx_observed_signal_threshold                 ? 
_reflns.pdbx_signal_type                               ? 
_reflns.pdbx_signal_details                            ? 
_reflns.pdbx_signal_software_id                        ? 
# 
_reflns_shell.d_res_high                                    2.00 
_reflns_shell.d_res_low                                     2.07 
_reflns_shell.meanI_over_sigI_all                           ? 
_reflns_shell.meanI_over_sigI_obs                           0.929 
_reflns_shell.number_measured_all                           ? 
_reflns_shell.number_measured_obs                           ? 
_reflns_shell.number_possible                               ? 
_reflns_shell.number_unique_all                             ? 
_reflns_shell.number_unique_obs                             900 
_reflns_shell.percent_possible_all                          99.7 
_reflns_shell.percent_possible_obs                          ? 
_reflns_shell.Rmerge_F_all                                  ? 
_reflns_shell.Rmerge_F_obs                                  ? 
_reflns_shell.Rmerge_I_all                                  ? 
_reflns_shell.Rmerge_I_obs                                  1.580 
_reflns_shell.meanI_over_sigI_gt                            ? 
_reflns_shell.meanI_over_uI_all                             ? 
_reflns_shell.meanI_over_uI_gt                              ? 
_reflns_shell.number_measured_gt                            ? 
_reflns_shell.number_unique_gt                              ? 
_reflns_shell.percent_possible_gt                           ? 
_reflns_shell.Rmerge_F_gt                                   ? 
_reflns_shell.Rmerge_I_gt                                   ? 
_reflns_shell.pdbx_redundancy                               9.6 
_reflns_shell.pdbx_Rsym_value                               ? 
_reflns_shell.pdbx_chi_squared                              0.458 
_reflns_shell.pdbx_netI_over_sigmaI_all                     ? 
_reflns_shell.pdbx_netI_over_sigmaI_obs                     ? 
_reflns_shell.pdbx_Rrim_I_all                               1.658 
_reflns_shell.pdbx_Rpim_I_all                               0.479 
_reflns_shell.pdbx_rejects                                  ? 
_reflns_shell.pdbx_ordinal                                  1 
_reflns_shell.pdbx_diffrn_id                                1 
_reflns_shell.pdbx_CC_half                                  0.380 
_reflns_shell.pdbx_CC_star                                  0.742 
_reflns_shell.pdbx_R_split                                  ? 
_reflns_shell.pdbx_percent_possible_ellipsoidal             ? 
_reflns_shell.pdbx_percent_possible_spherical               ? 
_reflns_shell.pdbx_percent_possible_ellipsoidal_anomalous   ? 
_reflns_shell.pdbx_percent_possible_spherical_anomalous     ? 
_reflns_shell.pdbx_redundancy_anomalous                     ? 
_reflns_shell.pdbx_CC_half_anomalous                        ? 
_reflns_shell.pdbx_absDiff_over_sigma_anomalous             ? 
_reflns_shell.pdbx_percent_possible_anomalous               ? 
# 
_refine.aniso_B[1][1]                            ? 
_refine.aniso_B[1][2]                            ? 
_refine.aniso_B[1][3]                            ? 
_refine.aniso_B[2][2]                            ? 
_refine.aniso_B[2][3]                            ? 
_refine.aniso_B[3][3]                            ? 
_refine.B_iso_max                                ? 
_refine.B_iso_mean                               35.63 
_refine.B_iso_min                                ? 
_refine.correlation_coeff_Fo_to_Fc               ? 
_refine.correlation_coeff_Fo_to_Fc_free          ? 
_refine.details                                  ? 
_refine.diff_density_max                         ? 
_refine.diff_density_max_esd                     ? 
_refine.diff_density_min                         ? 
_refine.diff_density_min_esd                     ? 
_refine.diff_density_rms                         ? 
_refine.diff_density_rms_esd                     ? 
_refine.entry_id                                 7TWD 
_refine.pdbx_refine_id                           'X-RAY DIFFRACTION' 
_refine.ls_abs_structure_details                 ? 
_refine.ls_abs_structure_Flack                   ? 
_refine.ls_abs_structure_Flack_esd               ? 
_refine.ls_abs_structure_Rogers                  ? 
_refine.ls_abs_structure_Rogers_esd              ? 
_refine.ls_d_res_high                            2.11 
_refine.ls_d_res_low                             40.25 
_refine.ls_extinction_coef                       ? 
_refine.ls_extinction_coef_esd                   ? 
_refine.ls_extinction_expression                 ? 
_refine.ls_extinction_method                     ? 
_refine.ls_goodness_of_fit_all                   ? 
_refine.ls_goodness_of_fit_all_esd               ? 
_refine.ls_goodness_of_fit_obs                   ? 
_refine.ls_goodness_of_fit_obs_esd               ? 
_refine.ls_hydrogen_treatment                    ? 
_refine.ls_matrix_type                           ? 
_refine.ls_number_constraints                    ? 
_refine.ls_number_parameters                     ? 
_refine.ls_number_reflns_all                     ? 
_refine.ls_number_reflns_obs                     7999 
_refine.ls_number_reflns_R_free                  801 
_refine.ls_number_reflns_R_work                  7198 
_refine.ls_number_restraints                     ? 
_refine.ls_percent_reflns_obs                    98.88 
_refine.ls_percent_reflns_R_free                 10.01 
_refine.ls_R_factor_all                          ? 
_refine.ls_R_factor_obs                          0.2172 
_refine.ls_R_factor_R_free                       0.2598 
_refine.ls_R_factor_R_free_error                 ? 
_refine.ls_R_factor_R_free_error_details         ? 
_refine.ls_R_factor_R_work                       0.2125 
_refine.ls_R_Fsqd_factor_obs                     ? 
_refine.ls_R_I_factor_obs                        ? 
_refine.ls_redundancy_reflns_all                 ? 
_refine.ls_redundancy_reflns_obs                 ? 
_refine.ls_restrained_S_all                      ? 
_refine.ls_restrained_S_obs                      ? 
_refine.ls_shift_over_esd_max                    ? 
_refine.ls_shift_over_esd_mean                   ? 
_refine.ls_structure_factor_coef                 ? 
_refine.ls_weighting_details                     ? 
_refine.ls_weighting_scheme                      ? 
_refine.ls_wR_factor_all                         ? 
_refine.ls_wR_factor_obs                         ? 
_refine.ls_wR_factor_R_free                      ? 
_refine.ls_wR_factor_R_work                      ? 
_refine.occupancy_max                            ? 
_refine.occupancy_min                            ? 
_refine.solvent_model_details                    'FLAT BULK SOLVENT MODEL' 
_refine.solvent_model_param_bsol                 ? 
_refine.solvent_model_param_ksol                 ? 
_refine.pdbx_R_complete                          ? 
_refine.ls_R_factor_gt                           ? 
_refine.ls_goodness_of_fit_gt                    ? 
_refine.ls_goodness_of_fit_ref                   ? 
_refine.ls_shift_over_su_max                     ? 
_refine.ls_shift_over_su_max_lt                  ? 
_refine.ls_shift_over_su_mean                    ? 
_refine.ls_shift_over_su_mean_lt                 ? 
_refine.pdbx_ls_sigma_I                          ? 
_refine.pdbx_ls_sigma_F                          1.38 
_refine.pdbx_ls_sigma_Fsqd                       ? 
_refine.pdbx_data_cutoff_high_absF               ? 
_refine.pdbx_data_cutoff_high_rms_absF           ? 
_refine.pdbx_data_cutoff_low_absF                ? 
_refine.pdbx_isotropic_thermal_model             ? 
_refine.pdbx_ls_cross_valid_method               'FREE R-VALUE' 
_refine.pdbx_method_to_determine_struct          SAD 
_refine.pdbx_starting_model                      ? 
_refine.pdbx_stereochemistry_target_values       'GeoStd + Monomer Library + CDL v1.2' 
_refine.pdbx_R_Free_selection_details            ? 
_refine.pdbx_stereochem_target_val_spec_case     ? 
_refine.pdbx_overall_ESU_R                       ? 
_refine.pdbx_overall_ESU_R_Free                  ? 
_refine.pdbx_solvent_vdw_probe_radii             1.1100 
_refine.pdbx_solvent_ion_probe_radii             ? 
_refine.pdbx_solvent_shrinkage_radii             0.9000 
_refine.pdbx_real_space_R                        ? 
_refine.pdbx_density_correlation                 ? 
_refine.pdbx_pd_number_of_powder_patterns        ? 
_refine.pdbx_pd_number_of_points                 ? 
_refine.pdbx_pd_meas_number_of_points            ? 
_refine.pdbx_pd_proc_ls_prof_R_factor            ? 
_refine.pdbx_pd_proc_ls_prof_wR_factor           ? 
_refine.pdbx_pd_Marquardt_correlation_coeff      ? 
_refine.pdbx_pd_Fsqrd_R_factor                   ? 
_refine.pdbx_pd_ls_matrix_band_width             ? 
_refine.pdbx_overall_phase_error                 23.4306 
_refine.pdbx_overall_SU_R_free_Cruickshank_DPI   ? 
_refine.pdbx_overall_SU_R_free_Blow_DPI          ? 
_refine.pdbx_overall_SU_R_Blow_DPI               ? 
_refine.pdbx_TLS_residual_ADP_flag               ? 
_refine.pdbx_diffrn_id                           1 
_refine.overall_SU_B                             ? 
_refine.overall_SU_ML                            0.2164 
_refine.overall_SU_R_Cruickshank_DPI             ? 
_refine.overall_SU_R_free                        ? 
_refine.overall_FOM_free_R_set                   ? 
_refine.overall_FOM_work_R_set                   ? 
_refine.pdbx_average_fsc_overall                 ? 
_refine.pdbx_average_fsc_work                    ? 
_refine.pdbx_average_fsc_free                    ? 
# 
_refine_hist.pdbx_refine_id                   'X-RAY DIFFRACTION' 
_refine_hist.cycle_id                         LAST 
_refine_hist.details                          ? 
_refine_hist.d_res_high                       2.11 
_refine_hist.d_res_low                        40.25 
_refine_hist.number_atoms_solvent             74 
_refine_hist.number_atoms_total               807 
_refine_hist.number_reflns_all                ? 
_refine_hist.number_reflns_obs                ? 
_refine_hist.number_reflns_R_free             ? 
_refine_hist.number_reflns_R_work             ? 
_refine_hist.R_factor_all                     ? 
_refine_hist.R_factor_obs                     ? 
_refine_hist.R_factor_R_free                  ? 
_refine_hist.R_factor_R_work                  ? 
_refine_hist.pdbx_number_residues_total       ? 
_refine_hist.pdbx_B_iso_mean_ligand           ? 
_refine_hist.pdbx_B_iso_mean_solvent          ? 
_refine_hist.pdbx_number_atoms_protein        723 
_refine_hist.pdbx_number_atoms_nucleic_acid   0 
_refine_hist.pdbx_number_atoms_ligand         10 
_refine_hist.pdbx_number_atoms_lipid          ? 
_refine_hist.pdbx_number_atoms_carb           ? 
_refine_hist.pdbx_pseudo_atom_details         ? 
# 
loop_
_refine_ls_restr.pdbx_refine_id 
_refine_ls_restr.criterion 
_refine_ls_restr.dev_ideal 
_refine_ls_restr.dev_ideal_target 
_refine_ls_restr.number 
_refine_ls_restr.rejects 
_refine_ls_restr.type 
_refine_ls_restr.weight 
_refine_ls_restr.pdbx_restraint_function 
'X-RAY DIFFRACTION' ? 0.0017 ? 763  ? f_bond_d           ? ? 
'X-RAY DIFFRACTION' ? 0.4439 ? 1020 ? f_angle_d          ? ? 
'X-RAY DIFFRACTION' ? 0.0287 ? 104  ? f_chiral_restr     ? ? 
'X-RAY DIFFRACTION' ? 0.0022 ? 129  ? f_plane_restr      ? ? 
'X-RAY DIFFRACTION' ? 1.6418 ? 652  ? f_dihedral_angle_d ? ? 
# 
loop_
_refine_ls_shell.pdbx_refine_id 
_refine_ls_shell.d_res_high 
_refine_ls_shell.d_res_low 
_refine_ls_shell.number_reflns_all 
_refine_ls_shell.number_reflns_obs 
_refine_ls_shell.number_reflns_R_free 
_refine_ls_shell.number_reflns_R_work 
_refine_ls_shell.percent_reflns_obs 
_refine_ls_shell.percent_reflns_R_free 
_refine_ls_shell.R_factor_all 
_refine_ls_shell.R_factor_obs 
_refine_ls_shell.R_factor_R_free 
_refine_ls_shell.R_factor_R_free_error 
_refine_ls_shell.R_factor_R_work 
_refine_ls_shell.redundancy_reflns_all 
_refine_ls_shell.redundancy_reflns_obs 
_refine_ls_shell.wR_factor_all 
_refine_ls_shell.wR_factor_obs 
_refine_ls_shell.wR_factor_R_free 
_refine_ls_shell.wR_factor_R_work 
_refine_ls_shell.pdbx_R_complete 
_refine_ls_shell.pdbx_total_number_of_bins_used 
_refine_ls_shell.pdbx_phase_error 
_refine_ls_shell.pdbx_fsc_work 
_refine_ls_shell.pdbx_fsc_free 
'X-RAY DIFFRACTION' 2.11 2.24  . . 130 1169 99.92  . . . 0.2981 . 0.2556 . . . . . . . . . . . 
'X-RAY DIFFRACTION' 2.24 2.42  . . 129 1171 100.00 . . . 0.3111 . 0.2294 . . . . . . . . . . . 
'X-RAY DIFFRACTION' 2.42 2.66  . . 132 1182 99.92  . . . 0.2881 . 0.2098 . . . . . . . . . . . 
'X-RAY DIFFRACTION' 2.66 3.04  . . 132 1187 100.00 . . . 0.2765 . 0.2151 . . . . . . . . . . . 
'X-RAY DIFFRACTION' 3.04 3.83  . . 135 1212 99.19  . . . 0.2125 . 0.1940 . . . . . . . . . . . 
'X-RAY DIFFRACTION' 3.83 40.25 . . 143 1277 94.86  . . . 0.2517 . 0.2089 . . . . . . . . . . . 
# 
_struct.entry_id                     7TWD 
_struct.title                        'Structure of AAGAB C-terminal dimerization domain' 
_struct.pdbx_model_details           ? 
_struct.pdbx_formula_weight          ? 
_struct.pdbx_formula_weight_method   ? 
_struct.pdbx_model_type_details      ? 
_struct.pdbx_CASP_flag               N 
# 
_struct_keywords.entry_id        7TWD 
_struct_keywords.text            'protein binding, membrane trafficking, AP Complex, CHAPERONE' 
_struct_keywords.pdbx_keywords   CHAPERONE 
# 
loop_
_struct_asym.id 
_struct_asym.pdbx_blank_PDB_chainid_flag 
_struct_asym.pdbx_modified 
_struct_asym.entity_id 
_struct_asym.details 
A N N 1 ? 
B N N 1 ? 
C N N 2 ? 
D N N 2 ? 
E N N 3 ? 
F N N 3 ? 
# 
_struct_ref.id                         1 
_struct_ref.db_name                    UNP 
_struct_ref.db_code                    AAGAB_HUMAN 
_struct_ref.pdbx_db_accession          Q6PD74 
_struct_ref.pdbx_db_isoform            ? 
_struct_ref.entity_id                  1 
_struct_ref.pdbx_seq_one_letter_code   DVENFERLFSKLKEMKDKAATLPHEQRKVHAEKVAKAFWMAIGG 
_struct_ref.pdbx_align_begin           258 
# 
loop_
_struct_ref_seq.align_id 
_struct_ref_seq.ref_id 
_struct_ref_seq.pdbx_PDB_id_code 
_struct_ref_seq.pdbx_strand_id 
_struct_ref_seq.seq_align_beg 
_struct_ref_seq.pdbx_seq_align_beg_ins_code 
_struct_ref_seq.seq_align_end 
_struct_ref_seq.pdbx_seq_align_end_ins_code 
_struct_ref_seq.pdbx_db_accession 
_struct_ref_seq.db_align_beg 
_struct_ref_seq.pdbx_db_align_beg_ins_code 
_struct_ref_seq.db_align_end 
_struct_ref_seq.pdbx_db_align_end_ins_code 
_struct_ref_seq.pdbx_auth_seq_align_beg 
_struct_ref_seq.pdbx_auth_seq_align_end 
1 1 7TWD A 2 ? 45 ? Q6PD74 258 ? 301 ? 258 301 
2 1 7TWD B 2 ? 45 ? Q6PD74 258 ? 301 ? 258 301 
# 
loop_
_struct_ref_seq_dif.align_id 
_struct_ref_seq_dif.pdbx_pdb_id_code 
_struct_ref_seq_dif.mon_id 
_struct_ref_seq_dif.pdbx_pdb_strand_id 
_struct_ref_seq_dif.seq_num 
_struct_ref_seq_dif.pdbx_pdb_ins_code 
_struct_ref_seq_dif.pdbx_seq_db_name 
_struct_ref_seq_dif.pdbx_seq_db_accession_code 
_struct_ref_seq_dif.db_mon_id 
_struct_ref_seq_dif.pdbx_seq_db_seq_num 
_struct_ref_seq_dif.details 
_struct_ref_seq_dif.pdbx_auth_seq_num 
_struct_ref_seq_dif.pdbx_ordinal 
1 7TWD SER A 1 ? UNP Q6PD74 ? ? 'expression tag' 257 1 
2 7TWD SER B 1 ? UNP Q6PD74 ? ? 'expression tag' 257 2 
# 
_pdbx_struct_assembly.id                   1 
_pdbx_struct_assembly.details              author_defined_assembly 
_pdbx_struct_assembly.method_details       ? 
_pdbx_struct_assembly.oligomeric_details   tetrameric 
_pdbx_struct_assembly.oligomeric_count     4 
# 
_pdbx_struct_assembly_gen.assembly_id       1 
_pdbx_struct_assembly_gen.oper_expression   1,2 
_pdbx_struct_assembly_gen.asym_id_list      A,B,C,D,E,F 
# 
_pdbx_struct_assembly_auth_evidence.id                     1 
_pdbx_struct_assembly_auth_evidence.assembly_id            1 
_pdbx_struct_assembly_auth_evidence.experimental_support   'gel filtration' 
_pdbx_struct_assembly_auth_evidence.details                'gel filtration; cross-linking' 
# 
loop_
_pdbx_struct_oper_list.id 
_pdbx_struct_oper_list.type 
_pdbx_struct_oper_list.name 
_pdbx_struct_oper_list.symmetry_operation 
_pdbx_struct_oper_list.matrix[1][1] 
_pdbx_struct_oper_list.matrix[1][2] 
_pdbx_struct_oper_list.matrix[1][3] 
_pdbx_struct_oper_list.vector[1] 
_pdbx_struct_oper_list.matrix[2][1] 
_pdbx_struct_oper_list.matrix[2][2] 
_pdbx_struct_oper_list.matrix[2][3] 
_pdbx_struct_oper_list.vector[2] 
_pdbx_struct_oper_list.matrix[3][1] 
_pdbx_struct_oper_list.matrix[3][2] 
_pdbx_struct_oper_list.matrix[3][3] 
_pdbx_struct_oper_list.vector[3] 
1 'identity operation'         1_555 x,y,z          1.0000000000 0.0000000000  0.0000000000  0.0000000000 0.0000000000  1.0000000000 0.0000000000  0.0000000000   0.0000000000 0.0000000000 1.0000000000 0.0000000000   
2 'crystal symmetry operation' 5_454 y-1,-x+y,z-1/6 0.7774551548 -0.3183048431 -0.5424440147 7.1224570989 -0.1748249304 0.7191137643 -0.6725411792 -41.8288257942 0.6041520718 0.6177033438 0.5034310809 -13.2408117257 
# 
loop_
_struct_conf.conf_type_id 
_struct_conf.id 
_struct_conf.pdbx_PDB_helix_id 
_struct_conf.beg_label_comp_id 
_struct_conf.beg_label_asym_id 
_struct_conf.beg_label_seq_id 
_struct_conf.pdbx_beg_PDB_ins_code 
_struct_conf.end_label_comp_id 
_struct_conf.end_label_asym_id 
_struct_conf.end_label_seq_id 
_struct_conf.pdbx_end_PDB_ins_code 
_struct_conf.beg_auth_comp_id 
_struct_conf.beg_auth_asym_id 
_struct_conf.beg_auth_seq_id 
_struct_conf.end_auth_comp_id 
_struct_conf.end_auth_asym_id 
_struct_conf.end_auth_seq_id 
_struct_conf.pdbx_PDB_helix_class 
_struct_conf.details 
_struct_conf.pdbx_PDB_helix_length 
HELX_P HELX_P1 AA1 SER A 1 ? GLY A 44 ? SER A 257 GLY A 300 1 ? 44 
HELX_P HELX_P2 AA2 ASP B 2 ? ILE B 43 ? ASP B 258 ILE B 299 1 ? 42 
# 
_struct_conf_type.id          HELX_P 
_struct_conf_type.criteria    ? 
_struct_conf_type.reference   ? 
# 
loop_
_space_group_symop.id 
_space_group_symop.operation_xyz 
1  x,y,z          
2  x-y,x,z+1/6    
3  y,-x+y,z+5/6   
4  -y,x-y,z+1/3   
5  -x+y,-x,z+2/3  
6  x-y,-y,-z      
7  -x,-x+y,-z+2/3 
8  -x,-y,z+1/2    
9  y,x,-z+1/3     
10 -y,-x,-z+5/6   
11 -x+y,y,-z+1/2  
12 x,x-y,-z+1/6   
# 
_pdbx_refine_tls.id               1 
_pdbx_refine_tls.pdbx_refine_id   'X-RAY DIFFRACTION' 
_pdbx_refine_tls.details          ? 
_pdbx_refine_tls.method           refined 
_pdbx_refine_tls.origin_x         0.0390819529 
_pdbx_refine_tls.origin_y         0.0800658809 
_pdbx_refine_tls.origin_z         -0.2427311486 
_pdbx_refine_tls.T[1][1]          0.244007401897 
_pdbx_refine_tls.T[1][1]_esd      ? 
_pdbx_refine_tls.T[1][2]          0.025976230975 
_pdbx_refine_tls.T[1][2]_esd      ? 
_pdbx_refine_tls.T[1][3]          0.018243780549 
_pdbx_refine_tls.T[1][3]_esd      ? 
_pdbx_refine_tls.T[2][2]          0.168353486640 
_pdbx_refine_tls.T[2][2]_esd      ? 
_pdbx_refine_tls.T[2][3]          0.007535530891 
_pdbx_refine_tls.T[2][3]_esd      ? 
_pdbx_refine_tls.T[3][3]          0.050651469325 
_pdbx_refine_tls.T[3][3]_esd      ? 
_pdbx_refine_tls.L[1][1]          0.89047492533 
_pdbx_refine_tls.L[1][1]_esd      ? 
_pdbx_refine_tls.L[1][2]          -0.316994830219 
_pdbx_refine_tls.L[1][2]_esd      ? 
_pdbx_refine_tls.L[1][3]          0.051984117078 
_pdbx_refine_tls.L[1][3]_esd      ? 
_pdbx_refine_tls.L[2][2]          2.200894159084 
_pdbx_refine_tls.L[2][2]_esd      ? 
_pdbx_refine_tls.L[2][3]          -0.222855022151 
_pdbx_refine_tls.L[2][3]_esd      ? 
_pdbx_refine_tls.L[3][3]          0.75906688836 
_pdbx_refine_tls.L[3][3]_esd      ? 
_pdbx_refine_tls.S[1][1]          -0.172830792672 
_pdbx_refine_tls.S[1][1]_esd      ? 
_pdbx_refine_tls.S[1][2]          -0.673034912741 
_pdbx_refine_tls.S[1][2]_esd      ? 
_pdbx_refine_tls.S[1][3]          0.070376411406 
_pdbx_refine_tls.S[1][3]_esd      ? 
_pdbx_refine_tls.S[2][1]          0.814675489910 
_pdbx_refine_tls.S[2][1]_esd      ? 
_pdbx_refine_tls.S[2][2]          0.057027410264 
_pdbx_refine_tls.S[2][2]_esd      ? 
_pdbx_refine_tls.S[2][3]          -0.049177813589 
_pdbx_refine_tls.S[2][3]_esd      ? 
_pdbx_refine_tls.S[3][1]          -0.137632510630 
_pdbx_refine_tls.S[3][1]_esd      ? 
_pdbx_refine_tls.S[3][2]          0.004819972582 
_pdbx_refine_tls.S[3][2]_esd      ? 
_pdbx_refine_tls.S[3][3]          0.348873165194 
_pdbx_refine_tls.S[3][3]_esd      ? 
# 
_pdbx_refine_tls_group.id                  1 
_pdbx_refine_tls_group.pdbx_refine_id      'X-RAY DIFFRACTION' 
_pdbx_refine_tls_group.refine_tls_id       1 
_pdbx_refine_tls_group.beg_label_asym_id   ? 
_pdbx_refine_tls_group.beg_label_seq_id    ? 
_pdbx_refine_tls_group.beg_auth_asym_id    ? 
_pdbx_refine_tls_group.beg_auth_seq_id     ? 
_pdbx_refine_tls_group.beg_PDB_ins_code    ? 
_pdbx_refine_tls_group.end_label_asym_id   ? 
_pdbx_refine_tls_group.end_label_seq_id    ? 
_pdbx_refine_tls_group.end_auth_asym_id    ? 
_pdbx_refine_tls_group.end_auth_seq_id     ? 
_pdbx_refine_tls_group.end_PDB_ins_code    ? 
_pdbx_refine_tls_group.selection           ? 
_pdbx_refine_tls_group.selection_details   all 
# 
_pdbx_entry_details.entry_id                 7TWD 
_pdbx_entry_details.has_ligand_of_interest   N 
_pdbx_entry_details.compound_details         ? 
_pdbx_entry_details.source_details           ? 
_pdbx_entry_details.nonpolymer_details       ? 
_pdbx_entry_details.sequence_details         ? 
# 
loop_
_pdbx_distant_solvent_atoms.id 
_pdbx_distant_solvent_atoms.PDB_model_num 
_pdbx_distant_solvent_atoms.auth_atom_id 
_pdbx_distant_solvent_atoms.label_alt_id 
_pdbx_distant_solvent_atoms.auth_asym_id 
_pdbx_distant_solvent_atoms.auth_comp_id 
_pdbx_distant_solvent_atoms.auth_seq_id 
_pdbx_distant_solvent_atoms.PDB_ins_code 
_pdbx_distant_solvent_atoms.neighbor_macromolecule_distance 
_pdbx_distant_solvent_atoms.neighbor_ligand_distance 
1 1 O ? A HOH 538 ? 6.37 . 
2 1 O ? A HOH 539 ? 6.68 . 
# 
_pdbx_unobs_or_zero_occ_residues.id               1 
_pdbx_unobs_or_zero_occ_residues.PDB_model_num    1 
_pdbx_unobs_or_zero_occ_residues.polymer_flag     Y 
_pdbx_unobs_or_zero_occ_residues.occupancy_flag   1 
_pdbx_unobs_or_zero_occ_residues.auth_asym_id     A 
_pdbx_unobs_or_zero_occ_residues.auth_comp_id     GLY 
_pdbx_unobs_or_zero_occ_residues.auth_seq_id      301 
_pdbx_unobs_or_zero_occ_residues.PDB_ins_code     ? 
_pdbx_unobs_or_zero_occ_residues.label_asym_id    A 
_pdbx_unobs_or_zero_occ_residues.label_comp_id    GLY 
_pdbx_unobs_or_zero_occ_residues.label_seq_id     45 
# 
loop_
_chem_comp_atom.comp_id 
_chem_comp_atom.atom_id 
_chem_comp_atom.type_symbol 
_chem_comp_atom.pdbx_aromatic_flag 
_chem_comp_atom.pdbx_stereo_config 
_chem_comp_atom.pdbx_ordinal 
ALA N    N N N 1   
ALA CA   C N S 2   
ALA C    C N N 3   
ALA O    O N N 4   
ALA CB   C N N 5   
ALA OXT  O N N 6   
ALA H    H N N 7   
ALA H2   H N N 8   
ALA HA   H N N 9   
ALA HB1  H N N 10  
ALA HB2  H N N 11  
ALA HB3  H N N 12  
ALA HXT  H N N 13  
ARG N    N N N 14  
ARG CA   C N S 15  
ARG C    C N N 16  
ARG O    O N N 17  
ARG CB   C N N 18  
ARG CG   C N N 19  
ARG CD   C N N 20  
ARG NE   N N N 21  
ARG CZ   C N N 22  
ARG NH1  N N N 23  
ARG NH2  N N N 24  
ARG OXT  O N N 25  
ARG H    H N N 26  
ARG H2   H N N 27  
ARG HA   H N N 28  
ARG HB2  H N N 29  
ARG HB3  H N N 30  
ARG HG2  H N N 31  
ARG HG3  H N N 32  
ARG HD2  H N N 33  
ARG HD3  H N N 34  
ARG HE   H N N 35  
ARG HH11 H N N 36  
ARG HH12 H N N 37  
ARG HH21 H N N 38  
ARG HH22 H N N 39  
ARG HXT  H N N 40  
ASN N    N N N 41  
ASN CA   C N S 42  
ASN C    C N N 43  
ASN O    O N N 44  
ASN CB   C N N 45  
ASN CG   C N N 46  
ASN OD1  O N N 47  
ASN ND2  N N N 48  
ASN OXT  O N N 49  
ASN H    H N N 50  
ASN H2   H N N 51  
ASN HA   H N N 52  
ASN HB2  H N N 53  
ASN HB3  H N N 54  
ASN HD21 H N N 55  
ASN HD22 H N N 56  
ASN HXT  H N N 57  
ASP N    N N N 58  
ASP CA   C N S 59  
ASP C    C N N 60  
ASP O    O N N 61  
ASP CB   C N N 62  
ASP CG   C N N 63  
ASP OD1  O N N 64  
ASP OD2  O N N 65  
ASP OXT  O N N 66  
ASP H    H N N 67  
ASP H2   H N N 68  
ASP HA   H N N 69  
ASP HB2  H N N 70  
ASP HB3  H N N 71  
ASP HD2  H N N 72  
ASP HXT  H N N 73  
GLN N    N N N 74  
GLN CA   C N S 75  
GLN C    C N N 76  
GLN O    O N N 77  
GLN CB   C N N 78  
GLN CG   C N N 79  
GLN CD   C N N 80  
GLN OE1  O N N 81  
GLN NE2  N N N 82  
GLN OXT  O N N 83  
GLN H    H N N 84  
GLN H2   H N N 85  
GLN HA   H N N 86  
GLN HB2  H N N 87  
GLN HB3  H N N 88  
GLN HG2  H N N 89  
GLN HG3  H N N 90  
GLN HE21 H N N 91  
GLN HE22 H N N 92  
GLN HXT  H N N 93  
GLU N    N N N 94  
GLU CA   C N S 95  
GLU C    C N N 96  
GLU O    O N N 97  
GLU CB   C N N 98  
GLU CG   C N N 99  
GLU CD   C N N 100 
GLU OE1  O N N 101 
GLU OE2  O N N 102 
GLU OXT  O N N 103 
GLU H    H N N 104 
GLU H2   H N N 105 
GLU HA   H N N 106 
GLU HB2  H N N 107 
GLU HB3  H N N 108 
GLU HG2  H N N 109 
GLU HG3  H N N 110 
GLU HE2  H N N 111 
GLU HXT  H N N 112 
GLY N    N N N 113 
GLY CA   C N N 114 
GLY C    C N N 115 
GLY O    O N N 116 
GLY OXT  O N N 117 
GLY H    H N N 118 
GLY H2   H N N 119 
GLY HA2  H N N 120 
GLY HA3  H N N 121 
GLY HXT  H N N 122 
HIS N    N N N 123 
HIS CA   C N S 124 
HIS C    C N N 125 
HIS O    O N N 126 
HIS CB   C N N 127 
HIS CG   C Y N 128 
HIS ND1  N Y N 129 
HIS CD2  C Y N 130 
HIS CE1  C Y N 131 
HIS NE2  N Y N 132 
HIS OXT  O N N 133 
HIS H    H N N 134 
HIS H2   H N N 135 
HIS HA   H N N 136 
HIS HB2  H N N 137 
HIS HB3  H N N 138 
HIS HD1  H N N 139 
HIS HD2  H N N 140 
HIS HE1  H N N 141 
HIS HE2  H N N 142 
HIS HXT  H N N 143 
HOH O    O N N 144 
HOH H1   H N N 145 
HOH H2   H N N 146 
ILE N    N N N 147 
ILE CA   C N S 148 
ILE C    C N N 149 
ILE O    O N N 150 
ILE CB   C N S 151 
ILE CG1  C N N 152 
ILE CG2  C N N 153 
ILE CD1  C N N 154 
ILE OXT  O N N 155 
ILE H    H N N 156 
ILE H2   H N N 157 
ILE HA   H N N 158 
ILE HB   H N N 159 
ILE HG12 H N N 160 
ILE HG13 H N N 161 
ILE HG21 H N N 162 
ILE HG22 H N N 163 
ILE HG23 H N N 164 
ILE HD11 H N N 165 
ILE HD12 H N N 166 
ILE HD13 H N N 167 
ILE HXT  H N N 168 
LEU N    N N N 169 
LEU CA   C N S 170 
LEU C    C N N 171 
LEU O    O N N 172 
LEU CB   C N N 173 
LEU CG   C N N 174 
LEU CD1  C N N 175 
LEU CD2  C N N 176 
LEU OXT  O N N 177 
LEU H    H N N 178 
LEU H2   H N N 179 
LEU HA   H N N 180 
LEU HB2  H N N 181 
LEU HB3  H N N 182 
LEU HG   H N N 183 
LEU HD11 H N N 184 
LEU HD12 H N N 185 
LEU HD13 H N N 186 
LEU HD21 H N N 187 
LEU HD22 H N N 188 
LEU HD23 H N N 189 
LEU HXT  H N N 190 
LYS N    N N N 191 
LYS CA   C N S 192 
LYS C    C N N 193 
LYS O    O N N 194 
LYS CB   C N N 195 
LYS CG   C N N 196 
LYS CD   C N N 197 
LYS CE   C N N 198 
LYS NZ   N N N 199 
LYS OXT  O N N 200 
LYS H    H N N 201 
LYS H2   H N N 202 
LYS HA   H N N 203 
LYS HB2  H N N 204 
LYS HB3  H N N 205 
LYS HG2  H N N 206 
LYS HG3  H N N 207 
LYS HD2  H N N 208 
LYS HD3  H N N 209 
LYS HE2  H N N 210 
LYS HE3  H N N 211 
LYS HZ1  H N N 212 
LYS HZ2  H N N 213 
LYS HZ3  H N N 214 
LYS HXT  H N N 215 
MET N    N N N 216 
MET CA   C N S 217 
MET C    C N N 218 
MET O    O N N 219 
MET CB   C N N 220 
MET CG   C N N 221 
MET SD   S N N 222 
MET CE   C N N 223 
MET OXT  O N N 224 
MET H    H N N 225 
MET H2   H N N 226 
MET HA   H N N 227 
MET HB2  H N N 228 
MET HB3  H N N 229 
MET HG2  H N N 230 
MET HG3  H N N 231 
MET HE1  H N N 232 
MET HE2  H N N 233 
MET HE3  H N N 234 
MET HXT  H N N 235 
PHE N    N N N 236 
PHE CA   C N S 237 
PHE C    C N N 238 
PHE O    O N N 239 
PHE CB   C N N 240 
PHE CG   C Y N 241 
PHE CD1  C Y N 242 
PHE CD2  C Y N 243 
PHE CE1  C Y N 244 
PHE CE2  C Y N 245 
PHE CZ   C Y N 246 
PHE OXT  O N N 247 
PHE H    H N N 248 
PHE H2   H N N 249 
PHE HA   H N N 250 
PHE HB2  H N N 251 
PHE HB3  H N N 252 
PHE HD1  H N N 253 
PHE HD2  H N N 254 
PHE HE1  H N N 255 
PHE HE2  H N N 256 
PHE HZ   H N N 257 
PHE HXT  H N N 258 
PO4 P    P N N 259 
PO4 O1   O N N 260 
PO4 O2   O N N 261 
PO4 O3   O N N 262 
PO4 O4   O N N 263 
PRO N    N N N 264 
PRO CA   C N S 265 
PRO C    C N N 266 
PRO O    O N N 267 
PRO CB   C N N 268 
PRO CG   C N N 269 
PRO CD   C N N 270 
PRO OXT  O N N 271 
PRO H    H N N 272 
PRO HA   H N N 273 
PRO HB2  H N N 274 
PRO HB3  H N N 275 
PRO HG2  H N N 276 
PRO HG3  H N N 277 
PRO HD2  H N N 278 
PRO HD3  H N N 279 
PRO HXT  H N N 280 
SER N    N N N 281 
SER CA   C N S 282 
SER C    C N N 283 
SER O    O N N 284 
SER CB   C N N 285 
SER OG   O N N 286 
SER OXT  O N N 287 
SER H    H N N 288 
SER H2   H N N 289 
SER HA   H N N 290 
SER HB2  H N N 291 
SER HB3  H N N 292 
SER HG   H N N 293 
SER HXT  H N N 294 
THR N    N N N 295 
THR CA   C N S 296 
THR C    C N N 297 
THR O    O N N 298 
THR CB   C N R 299 
THR OG1  O N N 300 
THR CG2  C N N 301 
THR OXT  O N N 302 
THR H    H N N 303 
THR H2   H N N 304 
THR HA   H N N 305 
THR HB   H N N 306 
THR HG1  H N N 307 
THR HG21 H N N 308 
THR HG22 H N N 309 
THR HG23 H N N 310 
THR HXT  H N N 311 
TRP N    N N N 312 
TRP CA   C N S 313 
TRP C    C N N 314 
TRP O    O N N 315 
TRP CB   C N N 316 
TRP CG   C Y N 317 
TRP CD1  C Y N 318 
TRP CD2  C Y N 319 
TRP NE1  N Y N 320 
TRP CE2  C Y N 321 
TRP CE3  C Y N 322 
TRP CZ2  C Y N 323 
TRP CZ3  C Y N 324 
TRP CH2  C Y N 325 
TRP OXT  O N N 326 
TRP H    H N N 327 
TRP H2   H N N 328 
TRP HA   H N N 329 
TRP HB2  H N N 330 
TRP HB3  H N N 331 
TRP HD1  H N N 332 
TRP HE1  H N N 333 
TRP HE3  H N N 334 
TRP HZ2  H N N 335 
TRP HZ3  H N N 336 
TRP HH2  H N N 337 
TRP HXT  H N N 338 
VAL N    N N N 339 
VAL CA   C N S 340 
VAL C    C N N 341 
VAL O    O N N 342 
VAL CB   C N N 343 
VAL CG1  C N N 344 
VAL CG2  C N N 345 
VAL OXT  O N N 346 
VAL H    H N N 347 
VAL H2   H N N 348 
VAL HA   H N N 349 
VAL HB   H N N 350 
VAL HG11 H N N 351 
VAL HG12 H N N 352 
VAL HG13 H N N 353 
VAL HG21 H N N 354 
VAL HG22 H N N 355 
VAL HG23 H N N 356 
VAL HXT  H N N 357 
# 
loop_
_chem_comp_bond.comp_id 
_chem_comp_bond.atom_id_1 
_chem_comp_bond.atom_id_2 
_chem_comp_bond.value_order 
_chem_comp_bond.pdbx_aromatic_flag 
_chem_comp_bond.pdbx_stereo_config 
_chem_comp_bond.pdbx_ordinal 
ALA N   CA   sing N N 1   
ALA N   H    sing N N 2   
ALA N   H2   sing N N 3   
ALA CA  C    sing N N 4   
ALA CA  CB   sing N N 5   
ALA CA  HA   sing N N 6   
ALA C   O    doub N N 7   
ALA C   OXT  sing N N 8   
ALA CB  HB1  sing N N 9   
ALA CB  HB2  sing N N 10  
ALA CB  HB3  sing N N 11  
ALA OXT HXT  sing N N 12  
ARG N   CA   sing N N 13  
ARG N   H    sing N N 14  
ARG N   H2   sing N N 15  
ARG CA  C    sing N N 16  
ARG CA  CB   sing N N 17  
ARG CA  HA   sing N N 18  
ARG C   O    doub N N 19  
ARG C   OXT  sing N N 20  
ARG CB  CG   sing N N 21  
ARG CB  HB2  sing N N 22  
ARG CB  HB3  sing N N 23  
ARG CG  CD   sing N N 24  
ARG CG  HG2  sing N N 25  
ARG CG  HG3  sing N N 26  
ARG CD  NE   sing N N 27  
ARG CD  HD2  sing N N 28  
ARG CD  HD3  sing N N 29  
ARG NE  CZ   sing N N 30  
ARG NE  HE   sing N N 31  
ARG CZ  NH1  sing N N 32  
ARG CZ  NH2  doub N N 33  
ARG NH1 HH11 sing N N 34  
ARG NH1 HH12 sing N N 35  
ARG NH2 HH21 sing N N 36  
ARG NH2 HH22 sing N N 37  
ARG OXT HXT  sing N N 38  
ASN N   CA   sing N N 39  
ASN N   H    sing N N 40  
ASN N   H2   sing N N 41  
ASN CA  C    sing N N 42  
ASN CA  CB   sing N N 43  
ASN CA  HA   sing N N 44  
ASN C   O    doub N N 45  
ASN C   OXT  sing N N 46  
ASN CB  CG   sing N N 47  
ASN CB  HB2  sing N N 48  
ASN CB  HB3  sing N N 49  
ASN CG  OD1  doub N N 50  
ASN CG  ND2  sing N N 51  
ASN ND2 HD21 sing N N 52  
ASN ND2 HD22 sing N N 53  
ASN OXT HXT  sing N N 54  
ASP N   CA   sing N N 55  
ASP N   H    sing N N 56  
ASP N   H2   sing N N 57  
ASP CA  C    sing N N 58  
ASP CA  CB   sing N N 59  
ASP CA  HA   sing N N 60  
ASP C   O    doub N N 61  
ASP C   OXT  sing N N 62  
ASP CB  CG   sing N N 63  
ASP CB  HB2  sing N N 64  
ASP CB  HB3  sing N N 65  
ASP CG  OD1  doub N N 66  
ASP CG  OD2  sing N N 67  
ASP OD2 HD2  sing N N 68  
ASP OXT HXT  sing N N 69  
GLN N   CA   sing N N 70  
GLN N   H    sing N N 71  
GLN N   H2   sing N N 72  
GLN CA  C    sing N N 73  
GLN CA  CB   sing N N 74  
GLN CA  HA   sing N N 75  
GLN C   O    doub N N 76  
GLN C   OXT  sing N N 77  
GLN CB  CG   sing N N 78  
GLN CB  HB2  sing N N 79  
GLN CB  HB3  sing N N 80  
GLN CG  CD   sing N N 81  
GLN CG  HG2  sing N N 82  
GLN CG  HG3  sing N N 83  
GLN CD  OE1  doub N N 84  
GLN CD  NE2  sing N N 85  
GLN NE2 HE21 sing N N 86  
GLN NE2 HE22 sing N N 87  
GLN OXT HXT  sing N N 88  
GLU N   CA   sing N N 89  
GLU N   H    sing N N 90  
GLU N   H2   sing N N 91  
GLU CA  C    sing N N 92  
GLU CA  CB   sing N N 93  
GLU CA  HA   sing N N 94  
GLU C   O    doub N N 95  
GLU C   OXT  sing N N 96  
GLU CB  CG   sing N N 97  
GLU CB  HB2  sing N N 98  
GLU CB  HB3  sing N N 99  
GLU CG  CD   sing N N 100 
GLU CG  HG2  sing N N 101 
GLU CG  HG3  sing N N 102 
GLU CD  OE1  doub N N 103 
GLU CD  OE2  sing N N 104 
GLU OE2 HE2  sing N N 105 
GLU OXT HXT  sing N N 106 
GLY N   CA   sing N N 107 
GLY N   H    sing N N 108 
GLY N   H2   sing N N 109 
GLY CA  C    sing N N 110 
GLY CA  HA2  sing N N 111 
GLY CA  HA3  sing N N 112 
GLY C   O    doub N N 113 
GLY C   OXT  sing N N 114 
GLY OXT HXT  sing N N 115 
HIS N   CA   sing N N 116 
HIS N   H    sing N N 117 
HIS N   H2   sing N N 118 
HIS CA  C    sing N N 119 
HIS CA  CB   sing N N 120 
HIS CA  HA   sing N N 121 
HIS C   O    doub N N 122 
HIS C   OXT  sing N N 123 
HIS CB  CG   sing N N 124 
HIS CB  HB2  sing N N 125 
HIS CB  HB3  sing N N 126 
HIS CG  ND1  sing Y N 127 
HIS CG  CD2  doub Y N 128 
HIS ND1 CE1  doub Y N 129 
HIS ND1 HD1  sing N N 130 
HIS CD2 NE2  sing Y N 131 
HIS CD2 HD2  sing N N 132 
HIS CE1 NE2  sing Y N 133 
HIS CE1 HE1  sing N N 134 
HIS NE2 HE2  sing N N 135 
HIS OXT HXT  sing N N 136 
HOH O   H1   sing N N 137 
HOH O   H2   sing N N 138 
ILE N   CA   sing N N 139 
ILE N   H    sing N N 140 
ILE N   H2   sing N N 141 
ILE CA  C    sing N N 142 
ILE CA  CB   sing N N 143 
ILE CA  HA   sing N N 144 
ILE C   O    doub N N 145 
ILE C   OXT  sing N N 146 
ILE CB  CG1  sing N N 147 
ILE CB  CG2  sing N N 148 
ILE CB  HB   sing N N 149 
ILE CG1 CD1  sing N N 150 
ILE CG1 HG12 sing N N 151 
ILE CG1 HG13 sing N N 152 
ILE CG2 HG21 sing N N 153 
ILE CG2 HG22 sing N N 154 
ILE CG2 HG23 sing N N 155 
ILE CD1 HD11 sing N N 156 
ILE CD1 HD12 sing N N 157 
ILE CD1 HD13 sing N N 158 
ILE OXT HXT  sing N N 159 
LEU N   CA   sing N N 160 
LEU N   H    sing N N 161 
LEU N   H2   sing N N 162 
LEU CA  C    sing N N 163 
LEU CA  CB   sing N N 164 
LEU CA  HA   sing N N 165 
LEU C   O    doub N N 166 
LEU C   OXT  sing N N 167 
LEU CB  CG   sing N N 168 
LEU CB  HB2  sing N N 169 
LEU CB  HB3  sing N N 170 
LEU CG  CD1  sing N N 171 
LEU CG  CD2  sing N N 172 
LEU CG  HG   sing N N 173 
LEU CD1 HD11 sing N N 174 
LEU CD1 HD12 sing N N 175 
LEU CD1 HD13 sing N N 176 
LEU CD2 HD21 sing N N 177 
LEU CD2 HD22 sing N N 178 
LEU CD2 HD23 sing N N 179 
LEU OXT HXT  sing N N 180 
LYS N   CA   sing N N 181 
LYS N   H    sing N N 182 
LYS N   H2   sing N N 183 
LYS CA  C    sing N N 184 
LYS CA  CB   sing N N 185 
LYS CA  HA   sing N N 186 
LYS C   O    doub N N 187 
LYS C   OXT  sing N N 188 
LYS CB  CG   sing N N 189 
LYS CB  HB2  sing N N 190 
LYS CB  HB3  sing N N 191 
LYS CG  CD   sing N N 192 
LYS CG  HG2  sing N N 193 
LYS CG  HG3  sing N N 194 
LYS CD  CE   sing N N 195 
LYS CD  HD2  sing N N 196 
LYS CD  HD3  sing N N 197 
LYS CE  NZ   sing N N 198 
LYS CE  HE2  sing N N 199 
LYS CE  HE3  sing N N 200 
LYS NZ  HZ1  sing N N 201 
LYS NZ  HZ2  sing N N 202 
LYS NZ  HZ3  sing N N 203 
LYS OXT HXT  sing N N 204 
MET N   CA   sing N N 205 
MET N   H    sing N N 206 
MET N   H2   sing N N 207 
MET CA  C    sing N N 208 
MET CA  CB   sing N N 209 
MET CA  HA   sing N N 210 
MET C   O    doub N N 211 
MET C   OXT  sing N N 212 
MET CB  CG   sing N N 213 
MET CB  HB2  sing N N 214 
MET CB  HB3  sing N N 215 
MET CG  SD   sing N N 216 
MET CG  HG2  sing N N 217 
MET CG  HG3  sing N N 218 
MET SD  CE   sing N N 219 
MET CE  HE1  sing N N 220 
MET CE  HE2  sing N N 221 
MET CE  HE3  sing N N 222 
MET OXT HXT  sing N N 223 
PHE N   CA   sing N N 224 
PHE N   H    sing N N 225 
PHE N   H2   sing N N 226 
PHE CA  C    sing N N 227 
PHE CA  CB   sing N N 228 
PHE CA  HA   sing N N 229 
PHE C   O    doub N N 230 
PHE C   OXT  sing N N 231 
PHE CB  CG   sing N N 232 
PHE CB  HB2  sing N N 233 
PHE CB  HB3  sing N N 234 
PHE CG  CD1  doub Y N 235 
PHE CG  CD2  sing Y N 236 
PHE CD1 CE1  sing Y N 237 
PHE CD1 HD1  sing N N 238 
PHE CD2 CE2  doub Y N 239 
PHE CD2 HD2  sing N N 240 
PHE CE1 CZ   doub Y N 241 
PHE CE1 HE1  sing N N 242 
PHE CE2 CZ   sing Y N 243 
PHE CE2 HE2  sing N N 244 
PHE CZ  HZ   sing N N 245 
PHE OXT HXT  sing N N 246 
PO4 P   O1   doub N N 247 
PO4 P   O2   sing N N 248 
PO4 P   O3   sing N N 249 
PO4 P   O4   sing N N 250 
PRO N   CA   sing N N 251 
PRO N   CD   sing N N 252 
PRO N   H    sing N N 253 
PRO CA  C    sing N N 254 
PRO CA  CB   sing N N 255 
PRO CA  HA   sing N N 256 
PRO C   O    doub N N 257 
PRO C   OXT  sing N N 258 
PRO CB  CG   sing N N 259 
PRO CB  HB2  sing N N 260 
PRO CB  HB3  sing N N 261 
PRO CG  CD   sing N N 262 
PRO CG  HG2  sing N N 263 
PRO CG  HG3  sing N N 264 
PRO CD  HD2  sing N N 265 
PRO CD  HD3  sing N N 266 
PRO OXT HXT  sing N N 267 
SER N   CA   sing N N 268 
SER N   H    sing N N 269 
SER N   H2   sing N N 270 
SER CA  C    sing N N 271 
SER CA  CB   sing N N 272 
SER CA  HA   sing N N 273 
SER C   O    doub N N 274 
SER C   OXT  sing N N 275 
SER CB  OG   sing N N 276 
SER CB  HB2  sing N N 277 
SER CB  HB3  sing N N 278 
SER OG  HG   sing N N 279 
SER OXT HXT  sing N N 280 
THR N   CA   sing N N 281 
THR N   H    sing N N 282 
THR N   H2   sing N N 283 
THR CA  C    sing N N 284 
THR CA  CB   sing N N 285 
THR CA  HA   sing N N 286 
THR C   O    doub N N 287 
THR C   OXT  sing N N 288 
THR CB  OG1  sing N N 289 
THR CB  CG2  sing N N 290 
THR CB  HB   sing N N 291 
THR OG1 HG1  sing N N 292 
THR CG2 HG21 sing N N 293 
THR CG2 HG22 sing N N 294 
THR CG2 HG23 sing N N 295 
THR OXT HXT  sing N N 296 
TRP N   CA   sing N N 297 
TRP N   H    sing N N 298 
TRP N   H2   sing N N 299 
TRP CA  C    sing N N 300 
TRP CA  CB   sing N N 301 
TRP CA  HA   sing N N 302 
TRP C   O    doub N N 303 
TRP C   OXT  sing N N 304 
TRP CB  CG   sing N N 305 
TRP CB  HB2  sing N N 306 
TRP CB  HB3  sing N N 307 
TRP CG  CD1  doub Y N 308 
TRP CG  CD2  sing Y N 309 
TRP CD1 NE1  sing Y N 310 
TRP CD1 HD1  sing N N 311 
TRP CD2 CE2  doub Y N 312 
TRP CD2 CE3  sing Y N 313 
TRP NE1 CE2  sing Y N 314 
TRP NE1 HE1  sing N N 315 
TRP CE2 CZ2  sing Y N 316 
TRP CE3 CZ3  doub Y N 317 
TRP CE3 HE3  sing N N 318 
TRP CZ2 CH2  doub Y N 319 
TRP CZ2 HZ2  sing N N 320 
TRP CZ3 CH2  sing Y N 321 
TRP CZ3 HZ3  sing N N 322 
TRP CH2 HH2  sing N N 323 
TRP OXT HXT  sing N N 324 
VAL N   CA   sing N N 325 
VAL N   H    sing N N 326 
VAL N   H2   sing N N 327 
VAL CA  C    sing N N 328 
VAL CA  CB   sing N N 329 
VAL CA  HA   sing N N 330 
VAL C   O    doub N N 331 
VAL C   OXT  sing N N 332 
VAL CB  CG1  sing N N 333 
VAL CB  CG2  sing N N 334 
VAL CB  HB   sing N N 335 
VAL CG1 HG11 sing N N 336 
VAL CG1 HG12 sing N N 337 
VAL CG1 HG13 sing N N 338 
VAL CG2 HG21 sing N N 339 
VAL CG2 HG22 sing N N 340 
VAL CG2 HG23 sing N N 341 
VAL OXT HXT  sing N N 342 
# 
_pdbx_audit_support.funding_organization   
'National Institutes of Health/National Institute of General Medical Sciences (NIH/NIGMS)' 
_pdbx_audit_support.country                'United States' 
_pdbx_audit_support.grant_number           R01GM138685 
_pdbx_audit_support.ordinal                1 
# 
_space_group.name_H-M_alt     'P 61 2 2' 
_space_group.name_Hall        'P 61 2 (x,y,z+5/12)' 
_space_group.IT_number        178 
_space_group.crystal_system   hexagonal 
_space_group.id               1 
# 
_atom_sites.entry_id                    7TWD 
_atom_sites.Cartn_transf_matrix[1][1]   ? 
_atom_sites.Cartn_transf_matrix[1][2]   ? 
_atom_sites.Cartn_transf_matrix[1][3]   ? 
_atom_sites.Cartn_transf_matrix[2][1]   ? 
_atom_sites.Cartn_transf_matrix[2][2]   ? 
_atom_sites.Cartn_transf_matrix[2][3]   ? 
_atom_sites.Cartn_transf_matrix[3][1]   ? 
_atom_sites.Cartn_transf_matrix[3][2]   ? 
_atom_sites.Cartn_transf_matrix[3][3]   ? 
_atom_sites.Cartn_transf_vector[1]      ? 
_atom_sites.Cartn_transf_vector[2]      ? 
_atom_sites.Cartn_transf_vector[3]      ? 
_atom_sites.fract_transf_matrix[1][1]   0.01474585 
_atom_sites.fract_transf_matrix[1][2]   0.01508683 
_atom_sites.fract_transf_matrix[1][3]   -0.01203827 
_atom_sites.fract_transf_matrix[2][1]   0.00155403 
_atom_sites.fract_transf_matrix[2][2]   -0.00128036 
_atom_sites.fract_transf_matrix[2][3]   -0.02420640 
_atom_sites.fract_transf_matrix[3][1]   -0.00389222 
_atom_sites.fract_transf_matrix[3][2]   0.00345888 
_atom_sites.fract_transf_matrix[3][3]   -0.00043283 
_atom_sites.fract_transf_vector[1]      -0.385118 
_atom_sites.fract_transf_vector[2]      0.248221 
_atom_sites.fract_transf_vector[3]      -0.007480 
_atom_sites.solution_primary            ? 
_atom_sites.solution_secondary          ? 
_atom_sites.solution_hydrogens          ? 
_atom_sites.special_details             ? 
# 
loop_
_atom_type.symbol 
_atom_type.scat_dispersion_real 
_atom_type.scat_dispersion_imag 
_atom_type.scat_Cromer_Mann_a1 
_atom_type.scat_Cromer_Mann_a2 
_atom_type.scat_Cromer_Mann_a3 
_atom_type.scat_Cromer_Mann_a4 
_atom_type.scat_Cromer_Mann_b1 
_atom_type.scat_Cromer_Mann_b2 
_atom_type.scat_Cromer_Mann_b3 
_atom_type.scat_Cromer_Mann_b4 
_atom_type.scat_Cromer_Mann_c 
_atom_type.scat_source 
_atom_type.scat_dispersion_source 
C ? ? 3.54356 2.42580 ? ? 25.62398 1.50364  ? ? 0.0 
;2-Gaussian fit: Grosse-Kunstleve RW, Sauter NK, Adams PD: Newsletter of the IUCr Commission on Crystallographic Computing 2004, 3, 22-31.
;
? 
N ? ? 4.01032 2.96436 ? ? 19.97189 1.75589  ? ? 0.0 
;2-Gaussian fit: Grosse-Kunstleve RW, Sauter NK, Adams PD: Newsletter of the IUCr Commission on Crystallographic Computing 2004, 3, 22-31.
;
? 
O ? ? 4.49882 3.47563 ? ? 15.80542 1.70748  ? ? 0.0 
;2-Gaussian fit: Grosse-Kunstleve RW, Sauter NK, Adams PD: Newsletter of the IUCr Commission on Crystallographic Computing 2004, 3, 22-31.
;
? 
P ? ? 9.51135 5.44231 ? ? 1.42069  35.72801 ? ? 0.0 
;2-Gaussian fit: Grosse-Kunstleve RW, Sauter NK, Adams PD: Newsletter of the IUCr Commission on Crystallographic Computing 2004, 3, 22-31.
;
? 
S ? ? 9.55732 6.39887 ? ? 1.23737  29.19336 ? ? 0.0 
;2-Gaussian fit: Grosse-Kunstleve RW, Sauter NK, Adams PD: Newsletter of the IUCr Commission on Crystallographic Computing 2004, 3, 22-31.
;
? 
# 
loop_
_atom_site.group_PDB 
_atom_site.id 
_atom_site.type_symbol 
_atom_site.label_atom_id 
_atom_site.label_alt_id 
_atom_site.label_comp_id 
_atom_site.label_asym_id 
_atom_site.label_entity_id 
_atom_site.label_seq_id 
_atom_site.pdbx_PDB_ins_code 
_atom_site.Cartn_x 
_atom_site.Cartn_y 
_atom_site.Cartn_z 
_atom_site.occupancy 
_atom_site.B_iso_or_equiv 
_atom_site.pdbx_formal_charge 
_atom_site.auth_seq_id 
_atom_site.auth_comp_id 
_atom_site.auth_asym_id 
_atom_site.auth_atom_id 
_atom_site.pdbx_PDB_model_num 
ATOM   1   N N   . SER A 1 1  ? 8.93125   -31.99203 13.64636  1.000 79.66369  ? 257 SER A N   1 
ATOM   2   C CA  . SER A 1 1  ? 7.65153   -32.16961 14.32373  1.000 74.19251  ? 257 SER A CA  1 
ATOM   3   C C   . SER A 1 1  ? 6.49650   -31.94747 13.34856  1.000 69.72092  ? 257 SER A C   1 
ATOM   4   O O   . SER A 1 1  ? 6.44398   -30.93515 12.64674  1.000 64.57274  ? 257 SER A O   1 
ATOM   5   C CB  . SER A 1 1  ? 7.53524   -31.21920 15.51898  1.000 68.19305  ? 257 SER A CB  1 
ATOM   6   O OG  . SER A 1 1  ? 6.18481   -30.85571 15.76344  1.000 60.51046  ? 257 SER A OG  1 
ATOM   7   N N   . ASP A 1 2  ? 5.56559   -32.90435 13.32335  1.000 73.52329  ? 258 ASP A N   1 
ATOM   8   C CA  . ASP A 1 2  ? 4.45771   -32.85188 12.37237  1.000 76.73088  ? 258 ASP A CA  1 
ATOM   9   C C   . ASP A 1 2  ? 3.56218   -31.64585 12.63042  1.000 65.94703  ? 258 ASP A C   1 
ATOM   10  O O   . ASP A 1 2  ? 3.20217   -30.91497 11.70022  1.000 56.95149  ? 258 ASP A O   1 
ATOM   11  C CB  . ASP A 1 2  ? 3.65033   -34.15158 12.44202  1.000 91.36394  ? 258 ASP A CB  1 
ATOM   12  C CG  . ASP A 1 2  ? 2.63469   -34.27731 11.31553  1.000 99.63656  ? 258 ASP A CG  1 
ATOM   13  O OD1 . ASP A 1 2  ? 2.93760   -33.84844 10.18379  1.000 100.74684 ? 258 ASP A OD1 1 
ATOM   14  O OD2 . ASP A 1 2  ? 1.53187   -34.81106 11.56410  1.000 104.14851 ? 258 ASP A OD2 1 
ATOM   15  N N   . VAL A 1 3  ? 3.19885   -31.41808 13.89450  1.000 57.45164  ? 259 VAL A N   1 
ATOM   16  C CA  . VAL A 1 3  ? 2.28501   -30.32857 14.22544  1.000 46.91665  ? 259 VAL A CA  1 
ATOM   17  C C   . VAL A 1 3  ? 2.94287   -28.97655 13.97110  1.000 43.72152  ? 259 VAL A C   1 
ATOM   18  O O   . VAL A 1 3  ? 2.28654   -28.02445 13.53044  1.000 45.47057  ? 259 VAL A O   1 
ATOM   19  C CB  . VAL A 1 3  ? 1.80566   -30.46964 15.68253  1.000 49.04223  ? 259 VAL A CB  1 
ATOM   20  C CG1 . VAL A 1 3  ? 1.07064   -29.21700 16.13992  1.000 52.24982  ? 259 VAL A CG1 1 
ATOM   21  C CG2 . VAL A 1 3  ? 0.92090   -31.69721 15.82689  1.000 51.58365  ? 259 VAL A CG2 1 
ATOM   22  N N   . GLU A 1 4  ? 4.24770   -28.87023 14.23473  1.000 45.16070  ? 260 GLU A N   1 
ATOM   23  C CA  . GLU A 1 4  ? 4.94442   -27.60592 14.01377  1.000 57.45110  ? 260 GLU A CA  1 
ATOM   24  C C   . GLU A 1 4  ? 4.96334   -27.23389 12.53496  1.000 51.08843  ? 260 GLU A C   1 
ATOM   25  O O   . GLU A 1 4  ? 4.77427   -26.06331 12.18273  1.000 51.68143  ? 260 GLU A O   1 
ATOM   26  C CB  . GLU A 1 4  ? 6.36624   -27.68703 14.57332  1.000 74.66345  ? 260 GLU A CB  1 
ATOM   27  C CG  . GLU A 1 4  ? 7.25043   -26.48619 14.25389  1.000 91.01859  ? 260 GLU A CG  1 
ATOM   28  C CD  . GLU A 1 4  ? 8.05047   -26.66441 12.97702  1.000 101.91706 ? 260 GLU A CD  1 
ATOM   29  O OE1 . GLU A 1 4  ? 7.78958   -25.92578 12.00441  1.000 101.91754 ? 260 GLU A OE1 1 
ATOM   30  O OE2 . GLU A 1 4  ? 8.93767   -27.54302 12.94506  1.000 106.83485 ? 260 GLU A OE2 1 
ATOM   31  N N   . ASN A 1 5  ? 5.19144   -28.21428 11.65593  1.000 46.71105  ? 261 ASN A N   1 
ATOM   32  C CA  . ASN A 1 5  ? 5.16999   -27.94253 10.22162  1.000 44.04988  ? 261 ASN A CA  1 
ATOM   33  C C   . ASN A 1 5  ? 3.79807   -27.45529 9.77631   1.000 47.44519  ? 261 ASN A C   1 
ATOM   34  O O   . ASN A 1 5  ? 3.69192   -26.50622 8.99011   1.000 34.50372  ? 261 ASN A O   1 
ATOM   35  C CB  . ASN A 1 5  ? 5.56858   -29.19501 9.44063   1.000 45.31453  ? 261 ASN A CB  1 
ATOM   36  C CG  . ASN A 1 5  ? 7.01983   -29.57674 9.64762   1.000 59.15204  ? 261 ASN A CG  1 
ATOM   37  O OD1 . ASN A 1 5  ? 7.83007   -28.76629 10.09648  1.000 64.31931  ? 261 ASN A OD1 1 
ATOM   38  N ND2 . ASN A 1 5  ? 7.35628   -30.81914 9.31915   1.000 58.82660  ? 261 ASN A ND2 1 
ATOM   39  N N   . PHE A 1 6  ? 2.73521   -28.09727 10.26755  1.000 36.35150  ? 262 PHE A N   1 
ATOM   40  C CA  . PHE A 1 6  ? 1.38460   -27.64877 9.94887   1.000 38.08245  ? 262 PHE A CA  1 
ATOM   41  C C   . PHE A 1 6  ? 1.14377   -26.23758 10.46886  1.000 39.74728  ? 262 PHE A C   1 
ATOM   42  O O   . PHE A 1 6  ? 0.55838   -25.40237 9.77180   1.000 34.09781  ? 262 PHE A O   1 
ATOM   43  C CB  . PHE A 1 6  ? 0.36240   -28.62667 10.53168  1.000 37.50045  ? 262 PHE A CB  1 
ATOM   44  C CG  . PHE A 1 6  ? -1.05280  -28.11924 10.50876  1.000 44.31516  ? 262 PHE A CG  1 
ATOM   45  C CD1 . PHE A 1 6  ? -1.83650  -28.26837 9.37634   1.000 41.67664  ? 262 PHE A CD1 1 
ATOM   46  C CD2 . PHE A 1 6  ? -1.60527  -27.50897 11.62433  1.000 39.08838  ? 262 PHE A CD2 1 
ATOM   47  C CE1 . PHE A 1 6  ? -3.14018  -27.80870 9.35266   1.000 48.56306  ? 262 PHE A CE1 1 
ATOM   48  C CE2 . PHE A 1 6  ? -2.90726  -27.04551 11.60590  1.000 46.97792  ? 262 PHE A CE2 1 
ATOM   49  C CZ  . PHE A 1 6  ? -3.67603  -27.19656 10.46896  1.000 47.27825  ? 262 PHE A CZ  1 
ATOM   50  N N   . GLU A 1 7  ? 1.59345   -25.95663 11.69378  1.000 37.50520  ? 263 GLU A N   1 
ATOM   51  C CA  . GLU A 1 7  ? 1.47416   -24.61337 12.25533  1.000 37.69387  ? 263 GLU A CA  1 
ATOM   52  C C   . GLU A 1 7  ? 2.13451   -23.58086 11.35085  1.000 43.16003  ? 263 GLU A C   1 
ATOM   53  O O   . GLU A 1 7  ? 1.55235   -22.53026 11.05180  1.000 35.93482  ? 263 GLU A O   1 
ATOM   54  C CB  . GLU A 1 7  ? 2.10666   -24.58519 13.64698  1.000 61.30583  ? 263 GLU A CB  1 
ATOM   55  C CG  . GLU A 1 7  ? 1.45430   -23.64377 14.63835  1.000 68.16709  ? 263 GLU A CG  1 
ATOM   56  C CD  . GLU A 1 7  ? 1.50991   -24.18455 16.05441  1.000 74.33156  ? 263 GLU A CD  1 
ATOM   57  O OE1 . GLU A 1 7  ? 1.11553   -25.35091 16.26337  1.000 75.47416  ? 263 GLU A OE1 1 
ATOM   58  O OE2 . GLU A 1 7  ? 1.96863   -23.45115 16.95457  1.000 80.36153  ? 263 GLU A OE2 1 
ATOM   59  N N   . ARG A 1 8  ? 3.35526   -23.87218 10.89744  1.000 34.76309  ? 264 ARG A N   1 
ATOM   60  C CA  . ARG A 1 8  ? 4.08594   -22.94069 10.04519  1.000 32.81177  ? 264 ARG A CA  1 
ATOM   61  C C   . ARG A 1 8  ? 3.39443   -22.76184 8.69900   1.000 32.17107  ? 264 ARG A C   1 
ATOM   62  O O   . ARG A 1 8  ? 3.19966   -21.63395 8.23054   1.000 33.47315  ? 264 ARG A O   1 
ATOM   63  C CB  . ARG A 1 8  ? 5.51732   -23.43964 9.85432   1.000 33.38058  ? 264 ARG A CB  1 
ATOM   64  C CG  . ARG A 1 8  ? 6.48913   -22.41576 9.29797   1.000 47.80133  ? 264 ARG A CG  1 
ATOM   65  C CD  . ARG A 1 8  ? 7.80921   -23.08832 8.96350   1.000 61.65407  ? 264 ARG A CD  1 
ATOM   66  N NE  . ARG A 1 8  ? 7.60935   -24.22542 8.07013   1.000 75.95596  ? 264 ARG A NE  1 
ATOM   67  C CZ  . ARG A 1 8  ? 8.33195   -24.45838 6.98011   1.000 86.40030  ? 264 ARG A CZ  1 
ATOM   68  N NH1 . ARG A 1 8  ? 9.32334   -23.64186 6.65261   1.000 88.23905  ? 264 ARG A NH1 1 
ATOM   69  N NH2 . ARG A 1 8  ? 8.07442   -25.51915 6.22698   1.000 89.68022  ? 264 ARG A NH2 1 
ATOM   70  N N   . LEU A 1 9  ? 3.01071   -23.87054 8.06317   1.000 30.17557  ? 265 LEU A N   1 
ATOM   71  C CA  . LEU A 1 9  ? 2.43290   -23.79747 6.72586   1.000 28.15774  ? 265 LEU A CA  1 
ATOM   72  C C   . LEU A 1 9  ? 1.02875   -23.20727 6.75428   1.000 35.14474  ? 265 LEU A C   1 
ATOM   73  O O   . LEU A 1 9  ? 0.62594   -22.51021 5.81589   1.000 26.41428  ? 265 LEU A O   1 
ATOM   74  C CB  . LEU A 1 9  ? 2.41937   -25.18513 6.09216   1.000 37.43946  ? 265 LEU A CB  1 
ATOM   75  C CG  . LEU A 1 9  ? 3.69811   -25.56141 5.34630   1.000 52.71250  ? 265 LEU A CG  1 
ATOM   76  C CD1 . LEU A 1 9  ? 3.64638   -27.01229 4.90012   1.000 55.26589  ? 265 LEU A CD1 1 
ATOM   77  C CD2 . LEU A 1 9  ? 3.91863   -24.62964 4.16565   1.000 52.29331  ? 265 LEU A CD2 1 
ATOM   78  N N   . PHE A 1 10 ? 0.26516   -23.48319 7.81526   1.000 31.22600  ? 266 PHE A N   1 
ATOM   79  C CA  . PHE A 1 10 ? -1.05658  -22.87744 7.94769   1.000 34.65102  ? 266 PHE A CA  1 
ATOM   80  C C   . PHE A 1 10 ? -0.95762  -21.35902 7.99722   1.000 35.90491  ? 266 PHE A C   1 
ATOM   81  O O   . PHE A 1 10 ? -1.74294  -20.65573 7.35053   1.000 31.28124  ? 266 PHE A O   1 
ATOM   82  C CB  . PHE A 1 10 ? -1.75885  -23.41204 9.19794   1.000 40.02663  ? 266 PHE A CB  1 
ATOM   83  C CG  . PHE A 1 10 ? -3.18956  -22.96514 9.33516   1.000 32.95401  ? 266 PHE A CG  1 
ATOM   84  C CD1 . PHE A 1 10 ? -3.49907  -21.75193 9.93087   1.000 34.63646  ? 266 PHE A CD1 1 
ATOM   85  C CD2 . PHE A 1 10 ? -4.22513  -23.76364 8.87900   1.000 37.25945  ? 266 PHE A CD2 1 
ATOM   86  C CE1 . PHE A 1 10 ? -4.81167  -21.34029 10.06048  1.000 38.06280  ? 266 PHE A CE1 1 
ATOM   87  C CE2 . PHE A 1 10 ? -5.54070  -23.35826 9.00824   1.000 39.47962  ? 266 PHE A CE2 1 
ATOM   88  C CZ  . PHE A 1 10 ? -5.83406  -22.14453 9.59888   1.000 36.66630  ? 266 PHE A CZ  1 
ATOM   89  N N   . SER A 1 11 ? 0.00523   -20.83500 8.75867   1.000 29.94176  ? 267 SER A N   1 
ATOM   90  C CA  . SER A 1 11 ? 0.16962   -19.38935 8.84841   1.000 36.65943  ? 267 SER A CA  1 
ATOM   91  C C   . SER A 1 11 ? 0.73775   -18.80784 7.56102   1.000 31.59715  ? 267 SER A C   1 
ATOM   92  O O   . SER A 1 11 ? 0.45075   -17.65320 7.22649   1.000 31.66656  ? 267 SER A O   1 
ATOM   93  C CB  . SER A 1 11 ? 1.06439   -19.03556 10.03568  1.000 43.51670  ? 267 SER A CB  1 
ATOM   94  O OG  . SER A 1 11 ? 2.27733   -19.76626 9.99560   1.000 52.45799  ? 267 SER A OG  1 
ATOM   95  N N   . LYS A 1 12 ? 1.54276   -19.58230 6.83007   1.000 27.00165  ? 268 LYS A N   1 
ATOM   96  C CA  . LYS A 1 12 ? 2.03723   -19.11108 5.54070   1.000 29.17214  ? 268 LYS A CA  1 
ATOM   97  C C   . LYS A 1 12 ? 0.92154   -19.08671 4.50489   1.000 26.11332  ? 268 LYS A C   1 
ATOM   98  O O   . LYS A 1 12 ? 0.89105   -18.20676 3.63652   1.000 26.36741  ? 268 LYS A O   1 
ATOM   99  C CB  . LYS A 1 12 ? 3.19728   -19.98647 5.07015   1.000 28.57298  ? 268 LYS A CB  1 
ATOM   100 C CG  . LYS A 1 12 ? 4.49409   -19.72065 5.81339   1.000 43.35549  ? 268 LYS A CG  1 
ATOM   101 C CD  . LYS A 1 12 ? 5.61356   -20.62786 5.33765   1.000 49.38438  ? 268 LYS A CD  1 
ATOM   102 C CE  . LYS A 1 12 ? 6.95175   -20.17042 5.89273   1.000 61.57042  ? 268 LYS A CE  1 
ATOM   103 N NZ  . LYS A 1 12 ? 8.00698   -21.20335 5.72247   1.000 67.85725  ? 268 LYS A NZ  1 
ATOM   104 N N   . LEU A 1 13 ? -0.00448  -20.04556 4.58145   1.000 25.22851  ? 269 LEU A N   1 
ATOM   105 C CA  . LEU A 1 13 ? -1.18805  -19.99839 3.73033   1.000 24.22114  ? 269 LEU A CA  1 
ATOM   106 C C   . LEU A 1 13 ? -2.07309  -18.81376 4.09341   1.000 26.37596  ? 269 LEU A C   1 
ATOM   107 O O   . LEU A 1 13 ? -2.61174  -18.13821 3.20865   1.000 21.19998  ? 269 LEU A O   1 
ATOM   108 C CB  . LEU A 1 13 ? -1.97038  -21.30628 3.84605   1.000 24.14267  ? 269 LEU A CB  1 
ATOM   109 C CG  . LEU A 1 13 ? -1.46020  -22.49508 3.03057   1.000 28.84987  ? 269 LEU A CG  1 
ATOM   110 C CD1 . LEU A 1 13 ? -2.13611  -23.77715 3.48779   1.000 33.58524  ? 269 LEU A CD1 1 
ATOM   111 C CD2 . LEU A 1 13 ? -1.69269  -22.26534 1.54682   1.000 22.66227  ? 269 LEU A CD2 1 
ATOM   112 N N   . LYS A 1 14 ? -2.23385  -18.54939 5.39263   1.000 26.06126  ? 270 LYS A N   1 
ATOM   113 C CA  . LYS A 1 14 ? -3.02722  -17.40552 5.82857   1.000 24.56296  ? 270 LYS A CA  1 
ATOM   114 C C   . LYS A 1 14 ? -2.37841  -16.09407 5.40461   1.000 24.23329  ? 270 LYS A C   1 
ATOM   115 O O   . LYS A 1 14 ? -3.06254  -15.17490 4.93951   1.000 28.48263  ? 270 LYS A O   1 
ATOM   116 C CB  . LYS A 1 14 ? -3.21271  -17.45123 7.34587   1.000 31.64867  ? 270 LYS A CB  1 
ATOM   117 C CG  . LYS A 1 14 ? -3.89538  -16.22774 7.93217   1.000 45.92077  ? 270 LYS A CG  1 
ATOM   118 C CD  . LYS A 1 14 ? -5.31293  -16.07610 7.40576   1.000 58.25406  ? 270 LYS A CD  1 
ATOM   119 C CE  . LYS A 1 14 ? -6.20458  -15.37665 8.41983   1.000 60.69154  ? 270 LYS A CE  1 
ATOM   120 N NZ  . LYS A 1 14 ? -5.51758  -14.21929 9.05831   1.000 57.31475  ? 270 LYS A NZ  1 
ATOM   121 N N   . GLU A 1 15 ? -1.05657  -15.99044 5.55965   1.000 22.94821  ? 271 GLU A N   1 
ATOM   122 C CA  . GLU A 1 15 ? -0.34491  -14.79243 5.12480   1.000 21.65744  ? 271 GLU A CA  1 
ATOM   123 C C   . GLU A 1 15 ? -0.47431  -14.58963 3.61996   1.000 19.51170  ? 271 GLU A C   1 
ATOM   124 O O   . GLU A 1 15 ? -0.67746  -13.46318 3.15070   1.000 24.59756  ? 271 GLU A O   1 
ATOM   125 C CB  . GLU A 1 15 ? 1.12488   -14.89188 5.53321   1.000 33.16744  ? 271 GLU A CB  1 
ATOM   126 C CG  . GLU A 1 15 ? 2.02066   -13.81461 4.95489   1.000 49.86375  ? 271 GLU A CG  1 
ATOM   127 C CD  . GLU A 1 15 ? 3.48248   -14.05190 5.27461   1.000 68.58119  ? 271 GLU A CD  1 
ATOM   128 O OE1 . GLU A 1 15 ? 4.11162   -14.88530 4.58977   1.000 70.89817  ? 271 GLU A OE1 1 
ATOM   129 O OE2 . GLU A 1 15 ? 4.00070   -13.41121 6.21301   1.000 79.66493  ? 271 GLU A OE2 1 
ATOM   130 N N   . MET A 1 16 ? -0.36303  -15.67263 2.84822   1.000 21.22695  ? 272 MET A N   1 
ATOM   131 C CA  . MET A 1 16 ? -0.51983  -15.57884 1.40074   1.000 17.79905  ? 272 MET A CA  1 
ATOM   132 C C   . MET A 1 16 ? -1.95083  -15.21252 1.02570   1.000 18.24359  ? 272 MET A C   1 
ATOM   133 O O   . MET A 1 16 ? -2.17469  -14.42238 0.10042   1.000 17.70783  ? 272 MET A O   1 
ATOM   134 C CB  . MET A 1 16 ? -0.10507  -16.90081 0.75530   1.000 22.34432  ? 272 MET A CB  1 
ATOM   135 C CG  . MET A 1 16 ? -0.28538  -16.97192 -0.74848  1.000 31.98848  ? 272 MET A CG  1 
ATOM   136 S SD  . MET A 1 16 ? 0.03450   -18.64169 -1.35065  1.000 37.07210  ? 272 MET A SD  1 
ATOM   137 C CE  . MET A 1 16 ? 1.70583   -18.88380 -0.75617  1.000 25.88746  ? 272 MET A CE  1 
ATOM   138 N N   . LYS A 1 17 ? -2.92985  -15.77974 1.73604   1.000 20.19813  ? 273 LYS A N   1 
ATOM   139 C CA  . LYS A 1 17 ? -4.32601  -15.40194 1.53608   1.000 20.70629  ? 273 LYS A CA  1 
ATOM   140 C C   . LYS A 1 17 ? -4.54645  -13.92439 1.83302   1.000 26.07961  ? 273 LYS A C   1 
ATOM   141 O O   . LYS A 1 17 ? -5.24310  -13.22889 1.08388   1.000 24.85954  ? 273 LYS A O   1 
ATOM   142 C CB  . LYS A 1 17 ? -5.22153  -16.26836 2.42354   1.000 24.70407  ? 273 LYS A CB  1 
ATOM   143 C CG  . LYS A 1 17 ? -6.69597  -15.88361 2.46748   1.000 38.77919  ? 273 LYS A CG  1 
ATOM   144 C CD  . LYS A 1 17 ? -7.34286  -15.82482 1.09739   1.000 54.86944  ? 273 LYS A CD  1 
ATOM   145 C CE  . LYS A 1 17 ? -8.82826  -15.51843 1.23041   1.000 68.24327  ? 273 LYS A CE  1 
ATOM   146 N NZ  . LYS A 1 17 ? -9.44858  -15.08224 -0.04793  1.000 75.35890  ? 273 LYS A NZ  1 
ATOM   147 N N   . ASP A 1 18 ? -3.95367  -13.42623 2.92079   1.000 30.10191  ? 274 ASP A N   1 
ATOM   148 C CA  . ASP A 1 18 ? -4.16326  -12.03591 3.31184   1.000 22.99516  ? 274 ASP A CA  1 
ATOM   149 C C   . ASP A 1 18 ? -3.50964  -11.07573 2.32493   1.000 18.67309  ? 274 ASP A C   1 
ATOM   150 O O   . ASP A 1 18 ? -4.09581  -10.04414 1.97541   1.000 23.27873  ? 274 ASP A O   1 
ATOM   151 C CB  . ASP A 1 18 ? -3.62814  -11.80792 4.72460   1.000 24.28013  ? 274 ASP A CB  1 
ATOM   152 C CG  . ASP A 1 18 ? -4.46816  -12.49901 5.78314   1.000 52.55832  ? 274 ASP A CG  1 
ATOM   153 O OD1 . ASP A 1 18 ? -5.64302  -12.81608 5.49941   1.000 58.11661  ? 274 ASP A OD1 1 
ATOM   154 O OD2 . ASP A 1 18 ? -3.95224  -12.73058 6.89692   1.000 56.53029  ? 274 ASP A OD2 1 
ATOM   155 N N   . LYS A 1 19 ? -2.29438  -11.39269 1.87073   1.000 16.96817  ? 275 LYS A N   1 
ATOM   156 C CA  . LYS A 1 19 ? -1.64663  -10.57118 0.85252   1.000 16.43598  ? 275 LYS A CA  1 
ATOM   157 C C   . LYS A 1 19 ? -2.48383  -10.52235 -0.41807  1.000 19.24275  ? 275 LYS A C   1 
ATOM   158 O O   . LYS A 1 19 ? -2.71499  -9.44798  -0.98471  1.000 21.09407  ? 275 LYS A O   1 
ATOM   159 C CB  . LYS A 1 19 ? -0.25165  -11.11311 0.54283   1.000 17.08875  ? 275 LYS A CB  1 
ATOM   160 C CG  . LYS A 1 19 ? 0.78682   -10.90949 1.62828   1.000 23.26068  ? 275 LYS A CG  1 
ATOM   161 C CD  . LYS A 1 19 ? 2.05356   -11.67028 1.26659   1.000 36.08244  ? 275 LYS A CD  1 
ATOM   162 C CE  . LYS A 1 19 ? 3.25568   -11.20202 2.06215   1.000 46.43839  ? 275 LYS A CE  1 
ATOM   163 N NZ  . LYS A 1 19 ? 4.48688   -11.92879 1.63861   1.000 52.11497  ? 275 LYS A NZ  1 
ATOM   164 N N   . ALA A 1 20 ? -2.95091  -11.68618 -0.87721  1.000 17.63668  ? 276 ALA A N   1 
ATOM   165 C CA  . ALA A 1 20 ? -3.74575  -11.74246 -2.09940  1.000 22.91988  ? 276 ALA A CA  1 
ATOM   166 C C   . ALA A 1 20 ? -5.04128  -10.95372 -1.95779  1.000 18.96743  ? 276 ALA A C   1 
ATOM   167 O O   . ALA A 1 20 ? -5.48960  -10.30612 -2.91111  1.000 26.16430  ? 276 ALA A O   1 
ATOM   168 C CB  . ALA A 1 20 ? -4.04059  -13.19764 -2.46335  1.000 20.56873  ? 276 ALA A CB  1 
ATOM   169 N N   . ALA A 1 21 ? -5.65639  -10.99168 -0.77350  1.000 20.00643  ? 277 ALA A N   1 
ATOM   170 C CA  . ALA A 1 21 ? -6.91664  -10.28393 -0.57652  1.000 19.50339  ? 277 ALA A CA  1 
ATOM   171 C C   . ALA A 1 21 ? -6.71158  -8.77759  -0.47495  1.000 22.97542  ? 277 ALA A C   1 
ATOM   172 O O   . ALA A 1 21 ? -7.61153  -8.00693  -0.82725  1.000 24.98405  ? 277 ALA A O   1 
ATOM   173 C CB  . ALA A 1 21 ? -7.62496  -10.80972 0.67175   1.000 18.54002  ? 277 ALA A CB  1 
ATOM   174 N N   . THR A 1 22 ? -5.54406  -8.33967  -0.00389  1.000 27.35729  ? 278 THR A N   1 
ATOM   175 C CA  . THR A 1 22 ? -5.26374  -6.91792  0.15071   1.000 28.22291  ? 278 THR A CA  1 
ATOM   176 C C   . THR A 1 22 ? -4.82697  -6.25220  -1.14995  1.000 25.44375  ? 278 THR A C   1 
ATOM   177 O O   . THR A 1 22 ? -4.76700  -5.01878  -1.20339  1.000 21.11310  ? 278 THR A O   1 
ATOM   178 C CB  . THR A 1 22 ? -4.18669  -6.71617  1.22418   1.000 34.01535  ? 278 THR A CB  1 
ATOM   179 O OG1 . THR A 1 22 ? -4.39458  -7.65242  2.28863   1.000 37.42350  ? 278 THR A OG1 1 
ATOM   180 C CG2 . THR A 1 22 ? -4.24369  -5.30560  1.79880   1.000 35.78477  ? 278 THR A CG2 1 
ATOM   181 N N   . LEU A 1 23 ? -4.53828  -7.02992  -2.19434  1.000 18.27237  ? 279 LEU A N   1 
ATOM   182 C CA  . LEU A 1 23 ? -4.02683  -6.47153  -3.44693  1.000 17.35199  ? 279 LEU A CA  1 
ATOM   183 C C   . LEU A 1 23 ? -4.89724  -5.36366  -4.03280  1.000 24.17841  ? 279 LEU A C   1 
ATOM   184 O O   . LEU A 1 23 ? -4.34459  -4.31392  -4.39978  1.000 18.45450  ? 279 LEU A O   1 
ATOM   185 C CB  . LEU A 1 23 ? -3.82238  -7.60631  -4.46170  1.000 10.30342  ? 279 LEU A CB  1 
ATOM   186 C CG  . LEU A 1 23 ? -3.29346  -7.20532  -5.84222  1.000 19.13381  ? 279 LEU A CG  1 
ATOM   187 C CD1 . LEU A 1 23 ? -1.99915  -6.41235  -5.71915  1.000 14.09898  ? 279 LEU A CD1 1 
ATOM   188 C CD2 . LEU A 1 23 ? -3.09356  -8.43051  -6.72310  1.000 14.17356  ? 279 LEU A CD2 1 
ATOM   189 N N   . PRO A 1 24 ? -6.22488  -5.50793  -4.15678  1.000 21.40421  ? 280 PRO A N   1 
ATOM   190 C CA  . PRO A 1 24 ? -7.00759  -4.39658  -4.72875  1.000 21.80175  ? 280 PRO A CA  1 
ATOM   191 C C   . PRO A 1 24 ? -6.95490  -3.12955  -3.89296  1.000 17.16234  ? 280 PRO A C   1 
ATOM   192 O O   . PRO A 1 24 ? -6.87768  -2.02833  -4.45168  1.000 23.77401  ? 280 PRO A O   1 
ATOM   193 C CB  . PRO A 1 24 ? -8.43064  -4.97054  -4.80529  1.000 25.94252  ? 280 PRO A CB  1 
ATOM   194 C CG  . PRO A 1 24 ? -8.25308  -6.44885  -4.77508  1.000 32.90589  ? 280 PRO A CG  1 
ATOM   195 C CD  . PRO A 1 24 ? -7.07819  -6.67842  -3.88212  1.000 26.51148  ? 280 PRO A CD  1 
ATOM   196 N N   . HIS A 1 25 ? -6.99414  -3.25359  -2.56411  1.000 16.88892  ? 281 HIS A N   1 
ATOM   197 C CA  . HIS A 1 25 ? -6.89824  -2.07374  -1.70986  1.000 25.15959  ? 281 HIS A CA  1 
ATOM   198 C C   . HIS A 1 25 ? -5.53603  -1.40306  -1.84301  1.000 31.39266  ? 281 HIS A C   1 
ATOM   199 O O   . HIS A 1 25 ? -5.44470  -0.17079  -1.89562  1.000 23.91061  ? 281 HIS A O   1 
ATOM   200 C CB  . HIS A 1 25 ? -7.16846  -2.45620  -0.25438  1.000 26.98726  ? 281 HIS A CB  1 
ATOM   201 C CG  . HIS A 1 25 ? -6.66607  -1.45366  0.73748   1.000 34.83025  ? 281 HIS A CG  1 
ATOM   202 N ND1 . HIS A 1 25 ? -7.32781  -0.27478  1.00569   1.000 39.02315  ? 281 HIS A ND1 1 
ATOM   203 C CD2 . HIS A 1 25 ? -5.56515  -1.45450  1.52586   1.000 40.16422  ? 281 HIS A CD2 1 
ATOM   204 C CE1 . HIS A 1 25 ? -6.65649  0.40738   1.91637   1.000 40.88982  ? 281 HIS A CE1 1 
ATOM   205 N NE2 . HIS A 1 25 ? -5.58274  -0.28634  2.24863   1.000 41.19943  ? 281 HIS A NE2 1 
ATOM   206 N N   . GLU A 1 26 ? -4.46498  -2.19760  -1.90411  1.000 24.41950  ? 282 GLU A N   1 
ATOM   207 C CA  . GLU A 1 26 ? -3.12598  -1.62720  -2.01104  1.000 21.89630  ? 282 GLU A CA  1 
ATOM   208 C C   . GLU A 1 26 ? -2.91905  -0.96069  -3.36549  1.000 15.96455  ? 282 GLU A C   1 
ATOM   209 O O   . GLU A 1 26 ? -2.22424  0.05750   -3.46400  1.000 18.51289  ? 282 GLU A O   1 
ATOM   210 C CB  . GLU A 1 26 ? -2.07917  -2.71514  -1.78292  1.000 26.01767  ? 282 GLU A CB  1 
ATOM   211 C CG  . GLU A 1 26 ? -0.82133  -2.24399  -1.08656  1.000 40.22788  ? 282 GLU A CG  1 
ATOM   212 C CD  . GLU A 1 26 ? -1.04038  -2.04644  0.39994   1.000 54.31686  ? 282 GLU A CD  1 
ATOM   213 O OE1 . GLU A 1 26 ? -1.91452  -2.73482  0.96518   1.000 67.55153  ? 282 GLU A OE1 1 
ATOM   214 O OE2 . GLU A 1 26 ? -0.33887  -1.21549  1.01048   1.000 60.36337  ? 282 GLU A OE2 1 
ATOM   215 N N   . GLN A 1 27 ? -3.51314  -1.52265  -4.42204  1.000 11.78298  ? 283 GLN A N   1 
ATOM   216 C CA  . GLN A 1 27 ? -3.44137  -0.88729  -5.73391  1.000 12.59453  ? 283 GLN A CA  1 
ATOM   217 C C   . GLN A 1 27 ? -4.14085  0.46591   -5.74100  1.000 22.36975  ? 283 GLN A C   1 
ATOM   218 O O   . GLN A 1 27 ? -3.70777  1.38354   -6.44793  1.000 14.45778  ? 283 GLN A O   1 
ATOM   219 C CB  . GLN A 1 27 ? -4.04743  -1.80207  -6.79837  1.000 11.82764  ? 283 GLN A CB  1 
ATOM   220 C CG  . GLN A 1 27 ? -3.18317  -3.00097  -7.14662  1.000 18.64578  ? 283 GLN A CG  1 
ATOM   221 C CD  . GLN A 1 27 ? -3.86622  -3.94573  -8.11378  1.000 26.23282  ? 283 GLN A CD  1 
ATOM   222 O OE1 . GLN A 1 27 ? -4.88737  -4.55326  -7.79155  1.000 31.47768  ? 283 GLN A OE1 1 
ATOM   223 N NE2 . GLN A 1 27 ? -3.30599  -4.07200  -9.30954  1.000 23.54405  ? 283 GLN A NE2 1 
ATOM   224 N N   . ARG A 1 28 ? -5.22132  0.61018   -4.96893  1.000 18.38967  ? 284 ARG A N   1 
ATOM   225 C CA  . ARG A 1 28 ? -5.88279  1.90755   -4.86900  1.000 18.23881  ? 284 ARG A CA  1 
ATOM   226 C C   . ARG A 1 28 ? -5.04040  2.89782   -4.07587  1.000 18.55480  ? 284 ARG A C   1 
ATOM   227 O O   . ARG A 1 28 ? -5.03879  4.09766   -4.37853  1.000 21.01131  ? 284 ARG A O   1 
ATOM   228 C CB  . ARG A 1 28 ? -7.26756  1.74933   -4.24082  1.000 13.45383  ? 284 ARG A CB  1 
ATOM   229 C CG  . ARG A 1 28 ? -8.21093  0.87089   -5.04205  1.000 23.32829  ? 284 ARG A CG  1 
ATOM   230 C CD  . ARG A 1 28 ? -9.63506  0.94490   -4.51413  1.000 23.19071  ? 284 ARG A CD  1 
ATOM   231 N NE  . ARG A 1 28 ? -9.76627  0.33282   -3.19598  1.000 27.74911  ? 284 ARG A NE  1 
ATOM   232 C CZ  . ARG A 1 28 ? -10.16944 -0.91773  -2.99713  1.000 27.62632  ? 284 ARG A CZ  1 
ATOM   233 N NH1 . ARG A 1 28 ? -10.47520 -1.68620  -4.03280  1.000 24.60487  ? 284 ARG A NH1 1 
ATOM   234 N NH2 . ARG A 1 28 ? -10.26303 -1.40337  -1.76700  1.000 34.39151  ? 284 ARG A NH2 1 
ATOM   235 N N   . LYS A 1 29 ? -4.30912  2.41560   -3.06646  1.000 17.99668  ? 285 LYS A N   1 
ATOM   236 C CA  . LYS A 1 29 ? -3.43175  3.29016   -2.29774  1.000 21.87523  ? 285 LYS A CA  1 
ATOM   237 C C   . LYS A 1 29 ? -2.26878  3.78146   -3.15356  1.000 13.46855  ? 285 LYS A C   1 
ATOM   238 O O   . LYS A 1 29 ? -1.86636  4.94557   -3.07114  1.000 17.15514  ? 285 LYS A O   1 
ATOM   239 C CB  . LYS A 1 29 ? -2.91867  2.55635   -1.05866  1.000 25.24424  ? 285 LYS A CB  1 
ATOM   240 C CG  . LYS A 1 29 ? -2.06470  3.42317   -0.14988  1.000 43.45061  ? 285 LYS A CG  1 
ATOM   241 C CD  . LYS A 1 29 ? -1.52050  2.63057   1.03143   1.000 49.41199  ? 285 LYS A CD  1 
ATOM   242 C CE  . LYS A 1 29 ? -1.58181  3.43739   2.31961   1.000 58.25583  ? 285 LYS A CE  1 
ATOM   243 N NZ  . LYS A 1 29 ? -2.10777  2.62728   3.45436   1.000 68.82700  ? 285 LYS A NZ  1 
ATOM   244 N N   . VAL A 1 30 ? -1.71098  2.88889   -3.97560  1.000 14.00392  ? 286 VAL A N   1 
ATOM   245 C CA  . VAL A 1 30 ? -0.62845  3.26320   -4.88355  1.000 14.83640  ? 286 VAL A CA  1 
ATOM   246 C C   . VAL A 1 30 ? -1.10079  4.32817   -5.86700  1.000 14.52139  ? 286 VAL A C   1 
ATOM   247 O O   . VAL A 1 30 ? -0.38714  5.30173   -6.14384  1.000 11.92648  ? 286 VAL A O   1 
ATOM   248 C CB  . VAL A 1 30 ? -0.09612  2.00774   -5.60237  1.000 19.51358  ? 286 VAL A CB  1 
ATOM   249 C CG1 . VAL A 1 30 ? 0.65073   2.38495   -6.87290  1.000 14.03013  ? 286 VAL A CG1 1 
ATOM   250 C CG2 . VAL A 1 30 ? 0.78196   1.20102   -4.65853  1.000 22.39503  ? 286 VAL A CG2 1 
ATOM   251 N N   . HIS A 1 31 ? -2.31043  4.16526   -6.40691  1.000 13.01295  ? 287 HIS A N   1 
ATOM   252 C CA  . HIS A 1 31 ? -2.84185  5.15858   -7.33422  1.000 15.38892  ? 287 HIS A CA  1 
ATOM   253 C C   . HIS A 1 31 ? -3.04058  6.50291   -6.64685  1.000 11.63809  ? 287 HIS A C   1 
ATOM   254 O O   . HIS A 1 31 ? -2.68526  7.54963   -7.20106  1.000 14.52079  ? 287 HIS A O   1 
ATOM   255 C CB  . HIS A 1 31 ? -4.15644  4.66753   -7.94002  1.000 20.09288  ? 287 HIS A CB  1 
ATOM   256 C CG  . HIS A 1 31 ? -4.81910  5.67419   -8.82722  1.000 29.36876  ? 287 HIS A CG  1 
ATOM   257 N ND1 . HIS A 1 31 ? -4.39002  5.92824   -10.11188 1.000 34.97221  ? 287 HIS A ND1 1 
ATOM   258 C CD2 . HIS A 1 31 ? -5.86735  6.50330   -8.60984  1.000 34.44023  ? 287 HIS A CD2 1 
ATOM   259 C CE1 . HIS A 1 31 ? -5.15015  6.86458   -10.65073 1.000 32.82612  ? 287 HIS A CE1 1 
ATOM   260 N NE2 . HIS A 1 31 ? -6.05431  7.23072   -9.76022  1.000 34.39671  ? 287 HIS A NE2 1 
ATOM   261 N N   . ALA A 1 32 ? -3.60124  6.49480   -5.43534  1.000 8.93209   ? 288 ALA A N   1 
ATOM   262 C CA  . ALA A 1 32 ? -3.80290  7.74352   -4.70963  1.000 10.93584  ? 288 ALA A CA  1 
ATOM   263 C C   . ALA A 1 32 ? -2.47353  8.40426   -4.37074  1.000 19.70866  ? 288 ALA A C   1 
ATOM   264 O O   . ALA A 1 32 ? -2.35334  9.63367   -4.41923  1.000 22.02995  ? 288 ALA A O   1 
ATOM   265 C CB  . ALA A 1 32 ? -4.61672  7.48896   -3.44191  1.000 10.35199  ? 288 ALA A CB  1 
ATOM   266 N N   . GLU A 1 33 ? -1.46119  7.60464   -4.02582  1.000 17.31634  ? 289 GLU A N   1 
ATOM   267 C CA  . GLU A 1 33 ? -0.15139  8.17078   -3.72413  1.000 18.58752  ? 289 GLU A CA  1 
ATOM   268 C C   . GLU A 1 33 ? 0.51959   8.72365   -4.97373  1.000 12.49656  ? 289 GLU A C   1 
ATOM   269 O O   . GLU A 1 33 ? 1.24448   9.72206   -4.89579  1.000 14.07982  ? 289 GLU A O   1 
ATOM   270 C CB  . GLU A 1 33 ? 0.73562   7.11822   -3.06440  1.000 20.27651  ? 289 GLU A CB  1 
ATOM   271 C CG  . GLU A 1 33 ? 0.42014   6.87482   -1.60056  1.000 31.43085  ? 289 GLU A CG  1 
ATOM   272 C CD  . GLU A 1 33 ? 1.04761   5.59903   -1.08640  1.000 40.53250  ? 289 GLU A CD  1 
ATOM   273 O OE1 . GLU A 1 33 ? 0.71631   5.17804   0.04204   1.000 43.90743  ? 289 GLU A OE1 1 
ATOM   274 O OE2 . GLU A 1 33 ? 1.86982   5.01483   -1.82095  1.000 40.37866  ? 289 GLU A OE2 1 
ATOM   275 N N   . LYS A 1 34 ? 0.29282   8.09260   -6.12813  1.000 8.58740   ? 290 LYS A N   1 
ATOM   276 C CA  . LYS A 1 34 ? 0.81585   8.63097   -7.37843  1.000 13.98618  ? 290 LYS A CA  1 
ATOM   277 C C   . LYS A 1 34 ? 0.15621   9.96121   -7.72105  1.000 13.58600  ? 290 LYS A C   1 
ATOM   278 O O   . LYS A 1 34 ? 0.82285   10.88416  -8.20284  1.000 12.86068  ? 290 LYS A O   1 
ATOM   279 C CB  . LYS A 1 34 ? 0.61203   7.62290   -8.50817  1.000 16.26231  ? 290 LYS A CB  1 
ATOM   280 C CG  . LYS A 1 34 ? 1.58158   6.45424   -8.50298  1.000 17.29799  ? 290 LYS A CG  1 
ATOM   281 C CD  . LYS A 1 34 ? 1.27204   5.50161   -9.64593  1.000 18.33209  ? 290 LYS A CD  1 
ATOM   282 C CE  . LYS A 1 34 ? 2.29760   4.38711   -9.74216  1.000 28.52959  ? 290 LYS A CE  1 
ATOM   283 N NZ  . LYS A 1 34 ? 1.93425   3.41020   -10.80499 1.000 33.07524  ? 290 LYS A NZ  1 
ATOM   284 N N   . VAL A 1 35 ? -1.15341  10.07702  -7.48332  1.000 10.47642  ? 291 VAL A N   1 
ATOM   285 C CA  . VAL A 1 35 ? -1.83960  11.34730  -7.70595  1.000 14.17975  ? 291 VAL A CA  1 
ATOM   286 C C   . VAL A 1 35 ? -1.29777  12.41212  -6.76239  1.000 9.85953   ? 291 VAL A C   1 
ATOM   287 O O   . VAL A 1 35 ? -1.03980  13.55250  -7.16833  1.000 13.26792  ? 291 VAL A O   1 
ATOM   288 C CB  . VAL A 1 35 ? -3.36194  11.17253  -7.54489  1.000 14.59188  ? 291 VAL A CB  1 
ATOM   289 C CG1 . VAL A 1 35 ? -4.06287  12.52238  -7.61241  1.000 18.10885  ? 291 VAL A CG1 1 
ATOM   290 C CG2 . VAL A 1 35 ? -3.90926  10.23086  -8.60632  1.000 11.71347  ? 291 VAL A CG2 1 
ATOM   291 N N   . ALA A 1 36 ? -1.11251  12.05592  -5.48922  1.000 10.17530  ? 292 ALA A N   1 
ATOM   292 C CA  . ALA A 1 36 ? -0.56038  13.00290  -4.52740  1.000 14.13804  ? 292 ALA A CA  1 
ATOM   293 C C   . ALA A 1 36 ? 0.84522   13.43494  -4.92377  1.000 13.32077  ? 292 ALA A C   1 
ATOM   294 O O   . ALA A 1 36 ? 1.20019   14.61271  -4.79498  1.000 15.69935  ? 292 ALA A O   1 
ATOM   295 C CB  . ALA A 1 36 ? -0.56049  12.38679  -3.12883  1.000 15.94687  ? 292 ALA A CB  1 
ATOM   296 N N   . LYS A 1 37 ? 1.65724   12.49637  -5.41728  1.000 12.31132  ? 293 LYS A N   1 
ATOM   297 C CA  . LYS A 1 37 ? 3.01896   12.83495  -5.81845  1.000 13.12637  ? 293 LYS A CA  1 
ATOM   298 C C   . LYS A 1 37 ? 3.02973   13.78391  -7.00931  1.000 10.84554  ? 293 LYS A C   1 
ATOM   299 O O   . LYS A 1 37 ? 3.80576   14.74556  -7.03319  1.000 13.48676  ? 293 LYS A O   1 
ATOM   300 C CB  . LYS A 1 37 ? 3.80752   11.56818  -6.14749  1.000 13.35197  ? 293 LYS A CB  1 
ATOM   301 C CG  . LYS A 1 37 ? 5.26567   11.83837  -6.49188  1.000 20.02639  ? 293 LYS A CG  1 
ATOM   302 C CD  . LYS A 1 37 ? 5.97229   10.59262  -6.99308  1.000 25.50257  ? 293 LYS A CD  1 
ATOM   303 C CE  . LYS A 1 37 ? 7.47155   10.82615  -7.09814  1.000 37.80895  ? 293 LYS A CE  1 
ATOM   304 N NZ  . LYS A 1 37 ? 8.12382   9.87973   -8.04310  1.000 43.86931  ? 293 LYS A NZ  1 
ATOM   305 N N   . ALA A 1 38 ? 2.18327   13.52702  -8.00981  1.000 10.68843  ? 294 ALA A N   1 
ATOM   306 C CA  . ALA A 1 38 ? 2.15771   14.38424  -9.19020  1.000 10.25845  ? 294 ALA A CA  1 
ATOM   307 C C   . ALA A 1 38 ? 1.76848   15.81104  -8.82655  1.000 15.43349  ? 294 ALA A C   1 
ATOM   308 O O   . ALA A 1 38 ? 2.35485   16.77240  -9.33787  1.000 13.27651  ? 294 ALA A O   1 
ATOM   309 C CB  . ALA A 1 38 ? 1.19931   13.81233  -10.23487 1.000 8.09873   ? 294 ALA A CB  1 
ATOM   310 N N   . PHE A 1 39 ? 0.78842   15.97006  -7.93502  1.000 11.05005  ? 295 PHE A N   1 
ATOM   311 C CA  . PHE A 1 39 ? 0.37032   17.31033  -7.53912  1.000 19.36414  ? 295 PHE A CA  1 
ATOM   312 C C   . PHE A 1 39 ? 1.40086   17.96458  -6.62895  1.000 15.98659  ? 295 PHE A C   1 
ATOM   313 O O   . PHE A 1 39 ? 1.64553   19.17204  -6.72978  1.000 16.69933  ? 295 PHE A O   1 
ATOM   314 C CB  . PHE A 1 39 ? -0.99613  17.25442  -6.85947  1.000 16.23351  ? 295 PHE A CB  1 
ATOM   315 C CG  . PHE A 1 39 ? -2.14428  17.28092  -7.82218  1.000 15.67596  ? 295 PHE A CG  1 
ATOM   316 C CD1 . PHE A 1 39 ? -2.70858  18.48178  -8.21804  1.000 17.34093  ? 295 PHE A CD1 1 
ATOM   317 C CD2 . PHE A 1 39 ? -2.64674  16.10293  -8.34863  1.000 16.14221  ? 295 PHE A CD2 1 
ATOM   318 C CE1 . PHE A 1 39 ? -3.76186  18.50559  -9.11406  1.000 22.44430  ? 295 PHE A CE1 1 
ATOM   319 C CE2 . PHE A 1 39 ? -3.69862  16.11963  -9.24389  1.000 21.58596  ? 295 PHE A CE2 1 
ATOM   320 C CZ  . PHE A 1 39 ? -4.25735  17.32131  -9.62679  1.000 16.79550  ? 295 PHE A CZ  1 
ATOM   321 N N   . TRP A 1 40 ? 2.01847   17.18690  -5.73621  1.000 17.00055  ? 296 TRP A N   1 
ATOM   322 C CA  . TRP A 1 40 ? 3.04430   17.75157  -4.86554  1.000 15.93635  ? 296 TRP A CA  1 
ATOM   323 C C   . TRP A 1 40 ? 4.24962   18.22132  -5.66869  1.000 23.33458  ? 296 TRP A C   1 
ATOM   324 O O   . TRP A 1 40 ? 4.80802   19.29072  -5.39658  1.000 17.36421  ? 296 TRP A O   1 
ATOM   325 C CB  . TRP A 1 40 ? 3.47517   16.73229  -3.81187  1.000 16.36916  ? 296 TRP A CB  1 
ATOM   326 C CG  . TRP A 1 40 ? 4.81079   17.05929  -3.22225  1.000 27.11126  ? 296 TRP A CG  1 
ATOM   327 C CD1 . TRP A 1 40 ? 5.99394   16.42659  -3.46818  1.000 25.01355  ? 296 TRP A CD1 1 
ATOM   328 C CD2 . TRP A 1 40 ? 5.10669   18.12392  -2.31119  1.000 31.02144  ? 296 TRP A CD2 1 
ATOM   329 N NE1 . TRP A 1 40 ? 7.00615   17.02198  -2.75510  1.000 33.32945  ? 296 TRP A NE1 1 
ATOM   330 C CE2 . TRP A 1 40 ? 6.48757   18.06771  -2.03780  1.000 34.11840  ? 296 TRP A CE2 1 
ATOM   331 C CE3 . TRP A 1 40 ? 4.33679   19.11535  -1.69527  1.000 41.70437  ? 296 TRP A CE3 1 
ATOM   332 C CZ2 . TRP A 1 40 ? 7.11482   18.96361  -1.17455  1.000 38.44615  ? 296 TRP A CZ2 1 
ATOM   333 C CZ3 . TRP A 1 40 ? 4.96153   20.00376  -0.83845  1.000 48.58679  ? 296 TRP A CZ3 1 
ATOM   334 C CH2 . TRP A 1 40 ? 6.33663   19.92139  -0.58619  1.000 43.16664  ? 296 TRP A CH2 1 
ATOM   335 N N   A MET A 1 41 ? 4.66713   17.43373  -6.66226  0.472 14.55084  ? 297 MET A N   1 
ATOM   336 N N   B MET A 1 41 ? 4.66547   17.43499  -6.66458  0.528 14.54900  ? 297 MET A N   1 
ATOM   337 C CA  A MET A 1 41 ? 5.80733   17.82445  -7.48419  0.472 14.63154  ? 297 MET A CA  1 
ATOM   338 C CA  B MET A 1 41 ? 5.80833   17.82285  -7.48486  0.528 14.63014  ? 297 MET A CA  1 
ATOM   339 C C   A MET A 1 41 ? 5.49334   19.06569  -8.30966  0.472 16.23800  ? 297 MET A C   1 
ATOM   340 C C   B MET A 1 41 ? 5.49676   19.05905  -8.31952  0.528 16.08976  ? 297 MET A C   1 
ATOM   341 O O   A MET A 1 41 ? 6.36093   19.92519  -8.50339  0.472 19.94314  ? 297 MET A O   1 
ATOM   342 O O   B MET A 1 41 ? 6.37031   19.90832  -8.53064  0.528 20.13237  ? 297 MET A O   1 
ATOM   343 C CB  A MET A 1 41 ? 6.21958   16.66518  -8.39100  0.472 13.14183  ? 297 MET A CB  1 
ATOM   344 C CB  B MET A 1 41 ? 6.22736   16.65867  -8.38288  0.528 13.14749  ? 297 MET A CB  1 
ATOM   345 C CG  A MET A 1 41 ? 7.04383   15.59512  -7.69376  0.472 22.19506  ? 297 MET A CG  1 
ATOM   346 C CG  B MET A 1 41 ? 6.86941   15.49802  -7.63807  0.528 20.75540  ? 297 MET A CG  1 
ATOM   347 S SD  A MET A 1 41 ? 7.38897   14.18195  -8.75794  0.472 27.54650  ? 297 MET A SD  1 
ATOM   348 S SD  B MET A 1 41 ? 8.28155   16.00403  -6.63838  0.528 29.28281  ? 297 MET A SD  1 
ATOM   349 C CE  A MET A 1 41 ? 8.36549   14.95657  -10.04155 0.472 19.85639  ? 297 MET A CE  1 
ATOM   350 C CE  B MET A 1 41 ? 9.57083   16.05375  -7.88065  0.528 27.39859  ? 297 MET A CE  1 
ATOM   351 N N   . ALA A 1 42 ? 4.25642   19.18038  -8.79864  1.000 13.91147  ? 298 ALA A N   1 
ATOM   352 C CA  . ALA A 1 42 ? 3.89077   20.33242  -9.61493  1.000 14.99532  ? 298 ALA A CA  1 
ATOM   353 C C   . ALA A 1 42 ? 3.76348   21.60172  -8.78273  1.000 19.27834  ? 298 ALA A C   1 
ATOM   354 O O   . ALA A 1 42 ? 4.08121   22.69205  -9.26986  1.000 27.11072  ? 298 ALA A O   1 
ATOM   355 C CB  . ALA A 1 42 ? 2.58500   20.05592  -10.36015 1.000 12.78112  ? 298 ALA A CB  1 
ATOM   356 N N   . ILE A 1 43 ? 3.30542   21.48612  -7.53993  1.000 22.54375  ? 299 ILE A N   1 
ATOM   357 C CA  . ILE A 1 43 ? 3.07662   22.65531  -6.69490  1.000 25.97083  ? 299 ILE A CA  1 
ATOM   358 C C   . ILE A 1 43 ? 4.33293   23.04793  -5.93119  1.000 34.54655  ? 299 ILE A C   1 
ATOM   359 O O   . ILE A 1 43 ? 4.79453   24.18842  -6.02053  1.000 36.09766  ? 299 ILE A O   1 
ATOM   360 C CB  . ILE A 1 43 ? 1.90045   22.38988  -5.73166  1.000 28.72119  ? 299 ILE A CB  1 
ATOM   361 C CG1 . ILE A 1 43 ? 0.61052   22.14808  -6.51538  1.000 25.52129  ? 299 ILE A CG1 1 
ATOM   362 C CG2 . ILE A 1 43 ? 1.73697   23.54984  -4.75923  1.000 33.80188  ? 299 ILE A CG2 1 
ATOM   363 C CD1 . ILE A 1 43 ? -0.55821  21.73275  -5.65089  1.000 28.53021  ? 299 ILE A CD1 1 
ATOM   364 N N   . GLY A 1 44 ? 4.89652   22.11997  -5.16358  1.000 46.75887  ? 300 GLY A N   1 
ATOM   365 C CA  . GLY A 1 44 ? 6.01752   22.42347  -4.29154  1.000 54.08448  ? 300 GLY A CA  1 
ATOM   366 C C   . GLY A 1 44 ? 7.35649   22.55241  -4.98801  1.000 63.34740  ? 300 GLY A C   1 
ATOM   367 O O   . GLY A 1 44 ? 8.39722   22.27803  -4.39008  1.000 67.85323  ? 300 GLY A O   1 
ATOM   368 N N   . SER B 1 1  ? -10.69692 31.67602  8.74553   1.000 90.31481  ? 257 SER B N   1 
ATOM   369 C CA  . SER B 1 1  ? -10.03485 32.80661  8.10728   1.000 88.13571  ? 257 SER B CA  1 
ATOM   370 C C   . SER B 1 1  ? -8.97735  32.32312  7.11674   1.000 81.06052  ? 257 SER B C   1 
ATOM   371 O O   . SER B 1 1  ? -8.73115  31.12506  6.98791   1.000 81.93080  ? 257 SER B O   1 
ATOM   372 C CB  . SER B 1 1  ? -9.40269  33.72492  9.15613   1.000 92.77184  ? 257 SER B CB  1 
ATOM   373 O OG  . SER B 1 1  ? -8.43137  34.57953  8.57370   1.000 93.88208  ? 257 SER B OG  1 
ATOM   374 N N   . ASP B 1 2  ? -8.35641  33.27114  6.41190   1.000 75.65653  ? 258 ASP B N   1 
ATOM   375 C CA  . ASP B 1 2  ? -7.37479  32.91559  5.39263   1.000 72.59886  ? 258 ASP B CA  1 
ATOM   376 C C   . ASP B 1 2  ? -6.12674  32.29415  6.00498   1.000 67.47481  ? 258 ASP B C   1 
ATOM   377 O O   . ASP B 1 2  ? -5.47892  31.45519  5.36909   1.000 62.80510  ? 258 ASP B O   1 
ATOM   378 C CB  . ASP B 1 2  ? -7.00438  34.14976  4.56696   1.000 77.05031  ? 258 ASP B CB  1 
ATOM   379 C CG  . ASP B 1 2  ? -7.95945  34.38601  3.41278   1.000 82.68381  ? 258 ASP B CG  1 
ATOM   380 O OD1 . ASP B 1 2  ? -9.17317  34.16216  3.59735   1.000 86.31013  ? 258 ASP B OD1 1 
ATOM   381 O OD2 . ASP B 1 2  ? -7.50331  34.79940  2.32684   1.000 81.03357  ? 258 ASP B OD2 1 
ATOM   382 N N   . VAL B 1 3  ? -5.77113  32.69191  7.22738   1.000 59.19898  ? 259 VAL B N   1 
ATOM   383 C CA  . VAL B 1 3  ? -4.59965  32.11532  7.87862   1.000 52.64872  ? 259 VAL B CA  1 
ATOM   384 C C   . VAL B 1 3  ? -4.86013  30.66041  8.25190   1.000 51.71406  ? 259 VAL B C   1 
ATOM   385 O O   . VAL B 1 3  ? -4.02289  29.78387  8.00505   1.000 47.12029  ? 259 VAL B O   1 
ATOM   386 C CB  . VAL B 1 3  ? -4.19141  32.95636  9.10173   1.000 51.36417  ? 259 VAL B CB  1 
ATOM   387 C CG1 . VAL B 1 3  ? -3.04015  32.29108  9.83517   1.000 50.68649  ? 259 VAL B CG1 1 
ATOM   388 C CG2 . VAL B 1 3  ? -3.79892  34.35823  8.66548   1.000 57.76877  ? 259 VAL B CG2 1 
ATOM   389 N N   . GLU B 1 4  ? -6.02389  30.37400  8.84558   1.000 56.33699  ? 260 GLU B N   1 
ATOM   390 C CA  . GLU B 1 4  ? -6.33443  28.98867  9.18920   1.000 61.12273  ? 260 GLU B CA  1 
ATOM   391 C C   . GLU B 1 4  ? -6.46206  28.12679  7.93926   1.000 53.45178  ? 260 GLU B C   1 
ATOM   392 O O   . GLU B 1 4  ? -6.10009  26.94416  7.95471   1.000 48.92690  ? 260 GLU B O   1 
ATOM   393 C CB  . GLU B 1 4  ? -7.60115  28.91259  10.04860  1.000 75.57825  ? 260 GLU B CB  1 
ATOM   394 C CG  . GLU B 1 4  ? -8.93440  29.02450  9.31469   1.000 93.08557  ? 260 GLU B CG  1 
ATOM   395 C CD  . GLU B 1 4  ? -9.54721  27.68118  8.95229   1.000 100.14037 ? 260 GLU B CD  1 
ATOM   396 O OE1 . GLU B 1 4  ? -10.65993 27.67515  8.38457   1.000 100.59146 ? 260 GLU B OE1 1 
ATOM   397 O OE2 . GLU B 1 4  ? -8.91304  26.63701  9.21012   1.000 104.74163 ? 260 GLU B OE2 1 
ATOM   398 N N   A ASN B 1 5  ? -6.96991  28.70259  6.84620   0.525 48.43755  ? 261 ASN B N   1 
ATOM   399 N N   B ASN B 1 5  ? -6.94902  28.70597  6.83940   0.475 48.49848  ? 261 ASN B N   1 
ATOM   400 C CA  A ASN B 1 5  ? -7.07419  27.96038  5.59419   0.525 44.90037  ? 261 ASN B CA  1 
ATOM   401 C CA  B ASN B 1 5  ? -7.07302  27.94137  5.60369   0.475 44.86289  ? 261 ASN B CA  1 
ATOM   402 C C   A ASN B 1 5  ? -5.69786  27.63979  5.02946   0.525 42.11108  ? 261 ASN B C   1 
ATOM   403 C C   B ASN B 1 5  ? -5.70554  27.64842  4.99886   0.475 42.11650  ? 261 ASN B C   1 
ATOM   404 O O   A ASN B 1 5  ? -5.45920  26.52593  4.54761   0.525 37.98913  ? 261 ASN B O   1 
ATOM   405 O O   B ASN B 1 5  ? -5.47880  26.55630  4.46601   0.475 38.00553  ? 261 ASN B O   1 
ATOM   406 C CB  A ASN B 1 5  ? -7.89289  28.75840  4.58012   0.525 44.14673  ? 261 ASN B CB  1 
ATOM   407 C CB  B ASN B 1 5  ? -7.95871  28.69039  4.60858   0.475 44.22177  ? 261 ASN B CB  1 
ATOM   408 C CG  A ASN B 1 5  ? -9.37278  28.77950  4.90950   0.525 48.82044  ? 261 ASN B CG  1 
ATOM   409 C CG  B ASN B 1 5  ? -8.58875  27.76891  3.58373   0.475 42.88309  ? 261 ASN B CG  1 
ATOM   410 O OD1 A ASN B 1 5  ? -9.87034  27.92949  5.65076   0.525 50.90905  ? 261 ASN B OD1 1 
ATOM   411 O OD1 B ASN B 1 5  ? -9.30438  26.83086  3.93430   0.475 46.21654  ? 261 ASN B OD1 1 
ATOM   412 N ND2 A ASN B 1 5  ? -10.08294 29.76693  4.37219   0.525 51.07728  ? 261 ASN B ND2 1 
ATOM   413 N ND2 B ASN B 1 5  ? -8.32692  28.03234  2.30896   0.475 39.36827  ? 261 ASN B ND2 1 
ATOM   414 N N   . PHE B 1 6  ? -4.77992  28.60792  5.07599   1.000 38.20154  ? 262 PHE B N   1 
ATOM   415 C CA  . PHE B 1 6  ? -3.42959  28.37243  4.57637   1.000 37.14008  ? 262 PHE B CA  1 
ATOM   416 C C   . PHE B 1 6  ? -2.70311  27.34250  5.43070   1.000 39.53351  ? 262 PHE B C   1 
ATOM   417 O O   . PHE B 1 6  ? -1.96404  26.50116  4.90607   1.000 35.81103  ? 262 PHE B O   1 
ATOM   418 C CB  . PHE B 1 6  ? -2.64603  29.68423  4.54415   1.000 42.51122  ? 262 PHE B CB  1 
ATOM   419 C CG  . PHE B 1 6  ? -2.92598  30.53215  3.33648   1.000 44.40010  ? 262 PHE B CG  1 
ATOM   420 C CD1 . PHE B 1 6  ? -3.36953  29.95897  2.15706   1.000 43.97798  ? 262 PHE B CD1 1 
ATOM   421 C CD2 . PHE B 1 6  ? -2.74756  31.90568  3.38297   1.000 55.84125  ? 262 PHE B CD2 1 
ATOM   422 C CE1 . PHE B 1 6  ? -3.62903  30.73854  1.04598   1.000 47.75705  ? 262 PHE B CE1 1 
ATOM   423 C CE2 . PHE B 1 6  ? -3.00574  32.69142  2.27475   1.000 58.92929  ? 262 PHE B CE2 1 
ATOM   424 C CZ  . PHE B 1 6  ? -3.44726  32.10632  1.10477   1.000 54.35909  ? 262 PHE B CZ  1 
ATOM   425 N N   . GLU B 1 7  ? -2.90086  27.39845  6.75065   1.000 39.72924  ? 263 GLU B N   1 
ATOM   426 C CA  . GLU B 1 7  ? -2.28536  26.42004  7.64086   1.000 40.29157  ? 263 GLU B CA  1 
ATOM   427 C C   . GLU B 1 7  ? -2.81220  25.01863  7.36183   1.000 38.36439  ? 263 GLU B C   1 
ATOM   428 O O   . GLU B 1 7  ? -2.04500  24.04878  7.34425   1.000 37.42146  ? 263 GLU B O   1 
ATOM   429 C CB  . GLU B 1 7  ? -2.54140  26.80860  9.09712   1.000 43.28621  ? 263 GLU B CB  1 
ATOM   430 C CG  . GLU B 1 7  ? -1.54878  27.81136  9.65874   1.000 56.73904  ? 263 GLU B CG  1 
ATOM   431 C CD  . GLU B 1 7  ? -1.90721  28.26157  11.06223  1.000 63.68703  ? 263 GLU B CD  1 
ATOM   432 O OE1 . GLU B 1 7  ? -2.91808  27.76942  11.60653  1.000 61.45668  ? 263 GLU B OE1 1 
ATOM   433 O OE2 . GLU B 1 7  ? -1.18149  29.11190  11.61912  1.000 65.87971  ? 263 GLU B OE2 1 
ATOM   434 N N   . ARG B 1 8  ? -4.12243  24.89492  7.13935   1.000 37.86340  ? 264 ARG B N   1 
ATOM   435 C CA  . ARG B 1 8  ? -4.70296  23.59778  6.81043   1.000 40.89154  ? 264 ARG B CA  1 
ATOM   436 C C   . ARG B 1 8  ? -4.18769  23.08680  5.47041   1.000 33.34660  ? 264 ARG B C   1 
ATOM   437 O O   . ARG B 1 8  ? -3.94835  21.88465  5.30520   1.000 31.96869  ? 264 ARG B O   1 
ATOM   438 C CB  . ARG B 1 8  ? -6.22867  23.70302  6.79830   1.000 44.18512  ? 264 ARG B CB  1 
ATOM   439 C CG  . ARG B 1 8  ? -6.94214  22.51297  6.17883   1.000 48.47197  ? 264 ARG B CG  1 
ATOM   440 C CD  . ARG B 1 8  ? -8.43832  22.76447  6.07706   1.000 57.55052  ? 264 ARG B CD  1 
ATOM   441 N NE  . ARG B 1 8  ? -8.74843  23.80944  5.10440   1.000 63.17893  ? 264 ARG B NE  1 
ATOM   442 C CZ  . ARG B 1 8  ? -8.86832  23.60419  3.79641   1.000 63.05277  ? 264 ARG B CZ  1 
ATOM   443 N NH1 . ARG B 1 8  ? -8.70652  22.38698  3.29494   1.000 56.53915  ? 264 ARG B NH1 1 
ATOM   444 N NH2 . ARG B 1 8  ? -9.15130  24.61706  2.98847   1.000 65.79402  ? 264 ARG B NH2 1 
ATOM   445 N N   . LEU B 1 9  ? -4.00522  23.98662  4.50072   1.000 32.62361  ? 265 LEU B N   1 
ATOM   446 C CA  . LEU B 1 9  ? -3.55582  23.55989  3.17990   1.000 31.33950  ? 265 LEU B CA  1 
ATOM   447 C C   . LEU B 1 9  ? -2.08344  23.17417  3.18051   1.000 29.85134  ? 265 LEU B C   1 
ATOM   448 O O   . LEU B 1 9  ? -1.68683  22.25928  2.44927   1.000 27.94757  ? 265 LEU B O   1 
ATOM   449 C CB  . LEU B 1 9  ? -3.82372  24.65744  2.15346   1.000 29.69598  ? 265 LEU B CB  1 
ATOM   450 C CG  . LEU B 1 9  ? -5.28747  24.75808  1.72314   1.000 45.30272  ? 265 LEU B CG  1 
ATOM   451 C CD1 . LEU B 1 9  ? -5.49706  25.94512  0.80822   1.000 41.69863  ? 265 LEU B CD1 1 
ATOM   452 C CD2 . LEU B 1 9  ? -5.72928  23.47024  1.04587   1.000 37.54847  ? 265 LEU B CD2 1 
ATOM   453 N N   . PHE B 1 10 ? -1.25937  23.85753  3.97879   1.000 31.79500  ? 266 PHE B N   1 
ATOM   454 C CA  . PHE B 1 10 ? 0.11354   23.40461  4.16613   1.000 36.25911  ? 266 PHE B CA  1 
ATOM   455 C C   . PHE B 1 10 ? 0.13375   22.01044  4.77409   1.000 37.52850  ? 266 PHE B C   1 
ATOM   456 O O   . PHE B 1 10 ? 0.91120   21.14838  4.34911   1.000 37.00469  ? 266 PHE B O   1 
ATOM   457 C CB  . PHE B 1 10 ? 0.88135   24.39017  5.05003   1.000 34.37983  ? 266 PHE B CB  1 
ATOM   458 C CG  . PHE B 1 10 ? 2.25705   23.91723  5.44194   1.000 34.91507  ? 266 PHE B CG  1 
ATOM   459 C CD1 . PHE B 1 10 ? 3.34867   24.16934  4.62466   1.000 41.37223  ? 266 PHE B CD1 1 
ATOM   460 C CD2 . PHE B 1 10 ? 2.46099   23.22524  6.62629   1.000 40.17823  ? 266 PHE B CD2 1 
ATOM   461 C CE1 . PHE B 1 10 ? 4.61771   23.73672  4.97987   1.000 44.03494  ? 266 PHE B CE1 1 
ATOM   462 C CE2 . PHE B 1 10 ? 3.72633   22.78871  6.98553   1.000 41.04526  ? 266 PHE B CE2 1 
ATOM   463 C CZ  . PHE B 1 10 ? 4.80559   23.04610  6.16170   1.000 41.92071  ? 266 PHE B CZ  1 
ATOM   464 N N   . SER B 1 11 ? -0.71492  21.77629  5.77826   1.000 35.46248  ? 267 SER B N   1 
ATOM   465 C CA  . SER B 1 11 ? -0.84473  20.43648  6.33385   1.000 32.45072  ? 267 SER B CA  1 
ATOM   466 C C   . SER B 1 11 ? -1.22595  19.43355  5.25552   1.000 33.89296  ? 267 SER B C   1 
ATOM   467 O O   . SER B 1 11 ? -0.70788  18.31066  5.24580   1.000 28.85016  ? 267 SER B O   1 
ATOM   468 C CB  . SER B 1 11 ? -1.86653  20.44335  7.47462   1.000 34.31635  ? 267 SER B CB  1 
ATOM   469 O OG  . SER B 1 11 ? -1.35985  21.18637  8.57125   1.000 51.39855  ? 267 SER B OG  1 
ATOM   470 N N   . LYS B 1 12 ? -2.10871  19.83205  4.33495   1.000 28.60233  ? 268 LYS B N   1 
ATOM   471 C CA  . LYS B 1 12 ? -2.49475  18.96029  3.23146   1.000 26.16644  ? 268 LYS B CA  1 
ATOM   472 C C   . LYS B 1 12 ? -1.31690  18.68526  2.30181   1.000 29.20684  ? 268 LYS B C   1 
ATOM   473 O O   . LYS B 1 12 ? -1.14862  17.55972  1.81847   1.000 28.90565  ? 268 LYS B O   1 
ATOM   474 C CB  . LYS B 1 12 ? -3.65815  19.59209  2.46650   1.000 29.08551  ? 268 LYS B CB  1 
ATOM   475 C CG  . LYS B 1 12 ? -3.87581  19.04826  1.06435   1.000 34.71630  ? 268 LYS B CG  1 
ATOM   476 C CD  . LYS B 1 12 ? -4.50040  17.66458  1.08150   1.000 43.93620  ? 268 LYS B CD  1 
ATOM   477 C CE  . LYS B 1 12 ? -5.31907  17.44232  -0.17733  1.000 46.83379  ? 268 LYS B CE  1 
ATOM   478 N NZ  . LYS B 1 12 ? -5.93286  16.09216  -0.20027  1.000 46.61315  ? 268 LYS B NZ  1 
ATOM   479 N N   . LEU B 1 13 ? -0.49581  19.70433  2.03094   1.000 28.93205  ? 269 LEU B N   1 
ATOM   480 C CA  . LEU B 1 13 ? 0.67763   19.50564  1.18362   1.000 28.62343  ? 269 LEU B CA  1 
ATOM   481 C C   . LEU B 1 13 ? 1.69157   18.58380  1.85079   1.000 29.36556  ? 269 LEU B C   1 
ATOM   482 O O   . LEU B 1 13 ? 2.34703   17.77922  1.17699   1.000 24.33187  ? 269 LEU B O   1 
ATOM   483 C CB  . LEU B 1 13 ? 1.31791   20.85261  0.85370   1.000 27.76354  ? 269 LEU B CB  1 
ATOM   484 C CG  . LEU B 1 13 ? 0.57085   21.72939  -0.15206  1.000 30.59687  ? 269 LEU B CG  1 
ATOM   485 C CD1 . LEU B 1 13 ? 1.32166   23.02985  -0.39734  1.000 37.36896  ? 269 LEU B CD1 1 
ATOM   486 C CD2 . LEU B 1 13 ? 0.34315   20.98400  -1.45743  1.000 27.29552  ? 269 LEU B CD2 1 
ATOM   487 N N   . LYS B 1 14 ? 1.84076   18.69309  3.17363   1.000 26.44141  ? 270 LYS B N   1 
ATOM   488 C CA  . LYS B 1 14 ? 2.70668   17.76884  3.89859   1.000 33.49692  ? 270 LYS B CA  1 
ATOM   489 C C   . LYS B 1 14 ? 2.16020   16.34765  3.83326   1.000 30.69661  ? 270 LYS B C   1 
ATOM   490 O O   . LYS B 1 14 ? 2.92475   15.38373  3.71039   1.000 29.64252  ? 270 LYS B O   1 
ATOM   491 C CB  . LYS B 1 14 ? 2.86121   18.22412  5.35087   1.000 29.69599  ? 270 LYS B CB  1 
ATOM   492 C CG  . LYS B 1 14 ? 3.62389   17.25075  6.23435   1.000 39.89219  ? 270 LYS B CG  1 
ATOM   493 C CD  . LYS B 1 14 ? 4.59060   17.98159  7.15369   1.000 48.22430  ? 270 LYS B CD  1 
ATOM   494 C CE  . LYS B 1 14 ? 5.30460   17.01558  8.08477   1.000 56.03978  ? 270 LYS B CE  1 
ATOM   495 N NZ  . LYS B 1 14 ? 6.00817   15.94222  7.33022   1.000 61.10341  ? 270 LYS B NZ  1 
ATOM   496 N N   . GLU B 1 15 ? 0.83589   16.20111  3.91776   1.000 28.91383  ? 271 GLU B N   1 
ATOM   497 C CA  . GLU B 1 15 ? 0.20906   14.89669  3.72134   1.000 28.84686  ? 271 GLU B CA  1 
ATOM   498 C C   . GLU B 1 15 ? 0.54832   14.32661  2.35037   1.000 30.00184  ? 271 GLU B C   1 
ATOM   499 O O   . GLU B 1 15 ? 0.89262   13.14516  2.22124   1.000 28.77218  ? 271 GLU B O   1 
ATOM   500 C CB  . GLU B 1 15 ? -1.30541  15.02161  3.88841   1.000 41.70690  ? 271 GLU B CB  1 
ATOM   501 C CG  . GLU B 1 15 ? -2.05290  13.70141  3.93966   1.000 65.04513  ? 271 GLU B CG  1 
ATOM   502 C CD  . GLU B 1 15 ? -3.39694  13.78412  3.24505   1.000 86.70684  ? 271 GLU B CD  1 
ATOM   503 O OE1 . GLU B 1 15 ? -4.33110  13.05784  3.64680   1.000 93.44590  ? 271 GLU B OE1 1 
ATOM   504 O OE2 . GLU B 1 15 ? -3.51510  14.58244  2.29247   1.000 93.11035  ? 271 GLU B OE2 1 
ATOM   505 N N   . MET B 1 16 ? 0.45723   15.15889  1.31030   1.000 24.78543  ? 272 MET B N   1 
ATOM   506 C CA  . MET B 1 16 ? 0.75606   14.69873  -0.04109  1.000 23.64195  ? 272 MET B CA  1 
ATOM   507 C C   . MET B 1 16 ? 2.22859   14.34068  -0.18774  1.000 23.97184  ? 272 MET B C   1 
ATOM   508 O O   . MET B 1 16 ? 2.57335   13.35165  -0.84566  1.000 20.48680  ? 272 MET B O   1 
ATOM   509 C CB  . MET B 1 16 ? 0.36210   15.77304  -1.05218  1.000 23.09758  ? 272 MET B CB  1 
ATOM   510 C CG  . MET B 1 16 ? -1.13619  15.93315  -1.23197  1.000 32.92122  ? 272 MET B CG  1 
ATOM   511 S SD  . MET B 1 16 ? -1.55666  17.48851  -2.03860  1.000 39.95444  ? 272 MET B SD  1 
ATOM   512 C CE  . MET B 1 16 ? -0.28109  17.57837  -3.28952  1.000 27.14455  ? 272 MET B CE  1 
ATOM   513 N N   . LYS B 1 17 ? 3.11178   15.14013  0.41579   1.000 21.72307  ? 273 LYS B N   1 
ATOM   514 C CA  . LYS B 1 17 ? 4.53772   14.83089  0.39102   1.000 29.53041  ? 273 LYS B CA  1 
ATOM   515 C C   . LYS B 1 17 ? 4.82384   13.48606  1.04683   1.000 30.24273  ? 273 LYS B C   1 
ATOM   516 O O   . LYS B 1 17 ? 5.63135   12.69827  0.53980   1.000 27.93023  ? 273 LYS B O   1 
ATOM   517 C CB  . LYS B 1 17 ? 5.32284   15.94317  1.08628   1.000 32.64737  ? 273 LYS B CB  1 
ATOM   518 C CG  . LYS B 1 17 ? 6.78950   16.01078  0.70233   1.000 42.00956  ? 273 LYS B CG  1 
ATOM   519 C CD  . LYS B 1 17 ? 7.59980   16.72527  1.77304   1.000 48.89976  ? 273 LYS B CD  1 
ATOM   520 C CE  . LYS B 1 17 ? 9.06428   16.83249  1.38265   1.000 57.87339  ? 273 LYS B CE  1 
ATOM   521 N NZ  . LYS B 1 17 ? 9.94198   17.01693  2.57192   1.000 68.24333  ? 273 LYS B NZ  1 
ATOM   522 N N   . ASP B 1 18 ? 4.16719   13.20470  2.17475   1.000 28.67212  ? 274 ASP B N   1 
ATOM   523 C CA  . ASP B 1 18 ? 4.40409   11.94704  2.87600   1.000 32.69811  ? 274 ASP B CA  1 
ATOM   524 C C   . ASP B 1 18 ? 3.85613   10.76246  2.09015   1.000 34.13462  ? 274 ASP B C   1 
ATOM   525 O O   . ASP B 1 18 ? 4.47697   9.69338   2.05778   1.000 36.60199  ? 274 ASP B O   1 
ATOM   526 C CB  . ASP B 1 18 ? 3.78527   12.00229  4.27167   1.000 32.20154  ? 274 ASP B CB  1 
ATOM   527 C CG  . ASP B 1 18 ? 4.48520   12.99508  5.17893   1.000 46.62505  ? 274 ASP B CG  1 
ATOM   528 O OD1 . ASP B 1 18 ? 5.70616   13.19934  5.00879   1.000 49.41615  ? 274 ASP B OD1 1 
ATOM   529 O OD2 . ASP B 1 18 ? 3.81470   13.57277  6.06064   1.000 52.01613  ? 274 ASP B OD2 1 
ATOM   530 N N   . LYS B 1 19 ? 2.69159   10.92997  1.45702   1.000 29.33180  ? 275 LYS B N   1 
ATOM   531 C CA  . LYS B 1 19 ? 2.16851   9.88368   0.58394   1.000 29.20697  ? 275 LYS B CA  1 
ATOM   532 C C   . LYS B 1 19 ? 3.13026   9.59479   -0.56090  1.000 26.32044  ? 275 LYS B C   1 
ATOM   533 O O   . LYS B 1 19 ? 3.34641   8.43254   -0.92359  1.000 31.73509  ? 275 LYS B O   1 
ATOM   534 C CB  . LYS B 1 19 ? 0.79987   10.28780  0.03646   1.000 29.84672  ? 275 LYS B CB  1 
ATOM   535 C CG  . LYS B 1 19 ? -0.36632  9.97729   0.95778   1.000 37.42621  ? 275 LYS B CG  1 
ATOM   536 C CD  . LYS B 1 19 ? -1.68717  10.35341  0.30433   1.000 41.45035  ? 275 LYS B CD  1 
ATOM   537 C CE  . LYS B 1 19 ? -2.63828  10.98735  1.30519   1.000 50.08923  ? 275 LYS B CE  1 
ATOM   538 N NZ  . LYS B 1 19 ? -4.04071  10.52331  1.11487   1.000 53.88052  ? 275 LYS B NZ  1 
ATOM   539 N N   . ALA B 1 20 ? 3.71679   10.64414  -1.14240  1.000 23.55800  ? 276 ALA B N   1 
ATOM   540 C CA  . ALA B 1 20 ? 4.68002   10.45777  -2.22315  1.000 22.83126  ? 276 ALA B CA  1 
ATOM   541 C C   . ALA B 1 20 ? 5.91872   9.71339   -1.74094  1.000 27.00408  ? 276 ALA B C   1 
ATOM   542 O O   . ALA B 1 20 ? 6.48830   8.89744   -2.47557  1.000 23.86482  ? 276 ALA B O   1 
ATOM   543 C CB  . ALA B 1 20 ? 5.06893   11.81131  -2.81505  1.000 23.75636  ? 276 ALA B CB  1 
ATOM   544 N N   . ALA B 1 21 ? 6.35550   9.98499   -0.50903  1.000 27.57414  ? 277 ALA B N   1 
ATOM   545 C CA  . ALA B 1 21 ? 7.50123   9.26725   0.04033   1.000 26.55995  ? 277 ALA B CA  1 
ATOM   546 C C   . ALA B 1 21 ? 7.17066   7.80614   0.31901   1.000 25.56592  ? 277 ALA B C   1 
ATOM   547 O O   . ALA B 1 21 ? 8.06160   6.94962   0.27078   1.000 35.69113  ? 277 ALA B O   1 
ATOM   548 C CB  . ALA B 1 21 ? 7.99076   9.95168   1.31550   1.000 26.95349  ? 277 ALA B CB  1 
ATOM   549 N N   . THR B 1 22 ? 5.90190   7.50335   0.60151   1.000 29.69281  ? 278 THR B N   1 
ATOM   550 C CA  . THR B 1 22 ? 5.47081   6.13278   0.85156   1.000 33.51994  ? 278 THR B CA  1 
ATOM   551 C C   . THR B 1 22 ? 5.40365   5.30223   -0.42813  1.000 36.27733  ? 278 THR B C   1 
ATOM   552 O O   . THR B 1 22 ? 5.36785   4.06802   -0.35505  1.000 34.64962  ? 278 THR B O   1 
ATOM   553 C CB  . THR B 1 22 ? 4.10176   6.14874   1.55040   1.000 48.20576  ? 278 THR B CB  1 
ATOM   554 O OG1 . THR B 1 22 ? 4.15333   7.03822   2.67220   1.000 57.75224  ? 278 THR B OG1 1 
ATOM   555 C CG2 . THR B 1 22 ? 3.71836   4.76657   2.05867   1.000 66.08023  ? 278 THR B CG2 1 
ATOM   556 N N   . LEU B 1 23 ? 5.42006   5.95080   -1.59272  1.000 24.15891  ? 279 LEU B N   1 
ATOM   557 C CA  . LEU B 1 23 ? 5.12918   5.25224   -2.84275  1.000 26.10744  ? 279 LEU B CA  1 
ATOM   558 C C   . LEU B 1 23 ? 6.08470   4.10339   -3.16400  1.000 20.99467  ? 279 LEU B C   1 
ATOM   559 O O   . LEU B 1 23 ? 5.59282   3.03390   -3.56340  1.000 21.65951  ? 279 LEU B O   1 
ATOM   560 C CB  . LEU B 1 23 ? 5.08752   6.26901   -3.99156  1.000 19.81763  ? 279 LEU B CB  1 
ATOM   561 C CG  . LEU B 1 23 ? 4.74184   5.75290   -5.38863  1.000 24.96353  ? 279 LEU B CG  1 
ATOM   562 C CD1 . LEU B 1 23 ? 3.44822   4.95200   -5.36940  1.000 18.84071  ? 279 LEU B CD1 1 
ATOM   563 C CD2 . LEU B 1 23 ? 4.63549   6.91911   -6.35872  1.000 23.94698  ? 279 LEU B CD2 1 
ATOM   564 N N   . PRO B 1 24 ? 7.41394   4.23297   -3.03629  1.000 24.35206  ? 280 PRO B N   1 
ATOM   565 C CA  . PRO B 1 24 ? 8.27169   3.07462   -3.35581  1.000 26.73574  ? 280 PRO B CA  1 
ATOM   566 C C   . PRO B 1 24 ? 8.02674   1.87424   -2.45700  1.000 27.15411  ? 280 PRO B C   1 
ATOM   567 O O   . PRO B 1 24 ? 8.02008   0.73430   -2.93977  1.000 23.67807  ? 280 PRO B O   1 
ATOM   568 C CB  . PRO B 1 24 ? 9.69366   3.63041   -3.18683  1.000 29.54796  ? 280 PRO B CB  1 
ATOM   569 C CG  . PRO B 1 24 ? 9.55146   5.10473   -3.30246  1.000 33.56467  ? 280 PRO B CG  1 
ATOM   570 C CD  . PRO B 1 24 ? 8.21602   5.42661   -2.71402  1.000 31.98324  ? 280 PRO B CD  1 
ATOM   571 N N   . HIS B 1 25 ? 7.83455   2.09959   -1.15485  1.000 23.74448  ? 281 HIS B N   1 
ATOM   572 C CA  . HIS B 1 25 ? 7.49743   1.00325   -0.25181  1.000 27.73294  ? 281 HIS B CA  1 
ATOM   573 C C   . HIS B 1 25 ? 6.15729   0.38510   -0.62484  1.000 32.03085  ? 281 HIS B C   1 
ATOM   574 O O   . HIS B 1 25 ? 5.96773   -0.83317  -0.51702  1.000 25.52116  ? 281 HIS B O   1 
ATOM   575 C CB  . HIS B 1 25 ? 7.47473   1.51202   1.18982   1.000 32.00164  ? 281 HIS B CB  1 
ATOM   576 C CG  . HIS B 1 25 ? 6.72500   0.62717   2.13550   1.000 39.57202  ? 281 HIS B CG  1 
ATOM   577 N ND1 . HIS B 1 25 ? 7.28385   -0.49762  2.70219   1.000 42.31938  ? 281 HIS B ND1 1 
ATOM   578 C CD2 . HIS B 1 25 ? 5.46350   0.70646   2.62150   1.000 43.09276  ? 281 HIS B CD2 1 
ATOM   579 C CE1 . HIS B 1 25 ? 6.39804   -1.07563  3.49353   1.000 46.52308  ? 281 HIS B CE1 1 
ATOM   580 N NE2 . HIS B 1 25 ? 5.28500   -0.36508  3.46227   1.000 44.31126  ? 281 HIS B NE2 1 
ATOM   581 N N   . GLU B 1 26 ? 5.21990   1.21723   -1.07876  1.000 17.42493  ? 282 GLU B N   1 
ATOM   582 C CA  . GLU B 1 26 ? 3.89955   0.73354   -1.46083  1.000 21.78153  ? 282 GLU B CA  1 
ATOM   583 C C   . GLU B 1 26 ? 3.95766   -0.10038  -2.73206  1.000 19.72049  ? 282 GLU B C   1 
ATOM   584 O O   . GLU B 1 26 ? 3.22591   -1.08805  -2.86818  1.000 18.34982  ? 282 GLU B O   1 
ATOM   585 C CB  . GLU B 1 26 ? 2.95515   1.91819   -1.63607  1.000 21.91770  ? 282 GLU B CB  1 
ATOM   586 C CG  . GLU B 1 26 ? 2.30432   2.32219   -0.34222  1.000 36.81384  ? 282 GLU B CG  1 
ATOM   587 C CD  . GLU B 1 26 ? 1.34234   1.27099   0.14727   1.000 46.72776  ? 282 GLU B CD  1 
ATOM   588 O OE1 . GLU B 1 26 ? 0.67522   0.64528   -0.70384  1.000 53.88971  ? 282 GLU B OE1 1 
ATOM   589 O OE2 . GLU B 1 26 ? 1.26010   1.06346   1.37600   1.000 45.85439  ? 282 GLU B OE2 1 
ATOM   590 N N   . GLN B 1 27 ? 4.82171   0.28152   -3.67311  1.000 16.28616  ? 283 GLN B N   1 
ATOM   591 C CA  . GLN B 1 27 ? 4.94011   -0.46957  -4.91626  1.000 19.55791  ? 283 GLN B CA  1 
ATOM   592 C C   . GLN B 1 27 ? 5.62567   -1.81277  -4.69716  1.000 18.23840  ? 283 GLN B C   1 
ATOM   593 O O   . GLN B 1 27 ? 5.29717   -2.79137  -5.37727  1.000 18.00115  ? 283 GLN B O   1 
ATOM   594 C CB  . GLN B 1 27 ? 5.69293   0.36283   -5.95374  1.000 14.41599  ? 283 GLN B CB  1 
ATOM   595 C CG  . GLN B 1 27 ? 4.80779   1.35239   -6.69939  1.000 24.82433  ? 283 GLN B CG  1 
ATOM   596 C CD  . GLN B 1 27 ? 5.60101   2.40878   -7.44348  1.000 32.09303  ? 283 GLN B CD  1 
ATOM   597 O OE1 . GLN B 1 27 ? 6.58860   2.93568   -6.93205  1.000 38.13023  ? 283 GLN B OE1 1 
ATOM   598 N NE2 . GLN B 1 27 ? 5.17220   2.72184   -8.66090  1.000 29.87575  ? 283 GLN B NE2 1 
ATOM   599 N N   . ARG B 1 28 ? 6.57453   -1.88221  -3.75984  1.000 17.90788  ? 284 ARG B N   1 
ATOM   600 C CA  . ARG B 1 28 ? 7.17586   -3.16687  -3.41696  1.000 19.13652  ? 284 ARG B CA  1 
ATOM   601 C C   . ARG B 1 28 ? 6.16163   -4.07805  -2.73922  1.000 17.95477  ? 284 ARG B C   1 
ATOM   602 O O   . ARG B 1 28 ? 6.15256   -5.29191  -2.97259  1.000 19.12412  ? 284 ARG B O   1 
ATOM   603 C CB  . ARG B 1 28 ? 8.39313   -2.95638  -2.51551  1.000 20.23267  ? 284 ARG B CB  1 
ATOM   604 C CG  . ARG B 1 28 ? 9.58865   -2.31932  -3.20732  1.000 20.96936  ? 284 ARG B CG  1 
ATOM   605 C CD  . ARG B 1 28 ? 10.81348  -2.31368  -2.30010  1.000 33.02682  ? 284 ARG B CD  1 
ATOM   606 N NE  . ARG B 1 28 ? 10.65944  -1.40306  -1.16796  1.000 42.60498  ? 284 ARG B NE  1 
ATOM   607 C CZ  . ARG B 1 28 ? 11.11493  -0.15415  -1.14446  1.000 42.68179  ? 284 ARG B CZ  1 
ATOM   608 N NH1 . ARG B 1 28 ? 11.75546  0.34014   -2.19448  1.000 37.92172  ? 284 ARG B NH1 1 
ATOM   609 N NH2 . ARG B 1 28 ? 10.92923  0.60253   -0.07127  1.000 39.98904  ? 284 ARG B NH2 1 
ATOM   610 N N   . LYS B 1 29 ? 5.29969   -3.50712  -1.89666  1.000 16.79691  ? 285 LYS B N   1 
ATOM   611 C CA  . LYS B 1 29 ? 4.26176   -4.29507  -1.24253  1.000 16.81879  ? 285 LYS B CA  1 
ATOM   612 C C   . LYS B 1 29 ? 3.24966   -4.82029  -2.25404  1.000 12.58834  ? 285 LYS B C   1 
ATOM   613 O O   . LYS B 1 29 ? 2.75922   -5.94762  -2.12166  1.000 14.12372  ? 285 LYS B O   1 
ATOM   614 C CB  . LYS B 1 29 ? 3.57662   -3.44615  -0.17281  1.000 22.53710  ? 285 LYS B CB  1 
ATOM   615 C CG  . LYS B 1 29 ? 2.66879   -4.20501  0.77203   1.000 37.19085  ? 285 LYS B CG  1 
ATOM   616 C CD  . LYS B 1 29 ? 2.00233   -3.24031  1.73777   1.000 43.89029  ? 285 LYS B CD  1 
ATOM   617 C CE  . LYS B 1 29 ? 1.72269   -3.88830  3.08020   1.000 50.01825  ? 285 LYS B CE  1 
ATOM   618 N NZ  . LYS B 1 29 ? 0.50125   -3.31999  3.71357   1.000 55.19883  ? 285 LYS B NZ  1 
ATOM   619 N N   . VAL B 1 30 ? 2.93348   -4.02161  -3.27690  1.000 12.38239  ? 286 VAL B N   1 
ATOM   620 C CA  . VAL B 1 30 ? 1.99449   -4.46254  -4.30577  1.000 11.24424  ? 286 VAL B CA  1 
ATOM   621 C C   . VAL B 1 30 ? 2.58449   -5.61697  -5.10575  1.000 12.68711  ? 286 VAL B C   1 
ATOM   622 O O   . VAL B 1 30 ? 1.88214   -6.57448  -5.45507  1.000 11.87145  ? 286 VAL B O   1 
ATOM   623 C CB  . VAL B 1 30 ? 1.60313   -3.28078  -5.21430  1.000 19.47791  ? 286 VAL B CB  1 
ATOM   624 C CG1 . VAL B 1 30 ? 1.10648   -3.77747  -6.56363  1.000 14.73403  ? 286 VAL B CG1 1 
ATOM   625 C CG2 . VAL B 1 30 ? 0.53926   -2.42951  -4.54394  1.000 25.20848  ? 286 VAL B CG2 1 
ATOM   626 N N   . HIS B 1 31 ? 3.88215   -5.54817  -5.40841  1.000 13.45050  ? 287 HIS B N   1 
ATOM   627 C CA  . HIS B 1 31 ? 4.52509   -6.63129  -6.14533  1.000 17.26576  ? 287 HIS B CA  1 
ATOM   628 C C   . HIS B 1 31 ? 4.49764   -7.92904  -5.34733  1.000 10.05358  ? 287 HIS B C   1 
ATOM   629 O O   . HIS B 1 31 ? 4.20780   -9.00129  -5.89110  1.000 16.29607  ? 287 HIS B O   1 
ATOM   630 C CB  . HIS B 1 31 ? 5.96189   -6.24952  -6.49709  1.000 20.38668  ? 287 HIS B CB  1 
ATOM   631 C CG  . HIS B 1 31 ? 6.76518   -7.38634  -7.04467  1.000 26.70057  ? 287 HIS B CG  1 
ATOM   632 N ND1 . HIS B 1 31 ? 6.55170   -7.91180  -8.30072  1.000 29.25563  ? 287 HIS B ND1 1 
ATOM   633 C CD2 . HIS B 1 31 ? 7.76812   -8.11304  -6.49791  1.000 27.45905  ? 287 HIS B CD2 1 
ATOM   634 C CE1 . HIS B 1 31 ? 7.39636   -8.90611  -8.50851  1.000 31.05212  ? 287 HIS B CE1 1 
ATOM   635 N NE2 . HIS B 1 31 ? 8.14530   -9.04889  -7.42992  1.000 30.44579  ? 287 HIS B NE2 1 
ATOM   636 N N   . ALA B 1 32 ? 4.80129   -7.84939  -4.04964  1.000 10.18535  ? 288 ALA B N   1 
ATOM   637 C CA  . ALA B 1 32 ? 4.77186   -9.04077  -3.20740  1.000 12.80479  ? 288 ALA B CA  1 
ATOM   638 C C   . ALA B 1 32 ? 3.36811   -9.62860  -3.13112  1.000 15.02703  ? 288 ALA B C   1 
ATOM   639 O O   . ALA B 1 32 ? 3.19957   -10.85388 -3.09813  1.000 14.81216  ? 288 ALA B O   1 
ATOM   640 C CB  . ALA B 1 32 ? 5.29216   -8.70566  -1.81010  1.000 16.16362  ? 288 ALA B CB  1 
ATOM   641 N N   . GLU B 1 33 ? 2.34594   -8.76904  -3.10939  1.000 15.30459  ? 289 GLU B N   1 
ATOM   642 C CA  . GLU B 1 33 ? 0.97075   -9.25387  -3.05724  1.000 18.61560  ? 289 GLU B CA  1 
ATOM   643 C C   . GLU B 1 33 ? 0.53170   -9.84494  -4.39151  1.000 13.01915  ? 289 GLU B C   1 
ATOM   644 O O   . GLU B 1 33 ? -0.26992  -10.78590 -4.41701  1.000 9.13053   ? 289 GLU B O   1 
ATOM   645 C CB  . GLU B 1 33 ? 0.03333   -8.12206  -2.63755  1.000 9.60120   ? 289 GLU B CB  1 
ATOM   646 C CG  . GLU B 1 33 ? 0.11820   -7.77128  -1.15972  1.000 19.26151  ? 289 GLU B CG  1 
ATOM   647 C CD  . GLU B 1 33 ? -0.43919  -6.39495  -0.85230  1.000 27.75642  ? 289 GLU B CD  1 
ATOM   648 O OE1 . GLU B 1 33 ? -0.90798  -5.71968  -1.79198  1.000 32.38044  ? 289 GLU B OE1 1 
ATOM   649 O OE2 . GLU B 1 33 ? -0.40935  -5.98832  0.32828   1.000 28.59358  ? 289 GLU B OE2 1 
ATOM   650 N N   . LYS B 1 34 ? 1.03578   -9.30722  -5.50511  1.000 7.96243   ? 290 LYS B N   1 
ATOM   651 C CA  . LYS B 1 34 ? 0.76912   -9.91645  -6.80461  1.000 10.77655  ? 290 LYS B CA  1 
ATOM   652 C C   . LYS B 1 34 ? 1.38234   -11.30713 -6.88937  1.000 9.83805   ? 290 LYS B C   1 
ATOM   653 O O   . LYS B 1 34 ? 0.75772   -12.24048 -7.40785  1.000 10.10331  ? 290 LYS B O   1 
ATOM   654 C CB  . LYS B 1 34 ? 1.30982   -9.02890  -7.92579  1.000 11.03004  ? 290 LYS B CB  1 
ATOM   655 C CG  . LYS B 1 34 ? 0.50358   -7.76807  -8.17905  1.000 21.33390  ? 290 LYS B CG  1 
ATOM   656 C CD  . LYS B 1 34 ? 1.16439   -6.92373  -9.25513  1.000 15.50991  ? 290 LYS B CD  1 
ATOM   657 C CE  . LYS B 1 34 ? 0.35872   -5.67334  -9.55955  1.000 21.86715  ? 290 LYS B CE  1 
ATOM   658 N NZ  . LYS B 1 34 ? 1.05871   -4.79396  -10.53473 1.000 26.83915  ? 290 LYS B NZ  1 
ATOM   659 N N   . VAL B 1 35 ? 2.61014   -11.46081 -6.38884  1.000 8.31924   ? 291 VAL B N   1 
ATOM   660 C CA  . VAL B 1 35 ? 3.24110   -12.77680 -6.34175  1.000 8.02986   ? 291 VAL B CA  1 
ATOM   661 C C   . VAL B 1 35 ? 2.40883   -13.72760 -5.49070  1.000 9.09036   ? 291 VAL B C   1 
ATOM   662 O O   . VAL B 1 35 ? 2.15670   -14.87616 -5.87477  1.000 10.55430  ? 291 VAL B O   1 
ATOM   663 C CB  . VAL B 1 35 ? 4.68415   -12.65787 -5.81723  1.000 16.31374  ? 291 VAL B CB  1 
ATOM   664 C CG1 . VAL B 1 35 ? 5.19259   -14.00630 -5.32404  1.000 11.61016  ? 291 VAL B CG1 1 
ATOM   665 C CG2 . VAL B 1 35 ? 5.59605   -12.09922 -6.89906  1.000 16.28775  ? 291 VAL B CG2 1 
ATOM   666 N N   . ALA B 1 36 ? 1.95331   -13.25328 -4.32737  1.000 9.86296   ? 292 ALA B N   1 
ATOM   667 C CA  . ALA B 1 36 ? 1.14477   -14.09211 -3.44765  1.000 11.42992  ? 292 ALA B CA  1 
ATOM   668 C C   . ALA B 1 36 ? -0.14804  -14.52450 -4.12661  1.000 13.07152  ? 292 ALA B C   1 
ATOM   669 O O   . ALA B 1 36 ? -0.56177  -15.68408 -4.00725  1.000 12.72460  ? 292 ALA B O   1 
ATOM   670 C CB  . ALA B 1 36 ? 0.84077   -13.35148 -2.14569  1.000 12.02570  ? 292 ALA B CB  1 
ATOM   671 N N   . LYS B 1 37 ? -0.79993  -13.60717 -4.84661  1.000 9.92592   ? 293 LYS B N   1 
ATOM   672 C CA  . LYS B 1 37 ? -2.04013  -13.95962 -5.53017  1.000 13.08578  ? 293 LYS B CA  1 
ATOM   673 C C   . LYS B 1 37 ? -1.79510  -14.99496 -6.61937  1.000 9.35628   ? 293 LYS B C   1 
ATOM   674 O O   . LYS B 1 37 ? -2.60514  -15.90838 -6.80859  1.000 12.69476  ? 293 LYS B O   1 
ATOM   675 C CB  . LYS B 1 37 ? -2.70157  -12.71308 -6.11793  1.000 14.35795  ? 293 LYS B CB  1 
ATOM   676 C CG  . LYS B 1 37 ? -4.02363  -13.00995 -6.81095  1.000 18.46287  ? 293 LYS B CG  1 
ATOM   677 C CD  . LYS B 1 37 ? -4.86000  -11.76084 -7.01265  1.000 38.60363  ? 293 LYS B CD  1 
ATOM   678 C CE  . LYS B 1 37 ? -6.24848  -12.12341 -7.51898  1.000 44.65310  ? 293 LYS B CE  1 
ATOM   679 N NZ  . LYS B 1 37 ? -6.97230  -13.00096 -6.55960  1.000 45.57617  ? 293 LYS B NZ  1 
ATOM   680 N N   . ALA B 1 38 ? -0.68133  -14.87352 -7.34422  1.000 8.56870   ? 294 ALA B N   1 
ATOM   681 C CA  . ALA B 1 38 ? -0.36051  -15.85870 -8.37208  1.000 8.23496   ? 294 ALA B CA  1 
ATOM   682 C C   . ALA B 1 38 ? -0.17568  -17.24346 -7.76188  1.000 10.08536  ? 294 ALA B C   1 
ATOM   683 O O   . ALA B 1 38 ? -0.70080  -18.23766 -8.27640  1.000 13.68612  ? 294 ALA B O   1 
ATOM   684 C CB  . ALA B 1 38 ? 0.89159   -15.42990 -9.13773  1.000 9.18094   ? 294 ALA B CB  1 
ATOM   685 N N   . PHE B 1 39 ? 0.56639   -17.32529 -6.65409  1.000 10.03856  ? 295 PHE B N   1 
ATOM   686 C CA  . PHE B 1 39 ? 0.73682   -18.60410 -5.97052  1.000 11.19442  ? 295 PHE B CA  1 
ATOM   687 C C   . PHE B 1 39 ? -0.58562  -19.10712 -5.40866  1.000 12.12298  ? 295 PHE B C   1 
ATOM   688 O O   . PHE B 1 39 ? -0.88180  -20.30620 -5.47275  1.000 14.32927  ? 295 PHE B O   1 
ATOM   689 C CB  . PHE B 1 39 ? 1.76828   -18.47101 -4.84990  1.000 13.96542  ? 295 PHE B CB  1 
ATOM   690 C CG  . PHE B 1 39 ? 3.19088   -18.55518 -5.31777  1.000 19.71732  ? 295 PHE B CG  1 
ATOM   691 C CD1 . PHE B 1 39 ? 3.79610   -19.78364 -5.51808  1.000 32.55704  ? 295 PHE B CD1 1 
ATOM   692 C CD2 . PHE B 1 39 ? 3.92725   -17.40666 -5.54880  1.000 29.93108  ? 295 PHE B CD2 1 
ATOM   693 C CE1 . PHE B 1 39 ? 5.10808   -19.86346 -5.94608  1.000 31.05983  ? 295 PHE B CE1 1 
ATOM   694 C CE2 . PHE B 1 39 ? 5.23944   -17.48111 -5.97657  1.000 31.44461  ? 295 PHE B CE2 1 
ATOM   695 C CZ  . PHE B 1 39 ? 5.82946   -18.70937 -6.17516  1.000 20.42513  ? 295 PHE B CZ  1 
ATOM   696 N N   . TRP B 1 40 ? -1.39184  -18.20107 -4.85031  1.000 17.36355  ? 296 TRP B N   1 
ATOM   697 C CA  . TRP B 1 40 ? -2.67333  -18.59407 -4.27459  1.000 16.55061  ? 296 TRP B CA  1 
ATOM   698 C C   . TRP B 1 40 ? -3.58523  -19.21471 -5.32482  1.000 23.26644  ? 296 TRP B C   1 
ATOM   699 O O   . TRP B 1 40 ? -4.25335  -20.22093 -5.06025  1.000 19.69121  ? 296 TRP B O   1 
ATOM   700 C CB  . TRP B 1 40 ? -3.34361  -17.38272 -3.62807  1.000 18.24616  ? 296 TRP B CB  1 
ATOM   701 C CG  . TRP B 1 40 ? -4.67597  -17.67962 -3.02042  1.000 22.59471  ? 296 TRP B CG  1 
ATOM   702 C CD1 . TRP B 1 40 ? -5.90117  -17.41709 -3.56152  1.000 27.48619  ? 296 TRP B CD1 1 
ATOM   703 C CD2 . TRP B 1 40 ? -4.92111  -18.29207 -1.74938  1.000 19.60386  ? 296 TRP B CD2 1 
ATOM   704 N NE1 . TRP B 1 40 ? -6.89431  -17.83025 -2.70661  1.000 27.05041  ? 296 TRP B NE1 1 
ATOM   705 C CE2 . TRP B 1 40 ? -6.31900  -18.37031 -1.58639  1.000 24.63878  ? 296 TRP B CE2 1 
ATOM   706 C CE3 . TRP B 1 40 ? -4.09462  -18.78237 -0.73368  1.000 17.39439  ? 296 TRP B CE3 1 
ATOM   707 C CZ2 . TRP B 1 40 ? -6.90839  -18.92038 -0.45009  1.000 33.31687  ? 296 TRP B CZ2 1 
ATOM   708 C CZ3 . TRP B 1 40 ? -4.68171  -19.32696 0.39434   1.000 29.25833  ? 296 TRP B CZ3 1 
ATOM   709 C CH2 . TRP B 1 40 ? -6.07500  -19.38842 0.52821   1.000 33.95363  ? 296 TRP B CH2 1 
ATOM   710 N N   . MET B 1 41 ? -3.62350  -18.63241 -6.52567  1.000 14.28632  ? 297 MET B N   1 
ATOM   711 C CA  . MET B 1 41 ? -4.43900  -19.20465 -7.59208  1.000 24.91964  ? 297 MET B CA  1 
ATOM   712 C C   . MET B 1 41 ? -3.83972  -20.50483 -8.11122  1.000 27.75441  ? 297 MET B C   1 
ATOM   713 O O   . MET B 1 41 ? -4.57379  -21.42310 -8.49553  1.000 34.68288  ? 297 MET B O   1 
ATOM   714 C CB  . MET B 1 41 ? -4.59725  -18.20279 -8.73562  1.000 24.23423  ? 297 MET B CB  1 
ATOM   715 C CG  . MET B 1 41 ? -5.09460  -16.83432 -8.31532  1.000 32.22414  ? 297 MET B CG  1 
ATOM   716 S SD  . MET B 1 41 ? -6.89032  -16.76314 -8.29302  1.000 48.84183  ? 297 MET B SD  1 
ATOM   717 C CE  . MET B 1 41 ? -7.24104  -17.18741 -9.99321  1.000 42.08407  ? 297 MET B CE  1 
ATOM   718 N N   . ALA B 1 42 ? -2.50785  -20.59976 -8.12996  1.000 21.42165  ? 298 ALA B N   1 
ATOM   719 C CA  . ALA B 1 42 ? -1.85168  -21.76789 -8.70968  1.000 22.77799  ? 298 ALA B CA  1 
ATOM   720 C C   . ALA B 1 42 ? -2.15146  -23.03357 -7.91636  1.000 25.66314  ? 298 ALA B C   1 
ATOM   721 O O   . ALA B 1 42 ? -2.29266  -24.11756 -8.49452  1.000 32.23160  ? 298 ALA B O   1 
ATOM   722 C CB  . ALA B 1 42 ? -0.34332  -21.53634 -8.78820  1.000 20.27675  ? 298 ALA B CB  1 
ATOM   723 N N   . ILE B 1 43 ? -2.25235  -22.92005 -6.59329  1.000 21.51810  ? 299 ILE B N   1 
ATOM   724 C CA  . ILE B 1 43 ? -2.44365  -24.08938 -5.74211  1.000 26.82155  ? 299 ILE B CA  1 
ATOM   725 C C   . ILE B 1 43 ? -3.93111  -24.35560 -5.55315  1.000 31.82953  ? 299 ILE B C   1 
ATOM   726 O O   . ILE B 1 43 ? -4.32224  -25.23628 -4.77886  1.000 33.23180  ? 299 ILE B O   1 
ATOM   727 C CB  . ILE B 1 43 ? -1.73471  -23.91454 -4.38690  1.000 24.82684  ? 299 ILE B CB  1 
ATOM   728 C CG1 . ILE B 1 43 ? -2.41178  -22.81630 -3.56639  1.000 24.58448  ? 299 ILE B CG1 1 
ATOM   729 C CG2 . ILE B 1 43 ? -0.26069  -23.59800 -4.59921  1.000 26.31246  ? 299 ILE B CG2 1 
ATOM   730 C CD1 . ILE B 1 43 ? -1.78303  -22.59414 -2.20672  1.000 24.06300  ? 299 ILE B CD1 1 
ATOM   731 N N   . GLY B 1 44 ? -4.76795  -23.60242 -6.25980  1.000 27.05260  ? 300 GLY B N   1 
ATOM   732 C CA  . GLY B 1 44 ? -6.19854  -23.82049 -6.21463  1.000 30.08246  ? 300 GLY B CA  1 
ATOM   733 C C   . GLY B 1 44 ? -6.93068  -23.11252 -5.10066  1.000 33.75846  ? 300 GLY B C   1 
ATOM   734 O O   . GLY B 1 44 ? -8.04034  -23.52938 -4.74940  1.000 35.12635  ? 300 GLY B O   1 
ATOM   735 N N   . GLY B 1 45 ? -6.35354  -22.05900 -4.53266  1.000 29.40845  ? 301 GLY B N   1 
ATOM   736 C CA  . GLY B 1 45 ? -7.00701  -21.32117 -3.46860  1.000 41.23660  ? 301 GLY B CA  1 
ATOM   737 C C   . GLY B 1 45 ? -8.27836  -20.63436 -3.92785  1.000 58.79371  ? 301 GLY B C   1 
ATOM   738 O O   . GLY B 1 45 ? -8.33751  -20.08783 -5.02953  1.000 63.64976  ? 301 GLY B O   1 
ATOM   739 O OXT . GLY B 1 45 ? -9.28140  -20.60833 -3.21404  1.000 68.84574  ? 301 GLY B OXT 1 
HETATM 740 P P   . PO4 C 2 .  ? -10.42635 1.56889   0.13701   1.000 86.62987  ? 401 PO4 A P   1 
HETATM 741 O O1  . PO4 C 2 .  ? -9.50186  0.44764   0.54597   1.000 89.90484  ? 401 PO4 A O1  1 
HETATM 742 O O2  . PO4 C 2 .  ? -10.58551 2.53416   1.28717   1.000 85.57827  ? 401 PO4 A O2  1 
HETATM 743 O O3  . PO4 C 2 .  ? -11.77443 0.99732   -0.23171  1.000 87.62702  ? 401 PO4 A O3  1 
HETATM 744 O O4  . PO4 C 2 .  ? -9.84350  2.29406   -1.05253  1.000 85.36965  ? 401 PO4 A O4  1 
HETATM 745 P P   . PO4 D 2 .  ? 10.31919  -2.35333  2.57774   1.000 101.48060 ? 401 PO4 B P   1 
HETATM 746 O O1  . PO4 D 2 .  ? 11.82648  -2.34735  2.66864   1.000 103.00682 ? 401 PO4 B O1  1 
HETATM 747 O O2  . PO4 D 2 .  ? 9.76141   -1.20371  3.38238   1.000 101.74873 ? 401 PO4 B O2  1 
HETATM 748 O O3  . PO4 D 2 .  ? 9.78677   -3.65608  3.12512   1.000 101.72772 ? 401 PO4 B O3  1 
HETATM 749 O O4  . PO4 D 2 .  ? 9.90210   -2.20606  1.13408   1.000 101.97623 ? 401 PO4 B O4  1 
HETATM 750 O O   . HOH E 3 .  ? -8.16556  -13.99408 -1.59858  1.000 41.52165  ? 501 HOH A O   1 
HETATM 751 O O   . HOH E 3 .  ? 8.07055   -26.76348 8.95373   1.000 71.06615  ? 502 HOH A O   1 
HETATM 752 O O   . HOH E 3 .  ? -10.26592 -1.72359  -6.36454  1.000 40.90595  ? 503 HOH A O   1 
HETATM 753 O O   . HOH E 3 .  ? -7.04022  -10.12921 -5.06800  1.000 26.18851  ? 504 HOH A O   1 
HETATM 754 O O   . HOH E 3 .  ? 8.42924   19.70941  -5.09505  1.000 55.29630  ? 505 HOH A O   1 
HETATM 755 O O   . HOH E 3 .  ? -1.22114  -2.59839  -10.16606 1.000 28.14490  ? 506 HOH A O   1 
HETATM 756 O O   . HOH E 3 .  ? 8.99817   19.59397  -8.02600  1.000 36.81235  ? 507 HOH A O   1 
HETATM 757 O O   . HOH E 3 .  ? -2.18233  1.08679   -8.66175  1.000 19.79318  ? 508 HOH A O   1 
HETATM 758 O O   . HOH E 3 .  ? 8.50840   7.87668   -6.26404  1.000 37.87496  ? 509 HOH A O   1 
HETATM 759 O O   . HOH E 3 .  ? -4.10521  4.15207   4.51188   1.000 56.44877  ? 510 HOH A O   1 
HETATM 760 O O   . HOH E 3 .  ? -8.33774  -5.38437  -1.01777  1.000 30.64407  ? 511 HOH A O   1 
HETATM 761 O O   . HOH E 3 .  ? 2.95562   10.34473  -9.95983  1.000 28.94235  ? 512 HOH A O   1 
HETATM 762 O O   . HOH E 3 .  ? -4.41568  11.39052  -3.58265  1.000 26.42313  ? 513 HOH A O   1 
HETATM 763 O O   . HOH E 3 .  ? -7.35329  5.34932   -5.67353  1.000 28.46220  ? 514 HOH A O   1 
HETATM 764 O O   . HOH E 3 .  ? 3.79786   -17.34844 2.83631   1.000 55.89117  ? 515 HOH A O   1 
HETATM 765 O O   . HOH E 3 .  ? -2.31044  4.34288   -11.75669 1.000 51.45420  ? 516 HOH A O   1 
HETATM 766 O O   . HOH E 3 .  ? 2.47509   4.94659   -13.46047 1.000 43.07677  ? 517 HOH A O   1 
HETATM 767 O O   . HOH E 3 .  ? -7.77237  -2.04530  -7.50836  1.000 52.84836  ? 518 HOH A O   1 
HETATM 768 O O   . HOH E 3 .  ? -1.27582  2.95105   -10.26957 1.000 28.16329  ? 519 HOH A O   1 
HETATM 769 O O   . HOH E 3 .  ? -2.06566  6.47096   1.31969   1.000 62.92706  ? 520 HOH A O   1 
HETATM 770 O O   . HOH E 3 .  ? 3.31180   -15.00740 1.03474   1.000 28.16279  ? 521 HOH A O   1 
HETATM 771 O O   . HOH E 3 .  ? -7.66759  10.15966  -10.02771 1.000 44.77334  ? 522 HOH A O   1 
HETATM 772 O O   . HOH E 3 .  ? -11.82034 -4.73927  -3.50567  1.000 40.92170  ? 523 HOH A O   1 
HETATM 773 O O   . HOH E 3 .  ? -7.23901  8.76345   -6.89642  1.000 60.44428  ? 524 HOH A O   1 
HETATM 774 O O   . HOH E 3 .  ? -11.01175 -4.81282  -1.29554  1.000 36.27578  ? 525 HOH A O   1 
HETATM 775 O O   . HOH E 3 .  ? -0.51293  5.74408   -13.12663 1.000 53.84330  ? 526 HOH A O   1 
HETATM 776 O O   . HOH E 3 .  ? -3.84953  13.63746  -2.87217  1.000 42.15793  ? 527 HOH A O   1 
HETATM 777 O O   . HOH E 3 .  ? 4.90819   11.53217  -10.51489 1.000 33.99377  ? 528 HOH A O   1 
HETATM 778 O O   . HOH E 3 .  ? 5.38847   14.09080  -10.94513 1.000 27.27981  ? 529 HOH A O   1 
HETATM 779 O O   . HOH E 3 .  ? -6.51444  10.46873  -5.44938  1.000 35.67285  ? 530 HOH A O   1 
HETATM 780 O O   . HOH E 3 .  ? 4.90611   8.01800   -10.54792 1.000 56.68056  ? 531 HOH A O   1 
HETATM 781 O O   . HOH E 3 .  ? -0.21548  -0.77739  -8.47409  1.000 20.10195  ? 532 HOH A O   1 
HETATM 782 O O   . HOH E 3 .  ? 5.70824   -18.14043 1.79092   1.000 43.60861  ? 533 HOH A O   1 
HETATM 783 O O   . HOH E 3 .  ? 4.57306   -30.30982 5.68708   1.000 41.76720  ? 534 HOH A O   1 
HETATM 784 O O   . HOH E 3 .  ? 3.07225   7.67308   -12.31406 1.000 48.20312  ? 535 HOH A O   1 
HETATM 785 O O   . HOH E 3 .  ? 7.69506   -14.07022 -2.22247  1.000 54.91401  ? 536 HOH A O   1 
HETATM 786 O O   . HOH E 3 .  ? 6.53996   -16.66302 -0.30057  1.000 47.43896  ? 537 HOH A O   1 
HETATM 787 O O   . HOH E 3 .  ? 3.93943   28.93765  -10.49606 1.000 69.61792  ? 538 HOH A O   1 
HETATM 788 O O   . HOH E 3 .  ? -7.46531  15.11308  -8.13365  1.000 39.63127  ? 539 HOH A O   1 
HETATM 789 O O   . HOH F 3 .  ? -4.87391  10.82553  -1.12524  1.000 54.00705  ? 501 HOH B O   1 
HETATM 790 O O   . HOH F 3 .  ? 8.16819   8.92237   -4.22445  1.000 32.14594  ? 502 HOH B O   1 
HETATM 791 O O   . HOH F 3 .  ? 4.90478   -7.49887  -10.16445 1.000 53.31491  ? 503 HOH B O   1 
HETATM 792 O O   . HOH F 3 .  ? -3.40430  13.82972  -0.12045  1.000 34.89063  ? 504 HOH B O   1 
HETATM 793 O O   . HOH F 3 .  ? -7.11596  -21.36505 -8.11915  1.000 44.12946  ? 505 HOH B O   1 
HETATM 794 O O   . HOH F 3 .  ? -4.50074  19.40577  5.88571   1.000 69.88951  ? 506 HOH B O   1 
HETATM 795 O O   . HOH F 3 .  ? 12.05418  -0.45593  -4.68004  1.000 45.56476  ? 507 HOH B O   1 
HETATM 796 O O   . HOH F 3 .  ? -0.15721  -5.27788  5.36998   1.000 54.21607  ? 508 HOH B O   1 
HETATM 797 O O   . HOH F 3 .  ? 3.33479   1.18551   -9.82965  1.000 29.95868  ? 509 HOH B O   1 
HETATM 798 O O   . HOH F 3 .  ? 4.40797   -2.51686  -7.88049  1.000 26.79313  ? 510 HOH B O   1 
HETATM 799 O O   . HOH F 3 .  ? -6.09181  15.86245  -2.86261  1.000 47.63667  ? 511 HOH B O   1 
HETATM 800 O O   . HOH F 3 .  ? 8.49606   -6.59233  -3.56691  1.000 34.75253  ? 512 HOH B O   1 
HETATM 801 O O   . HOH F 3 .  ? -0.75713  -11.33089 -9.51015  1.000 11.26252  ? 513 HOH B O   1 
HETATM 802 O O   . HOH F 3 .  ? 8.93452   4.34193   0.29515   1.000 37.80951  ? 514 HOH B O   1 
HETATM 803 O O   . HOH F 3 .  ? 4.86795   -12.72062 -1.92160  1.000 17.01648  ? 515 HOH B O   1 
HETATM 804 O O   . HOH F 3 .  ? 9.50092   0.35874   -5.41390  1.000 31.55052  ? 516 HOH B O   1 
HETATM 805 O O   . HOH F 3 .  ? 3.76421   -4.58730  -9.42319  1.000 32.96339  ? 517 HOH B O   1 
HETATM 806 O O   . HOH F 3 .  ? 5.96963   -5.45445  -10.02710 1.000 48.64276  ? 518 HOH B O   1 
HETATM 807 O O   . HOH F 3 .  ? -8.07646  -13.92216 -3.83647  1.000 44.96025  ? 519 HOH B O   1 
HETATM 808 O O   . HOH F 3 .  ? 10.30626  8.35050   -1.34565  1.000 49.11705  ? 520 HOH B O   1 
HETATM 809 O O   . HOH F 3 .  ? 11.88291  3.60353   -0.09033  1.000 44.14840  ? 521 HOH B O   1 
HETATM 810 O O   . HOH F 3 .  ? -8.32526  17.30846  -1.87724  1.000 59.75136  ? 522 HOH B O   1 
HETATM 811 O O   . HOH F 3 .  ? 9.01153   -11.50502 -5.19062  1.000 70.52116  ? 523 HOH B O   1 
HETATM 812 O O   . HOH F 3 .  ? 8.45064   -2.30256  -7.00216  1.000 45.88897  ? 524 HOH B O   1 
HETATM 813 O O   . HOH F 3 .  ? 3.52310   -2.90100  5.78789   1.000 64.03141  ? 525 HOH B O   1 
HETATM 814 O O   . HOH F 3 .  ? -5.99103  -25.37186 -9.37555  1.000 66.27371  ? 526 HOH B O   1 
HETATM 815 O O   . HOH F 3 .  ? -7.18007  12.68896  0.98621   1.000 50.33341  ? 527 HOH B O   1 
HETATM 816 O O   . HOH F 3 .  ? -9.24507  -15.98844 -5.15610  1.000 61.07452  ? 528 HOH B O   1 
HETATM 817 O O   . HOH F 3 .  ? 4.05460   -15.36674 -1.57729  1.000 31.68248  ? 529 HOH B O   1 
HETATM 818 O O   . HOH F 3 .  ? -7.09505  -9.02753  -7.83660  1.000 45.89163  ? 530 HOH B O   1 
HETATM 819 O O   . HOH F 3 .  ? 8.64206   -9.78072  -3.25044  1.000 57.87550  ? 531 HOH B O   1 
HETATM 820 O O   . HOH F 3 .  ? 2.30874   -0.51345  -8.34565  1.000 19.69780  ? 532 HOH B O   1 
HETATM 821 O O   . HOH F 3 .  ? 7.53656   -11.77428 -2.44929  1.000 41.90831  ? 533 HOH B O   1 
HETATM 822 O O   . HOH F 3 .  ? -4.60420  15.63031  -4.58784  1.000 45.63669  ? 534 HOH B O   1 
HETATM 823 O O   . HOH F 3 .  ? 6.24918   -16.06237 -2.45076  1.000 41.52683  ? 535 HOH B O   1 
# 
loop_
_atom_site_anisotrop.id 
_atom_site_anisotrop.type_symbol 
_atom_site_anisotrop.pdbx_label_atom_id 
_atom_site_anisotrop.pdbx_label_alt_id 
_atom_site_anisotrop.pdbx_label_comp_id 
_atom_site_anisotrop.pdbx_label_asym_id 
_atom_site_anisotrop.pdbx_label_seq_id 
_atom_site_anisotrop.pdbx_PDB_ins_code 
_atom_site_anisotrop.U[1][1] 
_atom_site_anisotrop.U[2][2] 
_atom_site_anisotrop.U[3][3] 
_atom_site_anisotrop.U[1][2] 
_atom_site_anisotrop.U[1][3] 
_atom_site_anisotrop.U[2][3] 
_atom_site_anisotrop.pdbx_auth_seq_id 
_atom_site_anisotrop.pdbx_auth_comp_id 
_atom_site_anisotrop.pdbx_auth_asym_id 
_atom_site_anisotrop.pdbx_auth_atom_id 
1   N N   . SER A 1  ? 1.17095 0.99323 0.86268 0.07512  0.10296  0.26357  257 SER A N   
2   C CA  . SER A 1  ? 1.11111 0.92382 0.78403 0.07772  0.12150  0.26221  257 SER A CA  
3   C C   . SER A 1  ? 1.04011 0.86578 0.74318 0.07794  0.13867  0.24777  257 SER A C   
4   O O   . SER A 1  ? 0.96597 0.80362 0.68388 0.07466  0.13316  0.23707  257 SER A O   
5   C CB  . SER A 1  ? 1.05375 0.85355 0.68372 0.07646  0.11306  0.26444  257 SER A CB  
6   O OG  . SER A 1  ? 0.96017 0.75710 0.58186 0.07813  0.13110  0.25623  257 SER A OG  
7   N N   . ASP A 2  ? 1.08662 0.90853 0.79840 0.08184  0.15858  0.24809  258 ASP A N   
8   C CA  . ASP A 2  ? 1.11343 0.94579 0.85620 0.08251  0.17342  0.23559  258 ASP A CA  
9   C C   . ASP A 2  ? 0.98168 0.81259 0.71141 0.08059  0.17633  0.22616  258 ASP A C   
10  O O   . ASP A 2  ? 0.85560 0.69925 0.60906 0.07855  0.17551  0.21429  258 ASP A O   
11  C CB  . ASP A 2  ? 1.29831 1.12339 1.04972 0.08686  0.19267  0.23952  258 ASP A CB  
12  C CG  . ASP A 2  ? 1.38743 1.22272 1.17559 0.08767  0.20495  0.22773  258 ASP A CG  
13  O OD1 . ASP A 2  ? 1.38681 1.23791 1.20320 0.08617  0.19757  0.21899  258 ASP A OD1 
14  O OD2 . ASP A 2  ? 1.44744 1.27390 1.23584 0.08985  0.22151  0.22763  258 ASP A OD2 
15  N N   . VAL A 3  ? 0.89227 0.70715 0.58349 0.08173  0.17979  0.23143  259 VAL A N   
16  C CA  . VAL A 3  ? 0.76450 0.57652 0.44161 0.08100  0.18476  0.22278  259 VAL A CA  
17  C C   . VAL A 3  ? 0.72231 0.54304 0.39586 0.07654  0.16635  0.21644  259 VAL A C   
18  O O   . VAL A 3  ? 0.73912 0.56648 0.42207 0.07486  0.16854  0.20511  259 VAL A O   
19  C CB  . VAL A 3  ? 0.81239 0.60413 0.44687 0.08447  0.19365  0.23055  259 VAL A CB  
20  C CG1 . VAL A 3  ? 0.86092 0.64881 0.47553 0.08422  0.19614  0.22211  259 VAL A CG1 
21  C CG2 . VAL A 3  ? 0.84472 0.62829 0.48694 0.08841  0.21473  0.23507  259 VAL A CG2 
22  N N   . GLU A 4  ? 0.74496 0.56513 0.40581 0.07439  0.14727  0.22410  260 GLU A N   
23  C CA  . GLU A 4  ? 0.89922 0.72660 0.55706 0.06969  0.12830  0.21925  260 GLU A CA  
24  C C   . GLU A 4  ? 0.79817 0.64472 0.49825 0.06674  0.12685  0.20833  260 GLU A C   
25  O O   . GLU A 4  ? 0.80238 0.65553 0.50574 0.06365  0.12148  0.19896  260 GLU A O   
26  C CB  . GLU A 4  ? 1.12541 0.94710 0.76436 0.06795  0.10671  0.23115  260 GLU A CB  
27  C CG  . GLU A 4  ? 1.32937 1.15865 0.97026 0.06253  0.08450  0.22768  260 GLU A CG  
28  C CD  . GLU A 4  ? 1.44956 1.29345 1.12936 0.05971  0.07685  0.22533  260 GLU A CD  
29  O OE1 . GLU A 4  ? 1.43712 1.29415 1.14113 0.05712  0.07797  0.21393  260 GLU A OE1 
30  O OE2 . GLU A 4  ? 1.51054 1.35231 1.19638 0.06076  0.07023  0.23483  260 GLU A OE2 
31  N N   . ASN A 5  ? 0.72913 0.58452 0.46116 0.06821  0.13166  0.20936  261 ASN A N   
32  C CA  . ASN A 5  ? 0.67608 0.54956 0.44806 0.06678  0.13146  0.19898  261 ASN A CA  
33  C C   . ASN A 5  ? 0.71384 0.59070 0.49817 0.06740  0.14462  0.18701  261 ASN A C   
34  O O   . ASN A 5  ? 0.54107 0.42857 0.34135 0.06465  0.13947  0.17719  261 ASN A O   
35  C CB  . ASN A 5  ? 0.67959 0.56075 0.48140 0.06994  0.13627  0.20245  261 ASN A CB  
36  C CG  . ASN A 5  ? 0.85683 0.73713 0.65354 0.06922  0.12158  0.21317  261 ASN A CG  
37  O OD1 . ASN A 5  ? 0.92983 0.80637 0.70763 0.06547  0.10452  0.21631  261 ASN A OD1 
38  N ND2 . ASN A 5  ? 0.84614 0.72882 0.66019 0.07300  0.12730  0.21904  261 ASN A ND2 
39  N N   . PHE A 6  ? 0.57895 0.44580 0.35645 0.07098  0.16131  0.18820  262 PHE A N   
40  C CA  . PHE A 6  ? 0.59733 0.46454 0.38510 0.07153  0.17325  0.17800  262 PHE A CA  
41  C C   . PHE A 6  ? 0.62700 0.49135 0.39185 0.06881  0.16771  0.17255  262 PHE A C   
42  O O   . PHE A 6  ? 0.54761 0.41944 0.32851 0.06704  0.16786  0.16196  262 PHE A O   
43  C CB  . PHE A 6  ? 0.59615 0.45073 0.37797 0.07557  0.19187  0.18227  262 PHE A CB  
44  C CG  . PHE A 6  ? 0.68256 0.53340 0.46782 0.07589  0.20412  0.17394  262 PHE A CG  
45  C CD1 . PHE A 6  ? 0.63509 0.49320 0.45525 0.07583  0.20968  0.16555  262 PHE A CD1 
46  C CD2 . PHE A 6  ? 0.63114 0.47002 0.38402 0.07653  0.20979  0.17483  262 PHE A CD2 
47  C CE1 . PHE A 6  ? 0.72239 0.57618 0.54660 0.07554  0.21995  0.15876  262 PHE A CE1 
48  C CE2 . PHE A 6  ? 0.73069 0.56615 0.48810 0.07687  0.22166  0.16762  262 PHE A CE2 
49  C CZ  . PHE A 6  ? 0.71978 0.56287 0.51371 0.07598  0.22645  0.15989  262 PHE A CZ  
50  N N   . GLU A 7  ? 0.61537 0.46801 0.34163 0.06881  0.16212  0.17982  263 GLU A N   
51  C CA  . GLU A 7  ? 0.62735 0.47626 0.32858 0.06692  0.15545  0.17496  263 GLU A CA  
52  C C   . GLU A 7  ? 0.68615 0.54915 0.40458 0.06193  0.13955  0.16779  263 GLU A C   
53  O O   . GLU A 7  ? 0.59215 0.45908 0.31413 0.06036  0.13985  0.15796  263 GLU A O   
54  C CB  . GLU A 7  ? 0.94612 0.78010 0.60312 0.06823  0.14788  0.18513  263 GLU A CB  
55  C CG  . GLU A 7  ? 1.04844 0.87076 0.67084 0.07023  0.15149  0.18141  263 GLU A CG  
56  C CD  . GLU A 7  ? 1.14665 0.94991 0.72770 0.07484  0.15544  0.19201  263 GLU A CD  
57  O OE1 . GLU A 7  ? 1.16232 0.95918 0.74618 0.07800  0.16944  0.19856  263 GLU A OE1 
58  O OE2 . GLU A 7  ? 1.23800 1.03210 0.78327 0.07561  0.14393  0.19395  263 GLU A OE2 
59  N N   . ARG A 8  ? 0.57361 0.44377 0.30346 0.05947  0.12584  0.17297  264 ARG A N   
60  C CA  . ARG A 8  ? 0.53930 0.42183 0.28557 0.05459  0.11057  0.16752  264 ARG A CA  
61  C C   . ARG A 8  ? 0.51394 0.41027 0.29814 0.05446  0.11822  0.15614  264 ARG A C   
62  O O   . ARG A 8  ? 0.52650 0.42890 0.31643 0.05147  0.11315  0.14753  264 ARG A O   
63  C CB  . ARG A 8  ? 0.54347 0.42904 0.29580 0.05274  0.09590  0.17648  264 ARG A CB  
64  C CG  . ARG A 8  ? 0.72094 0.61421 0.48108 0.04734  0.07688  0.17390  264 ARG A CG  
65  C CD  . ARG A 8  ? 0.89122 0.78723 0.66413 0.04683  0.06543  0.18225  264 ARG A CD  
66  N NE  . ARG A 8  ? 1.05793 0.96455 0.86351 0.05102  0.07929  0.18115  264 ARG A NE  
67  C CZ  . ARG A 8  ? 1.17484 1.09550 1.01248 0.05134  0.07595  0.17972  264 ARG A CZ  
68  N NH1 . ARG A 8  ? 1.19550 1.11999 1.03718 0.04764  0.05968  0.17944  264 ARG A NH1 
69  N NH2 . ARG A 8  ? 1.20369 1.13420 1.06955 0.05597  0.08879  0.17873  264 ARG A NH2 
70  N N   . LEU A 9  ? 0.47874 0.37927 0.28853 0.05800  0.12957  0.15621  265 LEU A N   
71  C CA  . LEU A 9  ? 0.43714 0.34962 0.28310 0.05859  0.13413  0.14626  265 LEU A CA  
72  C C   . LEU A 9  ? 0.52752 0.43544 0.37238 0.05903  0.14414  0.13775  265 LEU A C   
73  O O   . LEU A 9  ? 0.40762 0.32351 0.27250 0.05752  0.14192  0.12843  265 LEU A O   
74  C CB  . LEU A 9  ? 0.54518 0.46114 0.41621 0.06287  0.14208  0.14915  265 LEU A CB  
75  C CG  . LEU A 9  ? 0.72815 0.65614 0.61854 0.06281  0.13222  0.15244  265 LEU A CG  
76  C CD1 . LEU A 9  ? 0.75338 0.68257 0.66390 0.06797  0.14141  0.15613  265 LEU A CD1 
77  C CD2 . LEU A 9  ? 0.71044 0.65248 0.62400 0.06055  0.12385  0.14318  265 LEU A CD2 
78  N N   . PHE A 10 ? 0.49009 0.38453 0.31183 0.06129  0.15534  0.14120  266 PHE A N   
79  C CA  . PHE A 10 ? 0.53604 0.42524 0.35531 0.06168  0.16526  0.13386  266 PHE A CA  
80  C C   . PHE A 10 ? 0.55469 0.44710 0.36243 0.05814  0.15565  0.12705  266 PHE A C   
81  O O   . PHE A 10 ? 0.48972 0.38615 0.31269 0.05692  0.15758  0.11797  266 PHE A O   
82  C CB  . PHE A 10 ? 0.61805 0.49162 0.41115 0.06507  0.17923  0.13993  266 PHE A CB  
83  C CG  . PHE A 10 ? 0.53029 0.39789 0.32392 0.06589  0.19197  0.13345  266 PHE A CG  
84  C CD1 . PHE A 10 ? 0.56025 0.42404 0.33172 0.06502  0.19060  0.12876  266 PHE A CD1 
85  C CD2 . PHE A 10 ? 0.57813 0.44321 0.39435 0.06750  0.20510  0.13230  266 PHE A CD2 
86  C CE1 . PHE A 10 ? 0.60485 0.46344 0.37792 0.06585  0.20284  0.12314  266 PHE A CE1 
87  C CE2 . PHE A 10 ? 0.60752 0.46694 0.42560 0.06758  0.21655  0.12719  266 PHE A CE2 
88  C CZ  . PHE A 10 ? 0.57982 0.43647 0.37686 0.06681  0.21579  0.12270  266 PHE A CZ  
89  N N   . SER A 11 ? 0.48926 0.37884 0.26955 0.05633  0.14425  0.13169  267 SER A N   
90  C CA  . SER A 11 ? 0.57795 0.46948 0.34546 0.05305  0.13401  0.12558  267 SER A CA  
91  C C   . SER A 11 ? 0.49935 0.40587 0.29532 0.04887  0.12242  0.11984  267 SER A C   
92  O O   . SER A 11 ? 0.49832 0.40861 0.29627 0.04644  0.11824  0.11181  267 SER A O   
93  C CB  . SER A 11 ? 0.68074 0.56300 0.40971 0.05249  0.12288  0.13279  267 SER A CB  
94  O OG  . SER A 11 ? 0.79253 0.67695 0.52368 0.05108  0.11238  0.14228  267 SER A OG  
95  N N   . LYS A 12 ? 0.43114 0.34593 0.24888 0.04846  0.11765  0.12382  268 LYS A N   
96  C CA  . LYS A 12 ? 0.44444 0.37323 0.29074 0.04557  0.10864  0.11828  268 LYS A CA  
97  C C   . LYS A 12 ? 0.39475 0.32857 0.26887 0.04736  0.11734  0.10896  268 LYS A C   
98  O O   . LYS A 12 ? 0.39035 0.33209 0.27940 0.04488  0.11116  0.10163  268 LYS A O   
99  C CB  . LYS A 12 ? 0.42936 0.36520 0.29108 0.04591  0.10244  0.12510  268 LYS A CB  
100 C CG  . LYS A 12 ? 0.62571 0.55702 0.46458 0.04236  0.08754  0.13375  268 LYS A CG  
101 C CD  . LYS A 12 ? 0.69402 0.63196 0.55040 0.04327  0.08239  0.14072  268 LYS A CD  
102 C CE  . LYS A 12 ? 0.85656 0.78861 0.69423 0.03907  0.06357  0.14851  268 LYS A CE  
103 N NZ  . LYS A 12 ? 0.93131 0.86613 0.78083 0.04116  0.05981  0.15725  268 LYS A NZ  
104 N N   . LEU A 13 ? 0.38347 0.31106 0.26404 0.05141  0.13070  0.10972  269 LEU A N   
105 C CA  . LEU A 13 ? 0.36338 0.29102 0.26590 0.05246  0.13755  0.10180  269 LEU A CA  
106 C C   . LEU A 13 ? 0.39632 0.31954 0.28631 0.05027  0.13971  0.09531  269 LEU A C   
107 O O   . LEU A 13 ? 0.32387 0.25101 0.23061 0.04851  0.13715  0.08750  269 LEU A O   
108 C CB  . LEU A 13 ? 0.36271 0.28216 0.27244 0.05647  0.15093  0.10526  269 LEU A CB  
109 C CG  . LEU A 13 ? 0.41316 0.33737 0.34563 0.05949  0.15038  0.10833  269 LEU A CG  
110 C CD1 . LEU A 13 ? 0.47678 0.39064 0.40866 0.06301  0.16410  0.11360  269 LEU A CD1 
111 C CD2 . LEU A 13 ? 0.32327 0.25381 0.28398 0.05939  0.14503  0.10035  269 LEU A CD2 
112 N N   . LYS A 14 ? 0.40560 0.31972 0.26490 0.05076  0.14431  0.09859  270 LYS A N   
113 C CA  . LYS A 14 ? 0.39278 0.30258 0.23791 0.04966  0.14702  0.09237  270 LYS A CA  
114 C C   . LYS A 14 ? 0.38617 0.30424 0.23035 0.04564  0.13305  0.08695  270 LYS A C   
115 O O   . LYS A 14 ? 0.43652 0.35687 0.28881 0.04401  0.13293  0.07896  270 LYS A O   
116 C CB  . LYS A 14 ? 0.49879 0.39583 0.30789 0.05236  0.15454  0.09736  270 LYS A CB  
117 C CG  . LYS A 14 ? 0.68773 0.57959 0.47746 0.05238  0.15706  0.09091  270 LYS A CG  
118 C CD  . LYS A 14 ? 0.83717 0.72877 0.64744 0.05244  0.16810  0.08431  270 LYS A CD  
119 C CE  . LYS A 14 ? 0.87948 0.76121 0.66530 0.05483  0.17811  0.08126  270 LYS A CE  
120 N NZ  . LYS A 14 ? 0.84693 0.72707 0.60370 0.05475  0.16792  0.07838  270 LYS A NZ  
121 N N   . GLU A 15 ? 0.37178 0.29382 0.20634 0.04360  0.12081  0.09178  271 GLU A N   
122 C CA  . GLU A 15 ? 0.35292 0.28230 0.18766 0.03914  0.10678  0.08777  271 GLU A CA  
123 C C   . GLU A 15 ? 0.31031 0.25103 0.18002 0.03744  0.10376  0.08141  271 GLU A C   
124 O O   . GLU A 15 ? 0.37205 0.31661 0.24593 0.03473  0.09879  0.07445  271 GLU A O   
125 C CB  . GLU A 15 ? 0.50327 0.43314 0.32380 0.03660  0.09327  0.09609  271 GLU A CB  
126 C CG  . GLU A 15 ? 0.71074 0.64789 0.53597 0.03119  0.07721  0.09388  271 GLU A CG  
127 C CD  . GLU A 15 ? 0.95134 0.88728 0.76715 0.02817  0.06228  0.10361  271 GLU A CD  
128 O OE1 . GLU A 15 ? 0.97130 0.91369 0.80882 0.02827  0.06132  0.10744  271 GLU A OE1 
129 O OE2 . GLU A 15 ? 1.10370 1.03205 0.89115 0.02647  0.05067  0.10742  271 GLU A OE2 
130 N N   . MET A 16 ? 0.32249 0.26772 0.21631 0.03964  0.10643  0.08364  272 MET A N   
131 C CA  . MET A 16 ? 0.26605 0.21957 0.19067 0.03950  0.10317  0.07779  272 MET A CA  
132 C C   . MET A 16 ? 0.27080 0.21892 0.20345 0.03979  0.11012  0.07047  272 MET A C   
133 O O   . MET A 16 ? 0.25812 0.21034 0.20435 0.03766  0.10454  0.06403  272 MET A O   
134 C CB  . MET A 16 ? 0.31568 0.27287 0.26043 0.04326  0.10473  0.08197  272 MET A CB  
135 C CG  . MET A 16 ? 0.42652 0.38900 0.39990 0.04477  0.10134  0.07647  272 MET A CG  
136 S SD  . MET A 16 ? 0.48426 0.44758 0.47673 0.05076  0.10541  0.08129  272 MET A SD  
137 C CE  . MET A 16 ? 0.34157 0.31531 0.32672 0.05000  0.09906  0.09002  272 MET A CE  
138 N N   . LYS A 17 ? 0.30167 0.23987 0.22591 0.04205  0.12229  0.07198  273 LYS A N   
139 C CA  . LYS A 17 ? 0.30810 0.24036 0.23828 0.04135  0.12951  0.06605  273 LYS A CA  
140 C C   . LYS A 17 ? 0.37989 0.31369 0.29733 0.03842  0.12598  0.06026  273 LYS A C   
141 O O   . LYS A 17 ? 0.35968 0.29468 0.29019 0.03608  0.12434  0.05370  273 LYS A O   
142 C CB  . LYS A 17 ? 0.36527 0.28694 0.28644 0.04415  0.14423  0.07001  273 LYS A CB  
143 C CG  . LYS A 17 ? 0.54447 0.45975 0.46921 0.04305  0.15369  0.06509  273 LYS A CG  
144 C CD  . LYS A 17 ? 0.73882 0.65527 0.69070 0.04048  0.15028  0.05942  273 LYS A CD  
145 C CE  . LYS A 17 ? 0.90893 0.81928 0.86472 0.03872  0.16050  0.05552  273 LYS A CE  
146 N NZ  . LYS A 17 ? 0.99145 0.90291 0.96893 0.03483  0.15492  0.04894  273 LYS A NZ  
147 N N   . ASP A 18 ? 0.44027 0.37283 0.33063 0.03855  0.12421  0.06262  274 ASP A N   
148 C CA  . ASP A 18 ? 0.35552 0.28791 0.23029 0.03684  0.12130  0.05671  274 ASP A CA  
149 C C   . ASP A 18 ? 0.29323 0.23554 0.18072 0.03291  0.10811  0.05210  274 ASP A C   
150 O O   . ASP A 18 ? 0.34974 0.29366 0.24109 0.03117  0.10687  0.04492  274 ASP A O   
151 C CB  . ASP A 18 ? 0.38613 0.31155 0.22485 0.03862  0.12102  0.06053  274 ASP A CB  
152 C CG  . ASP A 18 ? 0.75361 0.66744 0.57593 0.04294  0.13579  0.06385  274 ASP A CG  
153 O OD1 . ASP A 18 ? 0.81962 0.73115 0.65741 0.04380  0.14679  0.06149  274 ASP A OD1 
154 O OD2 . ASP A 18 ? 0.81618 0.72223 0.60949 0.04527  0.13603  0.06935  274 ASP A OD2 
155 N N   . LYS A 19 ? 0.26707 0.21614 0.16149 0.03145  0.09859  0.05640  275 LYS A N   
156 C CA  . LYS A 19 ? 0.25246 0.21082 0.16121 0.02776  0.08704  0.05290  275 LYS A CA  
157 C C   . LYS A 19 ? 0.27835 0.23874 0.21404 0.02769  0.08837  0.04704  275 LYS A C   
158 O O   . LYS A 19 ? 0.29906 0.26239 0.24003 0.02500  0.08357  0.04102  275 LYS A O   
159 C CB  . LYS A 19 ? 0.25646 0.22143 0.17142 0.02659  0.07837  0.05949  275 LYS A CB  
160 C CG  . LYS A 19 ? 0.34502 0.30629 0.23248 0.02430  0.07090  0.06618  275 LYS A CG  
161 C CD  . LYS A 19 ? 0.50204 0.46872 0.40020 0.02324  0.06362  0.07366  275 LYS A CD  
162 C CE  . LYS A 19 ? 0.64301 0.60412 0.51733 0.01892  0.04935  0.08071  275 LYS A CE  
163 N NZ  . LYS A 19 ? 0.70903 0.67419 0.59689 0.01818  0.04218  0.08773  275 LYS A NZ  
164 N N   . ALA A 20 ? 0.25408 0.21099 0.20505 0.03054  0.09410  0.04904  276 ALA A N   
165 C CA  . ALA A 20 ? 0.31465 0.26908 0.28711 0.03013  0.09367  0.04434  276 ALA A CA  
166 C C   . ALA A 20 ? 0.26727 0.21641 0.23699 0.02770  0.09889  0.03855  276 ALA A C   
167 O O   . ALA A 20 ? 0.35441 0.30353 0.33619 0.02491  0.09434  0.03329  276 ALA A O   
168 C CB  . ALA A 20 ? 0.28275 0.23143 0.26735 0.03370  0.09933  0.04783  276 ALA A CB  
169 N N   . ALA A 21 ? 0.28748 0.23182 0.24085 0.02891  0.10877  0.03958  277 ALA A N   
170 C CA  . ALA A 21 ? 0.28276 0.22347 0.23482 0.02732  0.11527  0.03420  277 ALA A CA  
171 C C   . ALA A 21 ? 0.32784 0.27434 0.27078 0.02526  0.10888  0.02845  277 ALA A C   
172 O O   . ALA A 21 ? 0.35084 0.29766 0.30078 0.02311  0.11010  0.02254  277 ALA A O   
173 C CB  . ALA A 21 ? 0.27806 0.21149 0.21489 0.03039  0.12905  0.03713  277 ALA A CB  
174 N N   . THR A 22 ? 0.38703 0.33795 0.31447 0.02568  0.10188  0.02998  278 THR A N   
175 C CA  . THR A 22 ? 0.40029 0.35543 0.31662 0.02420  0.09540  0.02421  278 THR A CA  
176 C C   . THR A 22 ? 0.35630 0.31897 0.29147 0.02047  0.08457  0.02105  278 THR A C   
177 O O   . THR A 22 ? 0.30197 0.26818 0.23205 0.01915  0.07960  0.01516  278 THR A O   
178 C CB  . THR A 22 ? 0.48348 0.43711 0.37182 0.02553  0.09110  0.02741  278 THR A CB  
179 O OG1 . THR A 22 ? 0.53475 0.48026 0.40692 0.02910  0.10034  0.03279  278 THR A OG1 
180 C CG2 . THR A 22 ? 0.51325 0.46521 0.38120 0.02606  0.08742  0.01989  278 THR A CG2 
181 N N   . LEU A 23 ? 0.25836 0.22222 0.21369 0.01960  0.08097  0.02424  279 LEU A N   
182 C CA  . LEU A 23 ? 0.23975 0.20881 0.21074 0.01685  0.07079  0.02200  279 LEU A CA  
183 C C   . LEU A 23 ? 0.32406 0.29289 0.30172 0.01384  0.06931  0.01477  279 LEU A C   
184 O O   . LEU A 23 ? 0.24955 0.22429 0.22734 0.01180  0.06172  0.01171  279 LEU A O   
185 C CB  . LEU A 23 ? 0.14549 0.11180 0.13419 0.01850  0.06884  0.02541  279 LEU A CB  
186 C CG  . LEU A 23 ? 0.25176 0.22037 0.25487 0.01743  0.05898  0.02351  279 LEU A CG  
187 C CD1 . LEU A 23 ? 0.18565 0.16537 0.18468 0.01601  0.05116  0.02477  279 LEU A CD1 
188 C CD2 . LEU A 23 ? 0.18627 0.15025 0.20203 0.02143  0.05823  0.02649  279 LEU A CD2 
189 N N   . PRO A 24 ? 0.28879 0.25164 0.27283 0.01301  0.07613  0.01194  280 PRO A N   
190 C CA  . PRO A 24 ? 0.29092 0.25516 0.28229 0.00956  0.07396  0.00522  280 PRO A CA  
191 C C   . PRO A 24 ? 0.23479 0.20563 0.21168 0.01128  0.07378  -0.00016 280 PRO A C   
192 O O   . PRO A 24 ? 0.31538 0.29094 0.29699 0.00953  0.06709  -0.00524 280 PRO A O   
193 C CB  . PRO A 24 ? 0.34285 0.29997 0.34289 0.00848  0.08296  0.00409  280 PRO A CB  
194 C CG  . PRO A 24 ? 0.43253 0.38296 0.43479 0.01081  0.08687  0.01014  280 PRO A CG  
195 C CD  . PRO A 24 ? 0.35504 0.31006 0.34223 0.01461  0.08590  0.01476  280 PRO A CD  
196 N N   . HIS A 25 ? 0.23835 0.20761 0.19574 0.01546  0.08076  0.00008  281 HIS A N   
197 C CA  . HIS A 25 ? 0.34883 0.31997 0.28716 0.01869  0.07962  -0.00700 281 HIS A CA  
198 C C   . HIS A 25 ? 0.42922 0.40424 0.35932 0.01804  0.06806  -0.00810 281 HIS A C   
199 O O   . HIS A 25 ? 0.33530 0.31210 0.26109 0.01907  0.06168  -0.01666 281 HIS A O   
200 C CB  . HIS A 25 ? 0.38226 0.34627 0.29686 0.02317  0.08919  -0.00606 281 HIS A CB  
201 C CG  . HIS A 25 ? 0.49206 0.45239 0.37894 0.02664  0.08509  -0.01248 281 HIS A CG  
202 N ND1 . HIS A 25 ? 0.54728 0.50670 0.42872 0.02939  0.08518  -0.02309 281 HIS A ND1 
203 C CD2 . HIS A 25 ? 0.56989 0.52469 0.43149 0.02763  0.07918  -0.01008 281 HIS A CD2 
204 C CE1 . HIS A 25 ? 0.58287 0.53444 0.43632 0.03188  0.07932  -0.02780 281 HIS A CE1 
205 N NE2 . HIS A 25 ? 0.59526 0.53849 0.43165 0.03186  0.07628  -0.01879 281 HIS A NE2 
206 N N   . GLU A 26 ? 0.34132 0.31684 0.26968 0.01646  0.06469  0.00008  282 GLU A N   
207 C CA  . GLU A 26 ? 0.31394 0.28744 0.23057 0.01595  0.05547  0.00177  282 GLU A CA  
208 C C   . GLU A 26 ? 0.22969 0.20920 0.16769 0.01288  0.04909  -0.00095 282 GLU A C   
209 O O   . GLU A 26 ? 0.27034 0.24024 0.19283 0.01452  0.04272  -0.00433 282 GLU A O   
210 C CB  . GLU A 26 ? 0.36761 0.34096 0.27998 0.01491  0.05346  0.01324  282 GLU A CB  
211 C CG  . GLU A 26 ? 0.56234 0.52334 0.44280 0.01767  0.04362  0.01847  282 GLU A CG  
212 C CD  . GLU A 26 ? 0.75713 0.70421 0.60246 0.02281  0.04457  0.01546  282 GLU A CD  
213 O OE1 . GLU A 26 ? 0.92338 0.87246 0.77081 0.02379  0.05656  0.01482  282 GLU A OE1 
214 O OE2 . GLU A 26 ? 0.84759 0.78148 0.66445 0.02537  0.03063  0.01341  282 GLU A OE2 
215 N N   . GLN A 27 ? 0.16516 0.15169 0.13085 0.00962  0.04904  0.00058  283 GLN A N   
216 C CA  . GLN A 27 ? 0.16841 0.15774 0.15240 0.00653  0.04225  -0.00158 283 GLN A CA  
217 C C   . GLN A 27 ? 0.29227 0.28267 0.27501 0.00810  0.04015  -0.01153 283 GLN A C   
218 O O   . GLN A 27 ? 0.18934 0.18136 0.17863 0.00749  0.03225  -0.01507 283 GLN A O   
219 C CB  . GLN A 27 ? 0.15563 0.13696 0.15681 0.00405  0.04322  0.00162  283 GLN A CB  
220 C CG  . GLN A 27 ? 0.24118 0.22049 0.24678 0.00635  0.04130  0.00847  283 GLN A CG  
221 C CD  . GLN A 27 ? 0.33764 0.30515 0.35392 0.00718  0.04261  0.00886  283 GLN A CD  
222 O OE1 . GLN A 27 ? 0.40610 0.36757 0.42233 0.00700  0.04991  0.00844  283 GLN A OE1 
223 N NE2 . GLN A 27 ? 0.29923 0.27545 0.31989 0.00615  0.03147  0.00786  283 GLN A NE2 
224 N N   . ARG A 28 ? 0.24535 0.23301 0.22036 0.01107  0.04677  -0.01623 284 ARG A N   
225 C CA  . ARG A 28 ? 0.24428 0.23163 0.21707 0.01459  0.04371  -0.02622 284 ARG A CA  
226 C C   . ARG A 28 ? 0.25659 0.23904 0.20936 0.01871  0.03579  -0.03567 284 ARG A C   
227 O O   . ARG A 28 ? 0.28756 0.26744 0.24333 0.02047  0.02588  -0.04389 284 ARG A O   
228 C CB  . ARG A 28 ? 0.18508 0.17027 0.15583 0.01644  0.05415  -0.02866 284 ARG A CB  
229 C CG  . ARG A 28 ? 0.30409 0.28788 0.29440 0.01003  0.06035  -0.02296 284 ARG A CG  
230 C CD  . ARG A 28 ? 0.30266 0.28479 0.29369 0.01204  0.07013  -0.02695 284 ARG A CD  
231 N NE  . ARG A 28 ? 0.36740 0.34596 0.34099 0.01688  0.07984  -0.02577 284 ARG A NE  
232 C CZ  . ARG A 28 ? 0.36649 0.34016 0.34303 0.01519  0.08858  -0.01935 284 ARG A CZ  
233 N NH1 . ARG A 28 ? 0.32294 0.29355 0.31839 0.00938  0.08775  -0.01511 284 ARG A NH1 
234 N NH2 . ARG A 28 ? 0.45944 0.42885 0.41843 0.01960  0.09774  -0.01781 284 ARG A NH2 
235 N N   . LYS A 29 ? 0.26253 0.23283 0.18842 0.01883  0.03975  -0.03220 285 LYS A N   
236 C CA  . LYS A 29 ? 0.32907 0.27971 0.22239 0.02078  0.02865  -0.03708 285 LYS A CA  
237 C C   . LYS A 29 ? 0.22398 0.16829 0.11947 0.01776  0.01154  -0.03612 285 LYS A C   
238 O O   . LYS A 29 ? 0.27364 0.21155 0.16662 0.01615  -0.00504 -0.04207 285 LYS A O   
239 C CB  . LYS A 29 ? 0.38646 0.32577 0.24695 0.02415  0.03050  -0.02964 285 LYS A CB  
240 C CG  . LYS A 29 ? 0.63379 0.55518 0.46195 0.02631  0.01247  -0.03331 285 LYS A CG  
241 C CD  . LYS A 29 ? 0.72193 0.63450 0.52101 0.02925  0.01239  -0.02479 285 LYS A CD  
242 C CE  . LYS A 29 ? 0.84876 0.74620 0.61850 0.03309  0.00564  -0.03231 285 LYS A CE  
243 N NZ  . LYS A 29 ? 0.99084 0.88391 0.74036 0.03741  0.02016  -0.02863 285 LYS A NZ  
244 N N   . VAL A 30 ? 0.22371 0.17502 0.13334 0.01488  0.01401  -0.02582 286 VAL A N   
245 C CA  . VAL A 30 ? 0.22394 0.18225 0.15752 0.00807  -0.00472 -0.01980 286 VAL A CA  
246 C C   . VAL A 30 ? 0.21167 0.17225 0.16783 0.00583  -0.00979 -0.03028 286 VAL A C   
247 O O   . VAL A 30 ? 0.17644 0.13610 0.14059 0.00201  -0.02732 -0.03036 286 VAL A O   
248 C CB  . VAL A 30 ? 0.27088 0.24348 0.22707 0.00432  0.00246  -0.00420 286 VAL A CB  
249 C CG1 . VAL A 30 ? 0.18764 0.16963 0.17582 -0.00215 -0.00957 0.00034  286 VAL A CG1 
250 C CG2 . VAL A 30 ? 0.31555 0.28450 0.25086 0.00568  -0.00111 0.00773  286 VAL A CG2 
251 N N   . HIS A 31 ? 0.18590 0.15231 0.15621 0.00751  0.00697  -0.03468 287 HIS A N   
252 C CA  . HIS A 31 ? 0.20870 0.18005 0.19597 0.00459  0.00238  -0.03160 287 HIS A CA  
253 C C   . HIS A 31 ? 0.16855 0.13078 0.14285 0.00370  -0.00246 -0.03860 287 HIS A C   
254 O O   . HIS A 31 ? 0.19888 0.16711 0.18573 0.00271  -0.01328 -0.03768 287 HIS A O   
255 C CB  . HIS A 31 ? 0.25737 0.24383 0.26223 0.00503  0.01222  -0.02847 287 HIS A CB  
256 C CG  . HIS A 31 ? 0.36450 0.36216 0.38921 0.00138  0.00844  -0.03103 287 HIS A CG  
257 N ND1 . HIS A 31 ? 0.42193 0.43674 0.47011 -0.00182 0.00325  -0.02683 287 HIS A ND1 
258 C CD2 . HIS A 31 ? 0.42953 0.42551 0.45353 0.00347  0.00947  -0.03707 287 HIS A CD2 
259 C CE1 . HIS A 31 ? 0.39286 0.40987 0.44451 -0.00062 0.00079  -0.02799 287 HIS A CE1 
260 N NE2 . HIS A 31 ? 0.41568 0.42767 0.46357 0.00032  0.00375  -0.03687 287 HIS A NE2 
261 N N   . ALA A 32 ? 0.14354 0.09740 0.09843 0.00610  0.00569  -0.04653 288 ALA A N   
262 C CA  . ALA A 32 ? 0.17415 0.12237 0.11899 0.00676  -0.00002 -0.05423 288 ALA A CA  
263 C C   . ALA A 32 ? 0.28889 0.23371 0.22624 0.00721  -0.02046 -0.05319 288 ALA A C   
264 O O   . ALA A 32 ? 0.31798 0.26053 0.25855 0.00647  -0.02835 -0.05483 288 ALA A O   
265 C CB  . ALA A 32 ? 0.17246 0.11912 0.10176 0.01066  0.01149  -0.06298 288 ALA A CB  
266 N N   . GLU A 33 ? 0.26325 0.20508 0.18961 0.00828  -0.02876 -0.04819 289 GLU A N   
267 C CA  . GLU A 33 ? 0.28209 0.21910 0.20506 0.00660  -0.04691 -0.04327 289 GLU A CA  
268 C C   . GLU A 33 ? 0.19112 0.13890 0.14479 0.00221  -0.05159 -0.03554 289 GLU A C   
269 O O   . GLU A 33 ? 0.21168 0.15501 0.16829 0.00182  -0.06158 -0.03394 289 GLU A O   
270 C CB  . GLU A 33 ? 0.31135 0.24295 0.21611 0.00723  -0.05320 -0.03639 289 GLU A CB  
271 C CG  . GLU A 33 ? 0.46964 0.38766 0.33692 0.01294  -0.05011 -0.04074 289 GLU A CG  
272 C CD  . GLU A 33 ? 0.59162 0.50744 0.44099 0.01411  -0.05024 -0.03078 289 GLU A CD  
273 O OE1 . GLU A 33 ? 0.64738 0.55391 0.46700 0.01930  -0.04293 -0.03159 289 GLU A OE1 
274 O OE2 . GLU A 33 ? 0.58010 0.50559 0.44851 0.00953  -0.05605 -0.02039 289 GLU A OE2 
275 N N   . LYS A 34 ? 0.13099 0.09038 0.10492 0.00039  -0.04323 -0.03041 290 LYS A N   
276 C CA  . LYS A 34 ? 0.19020 0.15432 0.18688 0.00119  -0.04635 -0.02274 290 LYS A CA  
277 C C   . LYS A 34 ? 0.18403 0.14620 0.18598 0.00521  -0.04875 -0.02762 290 LYS A C   
278 O O   . LYS A 34 ? 0.17376 0.13082 0.18406 0.00733  -0.05705 -0.02384 290 LYS A O   
279 C CB  . LYS A 34 ? 0.21000 0.18518 0.22272 0.00107  -0.03681 -0.01662 290 LYS A CB  
280 C CG  . LYS A 34 ? 0.22223 0.19893 0.23609 -0.00233 -0.03642 -0.00819 290 LYS A CG  
281 C CD  . LYS A 34 ? 0.22791 0.21329 0.25534 -0.00051 -0.02621 -0.00282 290 LYS A CD  
282 C CE  . LYS A 34 ? 0.35653 0.34331 0.38415 -0.00354 -0.02401 0.00668  290 LYS A CE  
283 N NZ  . LYS A 34 ? 0.41117 0.40734 0.43820 -0.00107 -0.01132 0.00682  290 LYS A NZ  
284 N N   . VAL A 35 ? 0.14550 0.10995 0.14261 0.00614  -0.04098 -0.03565 291 VAL A N   
285 C CA  . VAL A 35 ? 0.19108 0.15462 0.19306 0.00973  -0.04389 -0.04062 291 VAL A CA  
286 C C   . VAL A 35 ? 0.14600 0.09539 0.13323 0.01064  -0.05496 -0.04499 291 VAL A C   
287 O O   . VAL A 35 ? 0.18755 0.13372 0.18285 0.01330  -0.06341 -0.04434 291 VAL A O   
288 C CB  . VAL A 35 ? 0.19622 0.16269 0.19552 0.01014  -0.03234 -0.04763 291 VAL A CB  
289 C CG1 . VAL A 35 ? 0.24027 0.20486 0.24293 0.01357  -0.03626 -0.05356 291 VAL A CG1 
290 C CG2 . VAL A 35 ? 0.14812 0.13049 0.16645 0.00934  -0.02384 -0.04265 291 VAL A CG2 
291 N N   . ALA A 36 ? 0.16061 0.10085 0.12517 0.00901  -0.05533 -0.04951 292 ALA A N   
292 C CA  . ALA A 36 ? 0.22065 0.14714 0.16938 0.01022  -0.06698 -0.05374 292 ALA A CA  
293 C C   . ALA A 36 ? 0.20791 0.13074 0.16748 0.00912  -0.08028 -0.04546 292 ALA A C   
294 O O   . ALA A 36 ? 0.24133 0.15466 0.20052 0.01067  -0.09064 -0.04727 292 ALA A O   
295 C CB  . ALA A 36 ? 0.25544 0.17405 0.17642 0.00989  -0.06485 -0.05885 292 ALA A CB  
296 N N   . LYS A 37 ? 0.18983 0.11852 0.15943 0.00624  -0.07937 -0.03628 293 LYS A N   
297 C CA  . LYS A 37 ? 0.19843 0.12122 0.17909 0.00446  -0.08954 -0.02776 293 LYS A CA  
298 C C   . LYS A 37 ? 0.16340 0.08597 0.16271 0.00724  -0.09116 -0.02422 293 LYS A C   
299 O O   . LYS A 37 ? 0.19913 0.11147 0.20184 0.00709  -0.10190 -0.02219 293 LYS A O   
300 C CB  . LYS A 37 ? 0.19698 0.12556 0.18477 0.00061  -0.08591 -0.01861 293 LYS A CB  
301 C CG  . LYS A 37 ? 0.28041 0.20119 0.27932 -0.00262 -0.09506 -0.00955 293 LYS A CG  
302 C CD  . LYS A 37 ? 0.34464 0.27127 0.35307 -0.00668 -0.08938 0.00002  293 LYS A CD  
303 C CE  . LYS A 37 ? 0.50014 0.41840 0.51802 -0.01130 -0.09890 0.00856  293 LYS A CE  
304 N NZ  . LYS A 37 ? 0.56937 0.49646 0.60101 -0.01491 -0.08953 0.01815  293 LYS A NZ  
305 N N   . ALA A 38 ? 0.15372 0.08746 0.16493 0.00998  -0.08121 -0.02333 294 ALA A N   
306 C CA  . ALA A 38 ? 0.14276 0.07709 0.16992 0.01377  -0.08285 -0.01969 294 ALA A CA  
307 C C   . ALA A 38 ? 0.21174 0.13934 0.23533 0.01638  -0.09096 -0.02669 294 ALA A C   
308 O O   . ALA A 38 ? 0.18405 0.10459 0.21581 0.01769  -0.09900 -0.02309 294 ALA A O   
309 C CB  . ALA A 38 ? 0.10673 0.05732 0.14367 0.01517  -0.06945 -0.01906 294 ALA A CB  
310 N N   . PHE A 39 ? 0.16038 0.08864 0.17083 0.01692  -0.08872 -0.03674 295 PHE A N   
311 C CA  . PHE A 39 ? 0.27006 0.19041 0.27528 0.01948  -0.09587 -0.04418 295 PHE A CA  
312 C C   . PHE A 39 ? 0.23674 0.14078 0.22990 0.01767  -0.10903 -0.04521 295 PHE A C   
313 O O   . PHE A 39 ? 0.24757 0.14309 0.24383 0.01932  -0.11859 -0.04644 295 PHE A O   
314 C CB  . PHE A 39 ? 0.23349 0.15666 0.22664 0.02047  -0.08792 -0.05472 295 PHE A CB  
315 C CG  . PHE A 39 ? 0.21659 0.15353 0.22549 0.02295  -0.07960 -0.05550 295 PHE A CG  
316 C CD1 . PHE A 39 ? 0.23534 0.17175 0.25179 0.02644  -0.08388 -0.05926 295 PHE A CD1 
317 C CD2 . PHE A 39 ? 0.21523 0.16584 0.23225 0.02164  -0.06849 -0.05238 295 PHE A CD2 
318 C CE1 . PHE A 39 ? 0.29009 0.24033 0.32235 0.02856  -0.07768 -0.05984 295 PHE A CE1 
319 C CE2 . PHE A 39 ? 0.27427 0.23857 0.30733 0.02360  -0.06239 -0.05303 295 PHE A CE2 
320 C CZ  . PHE A 39 ? 0.21085 0.17547 0.25183 0.02703  -0.06726 -0.05673 295 PHE A CZ  
321 N N   . TRP A 40 ? 0.25560 0.15518 0.23517 0.01423  -0.11057 -0.04472 296 TRP A N   
322 C CA  . TRP A 40 ? 0.25072 0.13533 0.21946 0.01228  -0.12451 -0.04540 296 TRP A CA  
323 C C   . TRP A 40 ? 0.33979 0.22004 0.32679 0.01038  -0.13325 -0.03567 296 TRP A C   
324 O O   . TRP A 40 ? 0.26847 0.13670 0.25459 0.01022  -0.14573 -0.03694 296 TRP A O   
325 C CB  . TRP A 40 ? 0.26276 0.14520 0.21400 0.00927  -0.12478 -0.04591 296 TRP A CB  
326 C CG  . TRP A 40 ? 0.40421 0.27438 0.35151 0.00619  -0.13980 -0.04270 296 TRP A CG  
327 C CD1 . TRP A 40 ? 0.37366 0.24511 0.33163 0.00171  -0.14367 -0.03304 296 TRP A CD1 
328 C CD2 . TRP A 40 ? 0.46387 0.31819 0.39660 0.00704  -0.15346 -0.04921 296 TRP A CD2 
329 N NE1 . TRP A 40 ? 0.48525 0.34359 0.43754 -0.00059 -0.15930 -0.03295 296 TRP A NE1 
330 C CE2 . TRP A 40 ? 0.50431 0.35153 0.44050 0.00276  -0.16597 -0.04292 296 TRP A CE2 
331 C CE3 . TRP A 40 ? 0.60758 0.45238 0.52461 0.01089  -0.15634 -0.05996 296 TRP A CE3 
332 C CZ2 . TRP A 40 ? 0.56837 0.39947 0.49294 0.00224  -0.18217 -0.04707 296 TRP A CZ2 
333 C CZ3 . TRP A 40 ? 0.70478 0.53264 0.60864 0.01070  -0.17183 -0.06430 296 TRP A CZ3 
334 C CH2 . TRP A 40 ? 0.63708 0.45827 0.54479 0.00640  -0.18504 -0.05788 296 TRP A CH2 
335 N N   A MET A 41 ? 0.22041 0.10910 0.22336 0.00882  -0.12660 -0.02594 297 MET A N   
336 N N   B MET A 41 ? 0.22038 0.10907 0.22334 0.00883  -0.12658 -0.02594 297 MET A N   
337 C CA  A MET A 41 ? 0.21758 0.10121 0.23714 0.00686  -0.13301 -0.01604 297 MET A CA  
338 C CA  B MET A 41 ? 0.21756 0.10119 0.23713 0.00685  -0.13300 -0.01601 297 MET A CA  
339 C C   A MET A 41 ? 0.23494 0.11668 0.26535 0.01083  -0.13633 -0.01621 297 MET A C   
340 C C   B MET A 41 ? 0.23301 0.11480 0.26354 0.01082  -0.13626 -0.01612 297 MET A C   
341 O O   A MET A 41 ? 0.28246 0.15484 0.32045 0.00945  -0.14698 -0.01212 297 MET A O   
342 O O   B MET A 41 ? 0.28468 0.15723 0.32302 0.00944  -0.14680 -0.01187 297 MET A O   
343 C CB  A MET A 41 ? 0.19202 0.08395 0.22336 0.00489  -0.12342 -0.00608 297 MET A CB  
344 C CB  B MET A 41 ? 0.19212 0.08402 0.22339 0.00484  -0.12345 -0.00607 297 MET A CB  
345 C CG  A MET A 41 ? 0.30875 0.20004 0.33453 -0.00066 -0.12424 -0.00253 297 MET A CG  
346 C CG  B MET A 41 ? 0.29062 0.18328 0.31471 -0.00029 -0.12280 -0.00360 297 MET A CG  
347 S SD  A MET A 41 ? 0.36709 0.27555 0.40402 -0.00452 -0.10760 0.00635  297 MET A SD  
348 S SD  B MET A 41 ? 0.40440 0.28344 0.42477 -0.00553 -0.14032 -0.00192 297 MET A SD  
349 C CE  A MET A 41 ? 0.26194 0.17821 0.31431 -0.00736 -0.10446 0.01262  297 MET A CE  
350 C CE  B MET A 41 ? 0.37217 0.25252 0.41632 -0.00963 -0.14031 0.01167  297 MET A CE  
351 N N   . ALA A 42 ? 0.20175 0.09288 0.23395 0.01551  -0.12794 -0.02081 298 ALA A N   
352 C CA  . ALA A 42 ? 0.21174 0.10411 0.25390 0.01853  -0.12994 -0.02140 298 ALA A CA  
353 C C   . ALA A 42 ? 0.27307 0.15259 0.30684 0.02024  -0.14261 -0.02933 298 ALA A C   
354 O O   . ALA A 42 ? 0.37132 0.24484 0.41394 0.02137  -0.15093 -0.02734 298 ALA A O   
355 C CB  . ALA A 42 ? 0.17682 0.08571 0.22309 0.02105  -0.11616 -0.02453 298 ALA A CB  
356 N N   . ILE A 43 ? 0.32197 0.19754 0.33705 0.01973  -0.14318 -0.03872 299 ILE A N   
357 C CA  . ILE A 43 ? 0.37354 0.23678 0.37645 0.02105  -0.15308 -0.04800 299 ILE A CA  
358 C C   . ILE A 43 ? 0.48951 0.33734 0.48575 0.01729  -0.16751 -0.04665 299 ILE A C   
359 O O   . ILE A 43 ? 0.51093 0.34860 0.51201 0.01735  -0.17909 -0.04666 299 ILE A O   
360 C CB  . ILE A 43 ? 0.41446 0.27901 0.39780 0.02287  -0.14593 -0.05950 299 ILE A CB  
361 C CG1 . ILE A 43 ? 0.36563 0.24538 0.35868 0.02606  -0.13310 -0.06117 299 ILE A CG1 
362 C CG2 . ILE A 43 ? 0.48959 0.33832 0.45639 0.02438  -0.15595 -0.06969 299 ILE A CG2 
363 C CD1 . ILE A 43 ? 0.40887 0.29043 0.38472 0.02695  -0.12352 -0.07137 299 ILE A CD1 
364 N N   . GLY A 44 ? 0.64837 0.49438 0.63388 0.01381  -0.16780 -0.04554 300 GLY A N   
365 C CA  . GLY A 44 ? 0.74861 0.58037 0.72599 0.01016  -0.18247 -0.04536 300 GLY A CA  
366 C C   . GLY A 44 ? 0.86004 0.68928 0.85759 0.00598  -0.19027 -0.03379 300 GLY A C   
367 O O   . GLY A 44 ? 0.92020 0.74267 0.91524 0.00152  -0.19941 -0.03065 300 GLY A O   
368 N N   . SER B 1  ? 1.38622 1.02414 1.02119 0.09514  -0.06310 -0.26432 257 SER B N   
369 C CA  . SER B 1  ? 1.35648 0.98822 1.00406 0.09247  -0.08424 -0.26242 257 SER B CA  
370 C C   . SER B 1  ? 1.25269 0.90205 0.92517 0.08440  -0.09962 -0.24658 257 SER B C   
371 O O   . SER B 1  ? 1.25714 0.92149 0.93437 0.08094  -0.09444 -0.23782 257 SER B O   
372 C CB  . SER B 1  ? 1.43622 1.03949 1.04919 0.09584  -0.10001 -0.27205 257 SER B CB  
373 O OG  . SER B 1  ? 1.44738 1.04657 1.07314 0.09159  -0.12388 -0.26717 257 SER B OG  
374 N N   . ASP B 2  ? 1.17939 0.82676 0.86845 0.08180  -0.11804 -0.24299 258 ASP B N   
375 C CA  . ASP B 2  ? 1.12604 0.79050 0.84190 0.07493  -0.13169 -0.22800 258 ASP B CA  
376 C C   . ASP B 2  ? 1.06830 0.72812 0.76732 0.07146  -0.14472 -0.22245 258 ASP B C   
377 O O   . ASP B 2  ? 0.99737 0.67435 0.71459 0.06628  -0.14795 -0.20990 258 ASP B O   
378 C CB  . ASP B 2  ? 1.17636 0.83829 0.91290 0.07380  -0.14789 -0.22593 258 ASP B CB  
379 C CG  . ASP B 2  ? 1.23220 0.91007 0.99933 0.07472  -0.13794 -0.22336 258 ASP B CG  
380 O OD1 . ASP B 2  ? 1.27853 0.95806 1.04280 0.07870  -0.11855 -0.23019 258 ASP B OD1 
381 O OD2 . ASP B 2  ? 1.19881 0.88712 0.99298 0.07180  -0.14937 -0.21439 258 ASP B OD2 
382 N N   . VAL B 3  ? 0.98302 0.61908 0.64720 0.07449  -0.15257 -0.23161 259 VAL B N   
383 C CA  . VAL B 3  ? 0.90810 0.53785 0.55447 0.07161  -0.16593 -0.22666 259 VAL B CA  
384 C C   . VAL B 3  ? 0.89574 0.53693 0.53223 0.07160  -0.15043 -0.22283 259 VAL B C   
385 O O   . VAL B 3  ? 0.83096 0.48344 0.47596 0.06676  -0.15636 -0.21172 259 VAL B O   
386 C CB  . VAL B 3  ? 0.91417 0.51365 0.52379 0.07530  -0.17940 -0.23788 259 VAL B CB  
387 C CG1 . VAL B 3  ? 0.91467 0.50693 0.50426 0.07269  -0.19290 -0.23284 259 VAL B CG1 
388 C CG2 . VAL B 3  ? 0.99465 0.58336 0.61695 0.07434  -0.19664 -0.24031 259 VAL B CG2 
389 N N   . GLU B 4  ? 0.96086 0.59931 0.58038 0.07719  -0.12971 -0.23183 260 GLU B N   
390 C CA  . GLU B 4  ? 1.02048 0.67013 0.63178 0.07749  -0.11375 -0.22804 260 GLU B CA  
391 C C   . GLU B 4  ? 0.90126 0.57920 0.55047 0.07200  -0.10579 -0.21584 260 GLU B C   
392 O O   . GLU B 4  ? 0.84006 0.52932 0.48960 0.06918  -0.10232 -0.20760 260 GLU B O   
393 C CB  . GLU B 4  ? 1.21393 0.85533 0.80237 0.08512  -0.09175 -0.24012 260 GLU B CB  
394 C CG  . GLU B 4  ? 1.42207 1.07745 1.03730 0.08677  -0.07130 -0.24335 260 GLU B CG  
395 C CD  . GLU B 4  ? 1.49853 1.17630 1.13004 0.08511  -0.05156 -0.23665 260 GLU B CD  
396 O OE1 . GLU B 4  ? 1.49276 1.18211 1.14716 0.08628  -0.03430 -0.23900 260 GLU B OE1 
397 O OE2 . GLU B 4  ? 1.55779 1.24132 1.18060 0.08255  -0.05373 -0.22882 260 GLU B OE2 
398 N N   A ASN B 5  ? 0.82377 0.51253 0.50410 0.07071  -0.10328 -0.21441 261 ASN B N   
399 N N   B ASN B 5  ? 0.82450 0.51326 0.50496 0.07063  -0.10363 -0.21428 261 ASN B N   
400 C CA  A ASN B 5  ? 0.75879 0.47289 0.47433 0.06581  -0.09736 -0.20273 261 ASN B CA  
401 C CA  B ASN B 5  ? 0.75838 0.47254 0.47367 0.06581  -0.09722 -0.20269 261 ASN B CA  
402 C C   A ASN B 5  ? 0.71621 0.43825 0.44556 0.05976  -0.11538 -0.18993 261 ASN B C   
403 C C   B ASN B 5  ? 0.71589 0.43828 0.44605 0.05971  -0.11535 -0.18980 261 ASN B C   
404 O O   A ASN B 5  ? 0.65391 0.39283 0.39667 0.05598  -0.11048 -0.18014 261 ASN B O   
405 O O   B ASN B 5  ? 0.65313 0.39289 0.39801 0.05587  -0.11049 -0.17985 261 ASN B O   
406 C CB  A ASN B 5  ? 0.73774 0.45906 0.48058 0.06665  -0.09296 -0.20402 261 ASN B CB  
407 C CB  B ASN B 5  ? 0.73872 0.46047 0.48104 0.06679  -0.09144 -0.20424 261 ASN B CB  
408 C CG  A ASN B 5  ? 0.79906 0.51840 0.53751 0.07187  -0.07061 -0.21419 261 ASN B CG  
409 C CG  B ASN B 5  ? 0.70438 0.44972 0.47527 0.06402  -0.07730 -0.19591 261 ASN B CG  
410 O OD1 A ASN B 5  ? 0.83062 0.55018 0.55351 0.07398  -0.05481 -0.21773 261 ASN B OD1 
411 O OD1 B ASN B 5  ? 0.74642 0.49744 0.51216 0.06502  -0.05901 -0.19755 261 ASN B OD1 
412 N ND2 A ASN B 5  ? 0.82347 0.54074 0.57649 0.07442  -0.06895 -0.21885 261 ASN B ND2 
413 N ND2 B ASN B 5  ? 0.64523 0.40417 0.44642 0.06085  -0.08583 -0.18683 261 ASN B ND2 
414 N N   . PHE B 6  ? 0.67150 0.38106 0.39892 0.05883  -0.13579 -0.18992 262 PHE B N   
415 C CA  . PHE B 6  ? 0.65105 0.36675 0.39336 0.05333  -0.15250 -0.17792 262 PHE B CA  
416 C C   . PHE B 6  ? 0.68961 0.40189 0.41059 0.05182  -0.15497 -0.17475 262 PHE B C   
417 O O   . PHE B 6  ? 0.63258 0.35850 0.36957 0.04722  -0.15800 -0.16328 262 PHE B O   
418 C CB  . PHE B 6  ? 0.72339 0.42417 0.46768 0.05288  -0.17318 -0.17952 262 PHE B CB  
419 C CG  . PHE B 6  ? 0.73408 0.44377 0.50916 0.05251  -0.17523 -0.17644 262 PHE B CG  
420 C CD1 . PHE B 6  ? 0.71132 0.44416 0.51549 0.05084  -0.16459 -0.16787 262 PHE B CD1 
421 C CD2 . PHE B 6  ? 0.88452 0.57870 0.65848 0.05407  -0.18834 -0.18213 262 PHE B CD2 
422 C CE1 . PHE B 6  ? 0.74771 0.48839 0.57845 0.05116  -0.16720 -0.16472 262 PHE B CE1 
423 C CE2 . PHE B 6  ? 0.91184 0.61394 0.71326 0.05414  -0.19052 -0.17896 262 PHE B CE2 
424 C CZ  . PHE B 6  ? 0.83682 0.56235 0.66623 0.05288  -0.18002 -0.17009 262 PHE B CZ  
425 N N   . GLU B 7  ? 0.71069 0.40415 0.39468 0.05610  -0.15366 -0.18475 263 GLU B N   
426 C CA  . GLU B 7  ? 0.72731 0.41620 0.38739 0.05564  -0.15584 -0.18204 263 GLU B CA  
427 C C   . GLU B 7  ? 0.69386 0.40227 0.36155 0.05464  -0.13710 -0.17601 263 GLU B C   
428 O O   . GLU B 7  ? 0.67865 0.39479 0.34841 0.05113  -0.14084 -0.16682 263 GLU B O   
429 C CB  . GLU B 7  ? 0.78816 0.45194 0.40457 0.06175  -0.15651 -0.19451 263 GLU B CB  
430 C CG  . GLU B 7  ? 0.97101 0.61258 0.57222 0.06147  -0.18037 -0.19811 263 GLU B CG  
431 C CD  . GLU B 7  ? 1.08285 0.69795 0.63902 0.06832  -0.18028 -0.21147 263 GLU B CD  
432 O OE1 . GLU B 7  ? 1.06113 0.67576 0.59819 0.07360  -0.16051 -0.21741 263 GLU B OE1 
433 O OE2 . GLU B 7  ? 1.12298 0.71718 0.66297 0.06863  -0.19971 -0.21604 263 GLU B OE2 
434 N N   . ARG B 8  ? 0.68309 0.39934 0.35621 0.05763  -0.11678 -0.18115 264 ARG B N   
435 C CA  . ARG B 8  ? 0.71182 0.44668 0.39520 0.05647  -0.09835 -0.17576 264 ARG B CA  
436 C C   . ARG B 8  ? 0.59694 0.35305 0.31703 0.05008  -0.10200 -0.16280 264 ARG B C   
437 O O   . ARG B 8  ? 0.57372 0.34222 0.29873 0.04734  -0.09636 -0.15490 264 ARG B O   
438 C CB  . ARG B 8  ? 0.75157 0.48972 0.43755 0.06079  -0.07646 -0.18434 264 ARG B CB  
439 C CG  . ARG B 8  ? 0.79199 0.55141 0.49831 0.05880  -0.05744 -0.17857 264 ARG B CG  
440 C CD  . ARG B 8  ? 0.90305 0.66564 0.61796 0.06267  -0.03707 -0.18706 264 ARG B CD  
441 N NE  . ARG B 8  ? 0.96539 0.73024 0.70488 0.06161  -0.04183 -0.18800 264 ARG B NE  
442 C CZ  . ARG B 8  ? 0.94700 0.72907 0.71965 0.05732  -0.04116 -0.17940 264 ARG B CZ  
443 N NH1 . ARG B 8  ? 0.85469 0.65286 0.64067 0.05323  -0.03541 -0.16994 264 ARG B NH1 
444 N NH2 . ARG B 8  ? 0.97531 0.75791 0.76665 0.05765  -0.04668 -0.18011 264 ARG B NH2 
445 N N   . LEU B 9  ? 0.57805 0.33809 0.32341 0.04812  -0.11125 -0.16027 265 LEU B N   
446 C CA  . LEU B 9  ? 0.54382 0.32347 0.32347 0.04312  -0.11385 -0.14792 265 LEU B CA  
447 C C   . LEU B 9  ? 0.52428 0.30384 0.30609 0.03897  -0.12964 -0.13834 265 LEU B C   
448 O O   . LEU B 9  ? 0.48857 0.28396 0.28935 0.03519  -0.12706 -0.12803 265 LEU B O   
449 C CB  . LEU B 9  ? 0.51338 0.29688 0.31804 0.04336  -0.11859 -0.14757 265 LEU B CB  
450 C CG  . LEU B 9  ? 0.70530 0.49627 0.51974 0.04608  -0.10131 -0.15296 265 LEU B CG  
451 C CD1 . LEU B 9  ? 0.65201 0.44459 0.48776 0.04712  -0.10850 -0.15296 265 LEU B CD1 
452 C CD2 . LEU B 9  ? 0.59497 0.40567 0.42603 0.04343  -0.08684 -0.14560 265 LEU B CD2 
453 N N   . PHE B 10 ? 0.56114 0.32240 0.32452 0.03954  -0.14602 -0.14165 266 PHE B N   
454 C CA  . PHE B 10 ? 0.61847 0.37782 0.38140 0.03564  -0.16025 -0.13331 266 PHE B CA  
455 C C   . PHE B 10 ? 0.63836 0.40254 0.38501 0.03527  -0.15138 -0.13059 266 PHE B C   
456 O O   . PHE B 10 ? 0.62339 0.39863 0.38398 0.03111  -0.15395 -0.12019 266 PHE B O   
457 C CB  . PHE B 10 ? 0.60891 0.34547 0.35190 0.03657  -0.17931 -0.13883 266 PHE B CB  
458 C CG  . PHE B 10 ? 0.61843 0.35053 0.35766 0.03269  -0.19435 -0.13154 266 PHE B CG  
459 C CD1 . PHE B 10 ? 0.68910 0.42622 0.45664 0.02772  -0.20708 -0.12169 266 PHE B CD1 
460 C CD2 . PHE B 10 ? 0.69887 0.42127 0.40645 0.03422  -0.19543 -0.13421 266 PHE B CD2 
461 C CE1 . PHE B 10 ? 0.72450 0.45758 0.49103 0.02376  -0.22058 -0.11499 266 PHE B CE1 
462 C CE2 . PHE B 10 ? 0.71194 0.43048 0.41713 0.03054  -0.21005 -0.12736 266 PHE B CE2 
463 C CZ  . PHE B 10 ? 0.71093 0.43511 0.44676 0.02503  -0.22265 -0.11794 266 PHE B CZ  
464 N N   . SER B 11 ? 0.62506 0.38049 0.34185 0.03999  -0.14027 -0.13971 267 SER B N   
465 C CA  . SER B 11 ? 0.59050 0.35104 0.29143 0.04053  -0.12941 -0.13695 267 SER B CA  
466 C C   . SER B 11 ? 0.59154 0.37555 0.32069 0.03727  -0.11546 -0.12875 267 SER B C   
467 O O   . SER B 11 ? 0.52449 0.31699 0.25471 0.03473  -0.11421 -0.12073 267 SER B O   
468 C CB  . SER B 11 ? 0.62977 0.37751 0.29658 0.04715  -0.11640 -0.14814 267 SER B CB  
469 O OG  . SER B 11 ? 0.86422 0.58857 0.50011 0.05021  -0.13062 -0.15485 267 SER B OG  
470 N N   . LYS B 12 ? 0.51361 0.30759 0.26556 0.03735  -0.10573 -0.13054 268 LYS B N   
471 C CA  . LYS B 12 ? 0.46654 0.28160 0.24607 0.03423  -0.09365 -0.12307 268 LYS B CA  
472 C C   . LYS B 12 ? 0.49343 0.31872 0.29759 0.02904  -0.10553 -0.11086 268 LYS B C   
473 O O   . LYS B 12 ? 0.48124 0.32014 0.29690 0.02616  -0.09904 -0.10306 268 LYS B O   
474 C CB  . LYS B 12 ? 0.49535 0.31658 0.29317 0.03571  -0.08323 -0.12771 268 LYS B CB  
475 C CG  . LYS B 12 ? 0.54888 0.39023 0.37995 0.03218  -0.07677 -0.11900 268 LYS B CG  
476 C CD  . LYS B 12 ? 0.66203 0.51419 0.49315 0.03122  -0.05911 -0.11699 268 LYS B CD  
477 C CE  . LYS B 12 ? 0.68399 0.55146 0.54402 0.02957  -0.04864 -0.11333 268 LYS B CE  
478 N NZ  . LYS B 12 ? 0.67729 0.55423 0.53957 0.02827  -0.03137 -0.11119 268 LYS B NZ  
479 N N   . LEU B 13 ? 0.48923 0.30760 0.30246 0.02801  -0.12213 -0.10903 269 LEU B N   
480 C CA  . LEU B 13 ? 0.47469 0.30097 0.31190 0.02356  -0.13236 -0.09728 269 LEU B CA  
481 C C   . LEU B 13 ? 0.48896 0.31283 0.31396 0.02097  -0.13865 -0.09191 269 LEU B C   
482 O O   . LEU B 13 ? 0.41516 0.25081 0.25854 0.01722  -0.13827 -0.08178 269 LEU B O   
483 C CB  . LEU B 13 ? 0.46320 0.28026 0.31142 0.02341  -0.14798 -0.09695 269 LEU B CB  
484 C CG  . LEU B 13 ? 0.49029 0.31336 0.35889 0.02537  -0.14409 -0.09828 269 LEU B CG  
485 C CD1 . LEU B 13 ? 0.57662 0.38901 0.45422 0.02522  -0.16046 -0.09732 269 LEU B CD1 
486 C CD2 . LEU B 13 ? 0.43264 0.27596 0.32852 0.02371  -0.13372 -0.08917 269 LEU B CD2 
487 N N   . LYS B 14 ? 0.46772 0.27578 0.26115 0.02324  -0.14462 -0.09845 270 LYS B N   
488 C CA  . LYS B 14 ? 0.56270 0.36846 0.34157 0.02149  -0.15039 -0.09354 270 LYS B CA  
489 C C   . LYS B 14 ? 0.52338 0.34306 0.29989 0.02149  -0.13383 -0.08999 270 LYS B C   
490 O O   . LYS B 14 ? 0.50524 0.33298 0.28806 0.01830  -0.13597 -0.08108 270 LYS B O   
491 C CB  . LYS B 14 ? 0.53392 0.31834 0.27605 0.02503  -0.15989 -0.10184 270 LYS B CB  
492 C CG  . LYS B 14 ? 0.67090 0.45182 0.39301 0.02438  -0.16545 -0.09734 270 LYS B CG  
493 C CD  . LYS B 14 ? 0.78924 0.55007 0.49300 0.02443  -0.18644 -0.10014 270 LYS B CD  
494 C CE  . LYS B 14 ? 0.89678 0.65366 0.57881 0.02436  -0.19251 -0.09568 270 LYS B CE  
495 N NZ  . LYS B 14 ? 0.94576 0.72171 0.65418 0.01924  -0.19092 -0.08306 270 LYS B NZ  
496 N N   . GLU B 15 ? 0.50257 0.32502 0.27101 0.02501  -0.11686 -0.09682 271 GLU B N   
497 C CA  . GLU B 15 ? 0.49767 0.33181 0.26656 0.02568  -0.10054 -0.09354 271 GLU B CA  
498 C C   . GLU B 15 ? 0.49410 0.34756 0.29827 0.02038  -0.09810 -0.08360 271 GLU B C   
499 O O   . GLU B 15 ? 0.47626 0.33582 0.28113 0.01958  -0.09565 -0.07628 271 GLU B O   
500 C CB  . GLU B 15 ? 0.66294 0.49718 0.42456 0.02986  -0.08211 -0.10278 271 GLU B CB  
501 C CG  . GLU B 15 ? 0.95786 0.79938 0.71417 0.03239  -0.06431 -0.10070 271 GLU B CG  
502 C CD  . GLU B 15 ? 1.22118 1.07495 0.99833 0.03201  -0.04584 -0.10544 271 GLU B CD  
503 O OE1 . GLU B 15 ? 1.30853 1.16471 1.07729 0.03559  -0.02849 -0.10801 271 GLU B OE1 
504 O OE2 . GLU B 15 ? 1.29179 1.15187 1.09409 0.02872  -0.04901 -0.10573 271 GLU B OE2 
505 N N   . MET B 16 ? 0.41754 0.27646 0.24774 0.01869  -0.10032 -0.08283 272 MET B N   
506 C CA  . MET B 16 ? 0.38727 0.26197 0.24904 0.01500  -0.09795 -0.07331 272 MET B CA  
507 C C   . MET B 16 ? 0.38820 0.26375 0.25886 0.01119  -0.11035 -0.06332 272 MET B C   
508 O O   . MET B 16 ? 0.33501 0.22277 0.22063 0.00828  -0.10557 -0.05500 272 MET B O   
509 C CB  . MET B 16 ? 0.37218 0.24956 0.25586 0.01584  -0.09903 -0.07416 272 MET B CB  
510 C CG  . MET B 16 ? 0.49521 0.37655 0.37910 0.01857  -0.08465 -0.08173 272 MET B CG  
511 S SD  . MET B 16 ? 0.57897 0.45886 0.48026 0.02103  -0.09026 -0.08459 272 MET B SD  
512 C CE  . MET B 16 ? 0.40481 0.29228 0.33428 0.01845  -0.10106 -0.07133 272 MET B CE  
513 N N   . LYS B 17 ? 0.36699 0.22897 0.22941 0.01097  -0.12616 -0.06415 273 LYS B N   
514 C CA  . LYS B 17 ? 0.46324 0.32444 0.33434 0.00689  -0.13809 -0.05511 273 LYS B CA  
515 C C   . LYS B 17 ? 0.47525 0.34151 0.33233 0.00593  -0.13493 -0.05129 273 LYS B C   
516 O O   . LYS B 17 ? 0.43735 0.31295 0.31091 0.00218  -0.13569 -0.04158 273 LYS B O   
517 C CB  . LYS B 17 ? 0.51165 0.35547 0.37334 0.00686  -0.15597 -0.05829 273 LYS B CB  
518 C CG  . LYS B 17 ? 0.62414 0.46675 0.50529 0.00185  -0.16882 -0.04867 273 LYS B CG  
519 C CD  . LYS B 17 ? 0.72287 0.54782 0.58728 0.00144  -0.18726 -0.05226 273 LYS B CD  
520 C CE  . LYS B 17 ? 0.82966 0.65324 0.71602 -0.00422 -0.20016 -0.04264 273 LYS B CE  
521 N NZ  . LYS B 17 ? 0.97165 0.78127 0.84003 -0.00539 -0.21776 -0.04459 273 LYS B NZ  
522 N N   . ASP B 18 ? 0.46844 0.32705 0.29392 0.01002  -0.13107 -0.05837 274 ASP B N   
523 C CA  . ASP B 18 ? 0.52673 0.38334 0.33231 0.01168  -0.13042 -0.05405 274 ASP B CA  
524 C C   . ASP B 18 ? 0.53631 0.40709 0.35356 0.01152  -0.11577 -0.04869 274 ASP B C   
525 O O   . ASP B 18 ? 0.56473 0.44167 0.38431 0.00986  -0.11659 -0.03978 274 ASP B O   
526 C CB  . ASP B 18 ? 0.54033 0.37909 0.30409 0.01823  -0.12937 -0.06258 274 ASP B CB  
527 C CG  . ASP B 18 ? 0.73374 0.55620 0.48160 0.01846  -0.14633 -0.06716 274 ASP B CG  
528 O OD1 . ASP B 18 ? 0.76299 0.58760 0.52700 0.01351  -0.16049 -0.06108 274 ASP B OD1 
529 O OD2 . ASP B 18 ? 0.81653 0.62373 0.53611 0.02361  -0.14493 -0.07694 274 ASP B OD2 
530 N N   . LYS B 19 ? 0.47090 0.34729 0.29628 0.01314  -0.10231 -0.05392 275 LYS B N   
531 C CA  . LYS B 19 ? 0.46025 0.34979 0.29970 0.01252  -0.08912 -0.04940 275 LYS B CA  
532 C C   . LYS B 19 ? 0.40804 0.31139 0.28063 0.00648  -0.09355 -0.03881 275 LYS B C   
533 O O   . LYS B 19 ? 0.47208 0.38341 0.35031 0.00521  -0.08922 -0.03123 275 LYS B O   
534 C CB  . LYS B 19 ? 0.46398 0.35827 0.31180 0.01434  -0.07488 -0.05729 275 LYS B CB  
535 C CG  . LYS B 19 ? 0.57177 0.45808 0.39218 0.02043  -0.06092 -0.06530 275 LYS B CG  
536 C CD  . LYS B 19 ? 0.61409 0.50902 0.45182 0.02048  -0.04565 -0.07203 275 LYS B CD  
537 C CE  . LYS B 19 ? 0.73370 0.61864 0.55083 0.02512  -0.03779 -0.08259 275 LYS B CE  
538 N NZ  . LYS B 19 ? 0.77538 0.66967 0.60217 0.02646  -0.01606 -0.08682 275 LYS B NZ  
539 N N   . ALA B 20 ? 0.36516 0.27088 0.25906 0.00315  -0.10037 -0.03757 276 ALA B N   
540 C CA  . ALA B 20 ? 0.34305 0.25822 0.26620 -0.00145 -0.10212 -0.02729 276 ALA B CA  
541 C C   . ALA B 20 ? 0.39611 0.31220 0.31773 -0.00436 -0.11002 -0.01928 276 ALA B C   
542 O O   . ALA B 20 ? 0.34707 0.27270 0.28698 -0.00748 -0.10624 -0.01028 276 ALA B O   
543 C CB  . ALA B 20 ? 0.35271 0.25936 0.29057 -0.00167 -0.11053 -0.02734 276 ALA B CB  
544 N N   . ALA B 21 ? 0.41428 0.31947 0.31394 -0.00315 -0.12123 -0.02233 277 ALA B N   
545 C CA  . ALA B 21 ? 0.40189 0.30814 0.29912 -0.00526 -0.12976 -0.01467 277 ALA B CA  
546 C C   . ALA B 21 ? 0.39152 0.30352 0.27634 -0.00293 -0.12224 -0.00981 277 ALA B C   
547 O O   . ALA B 21 ? 0.51358 0.43427 0.40825 -0.00511 -0.12405 -0.00029 277 ALA B O   
548 C CB  . ALA B 21 ? 0.41977 0.31047 0.29387 -0.00387 -0.14490 -0.01951 277 ALA B CB  
549 N N   . THR B 22 ? 0.45258 0.35971 0.31590 0.00198  -0.11250 -0.01578 278 THR B N   
550 C CA  . THR B 22 ? 0.50492 0.41540 0.35329 0.00515  -0.10278 -0.01051 278 THR B CA  
551 C C   . THR B 22 ? 0.52489 0.45204 0.40145 0.00215  -0.09283 -0.00262 278 THR B C   
552 O O   . THR B 22 ? 0.50403 0.43708 0.37542 0.00389  -0.08544 0.00574  278 THR B O   
553 C CB  . THR B 22 ? 0.70624 0.60382 0.52152 0.01193  -0.09189 -0.02002 278 THR B CB  
554 O OG1 . THR B 22 ? 0.84064 0.72230 0.63138 0.01476  -0.10058 -0.02795 278 THR B OG1 
555 C CG2 . THR B 22 ? 0.93998 0.83716 0.73361 0.01630  -0.07947 -0.01349 278 THR B CG2 
556 N N   . LEU B 23 ? 0.35923 0.29352 0.26519 -0.00185 -0.09138 -0.00404 279 LEU B N   
557 C CA  . LEU B 23 ? 0.37164 0.31902 0.30131 -0.00405 -0.08050 0.00135  279 LEU B CA  
558 C C   . LEU B 23 ? 0.29737 0.25724 0.24309 -0.00644 -0.07789 0.01405  279 LEU B C   
559 O O   . LEU B 23 ? 0.30250 0.26972 0.25074 -0.00506 -0.06733 0.01970  279 LEU B O   
560 C CB  . LEU B 23 ? 0.28229 0.23285 0.23784 -0.00700 -0.07819 -0.00175 279 LEU B CB  
561 C CG  . LEU B 23 ? 0.33597 0.29737 0.31516 -0.00889 -0.06613 0.00243  279 LEU B CG  
562 C CD1 . LEU B 23 ? 0.26169 0.22437 0.22980 -0.00610 -0.05893 -0.00101 279 LEU B CD1 
563 C CD2 . LEU B 23 ? 0.31935 0.27710 0.31344 -0.00874 -0.06448 0.00018  279 LEU B CD2 
564 N N   . PRO B 24 ? 0.33535 0.29747 0.29246 -0.00949 -0.08543 0.01892  280 PRO B N   
565 C CA  . PRO B 24 ? 0.35672 0.33020 0.32891 -0.01085 -0.08058 0.02936  280 PRO B CA  
566 C C   . PRO B 24 ? 0.36834 0.34341 0.31998 -0.00481 -0.07736 0.03526  280 PRO B C   
567 O O   . PRO B 24 ? 0.31809 0.30181 0.27976 -0.00343 -0.06603 0.04222  280 PRO B O   
568 C CB  . PRO B 24 ? 0.39055 0.35893 0.37320 -0.01604 -0.09344 0.03244  280 PRO B CB  
569 C CG  . PRO B 24 ? 0.44563 0.40180 0.42787 -0.01793 -0.10087 0.02498  280 PRO B CG  
570 C CD  . PRO B 24 ? 0.43413 0.38801 0.39307 -0.01187 -0.09752 0.01535  280 PRO B CD  
571 N N   . HIS B 25 ? 0.33902 0.30323 0.25994 -0.00089 -0.08533 0.03244  281 HIS B N   
572 C CA  . HIS B 25 ? 0.39848 0.36083 0.29443 0.00530  -0.07909 0.03878  281 HIS B CA  
573 C C   . HIS B 25 ? 0.45582 0.41781 0.34340 0.00804  -0.06188 0.03942  281 HIS B C   
574 O O   . HIS B 25 ? 0.37226 0.33981 0.25760 0.01160  -0.04884 0.04871  281 HIS B O   
575 C CB  . HIS B 25 ? 0.46952 0.41604 0.33035 0.00793  -0.08962 0.03338  281 HIS B CB  
576 C CG  . HIS B 25 ? 0.57896 0.51775 0.40685 0.01366  -0.07907 0.03652  281 HIS B CG  
577 N ND1 . HIS B 25 ? 0.61314 0.55787 0.43693 0.01646  -0.07665 0.04812  281 HIS B ND1 
578 C CD2 . HIS B 25 ? 0.63803 0.56278 0.43652 0.01737  -0.06778 0.02899  281 HIS B CD2 
579 C CE1 . HIS B 25 ? 0.67963 0.61428 0.47374 0.02004  -0.06476 0.04836  281 HIS B CE1 
580 N NE2 . HIS B 25 ? 0.66108 0.58315 0.43939 0.02117  -0.05791 0.03626  281 HIS B NE2 
581 N N   . GLU B 26 ? 0.27426 0.22918 0.15862 0.00656  -0.06029 0.02931  282 GLU B N   
582 C CA  . GLU B 26 ? 0.33382 0.28524 0.20854 0.00904  -0.04248 0.02787  282 GLU B CA  
583 C C   . GLU B 26 ? 0.29124 0.25854 0.19952 0.00623  -0.03162 0.03772  282 GLU B C   
584 O O   . GLU B 26 ? 0.27288 0.24330 0.18103 0.00740  -0.01229 0.04229  282 GLU B O   
585 C CB  . GLU B 26 ? 0.34297 0.28280 0.20699 0.00995  -0.04368 0.01206  282 GLU B CB  
586 C CG  . GLU B 26 ? 0.54880 0.47280 0.37715 0.01586  -0.03983 0.00169  282 GLU B CG  
587 C CD  . GLU B 26 ? 0.67996 0.60272 0.49276 0.02107  -0.01553 0.00408  282 GLU B CD  
588 O OE1 . GLU B 26 ? 0.76112 0.69367 0.59278 0.02052  0.00187  0.00658  282 GLU B OE1 
589 O OE2 . GLU B 26 ? 0.68002 0.59411 0.46811 0.02483  -0.01309 0.00370  282 GLU B OE2 
590 N N   . GLN B 27 ? 0.23299 0.21103 0.17477 0.00157  -0.03983 0.03798  283 GLN B N   
591 C CA  . GLN B 27 ? 0.25999 0.25007 0.23306 -0.00138 -0.02787 0.04149  283 GLN B CA  
592 C C   . GLN B 27 ? 0.24160 0.23429 0.21709 0.00048  -0.02086 0.04724  283 GLN B C   
593 O O   . GLN B 27 ? 0.23153 0.23114 0.22129 -0.00089 -0.00816 0.04596  283 GLN B O   
594 C CB  . GLN B 27 ? 0.18291 0.18055 0.18429 -0.00897 -0.03483 0.03692  283 GLN B CB  
595 C CG  . GLN B 27 ? 0.31332 0.30842 0.32147 -0.01139 -0.03523 0.02966  283 GLN B CG  
596 C CD  . GLN B 27 ? 0.40274 0.39244 0.42421 -0.01675 -0.03910 0.02607  283 GLN B CD  
597 O OE1 . GLN B 27 ? 0.48211 0.46551 0.50116 -0.01856 -0.04950 0.02759  283 GLN B OE1 
598 N NE2 . GLN B 27 ? 0.37230 0.36252 0.40032 -0.01455 -0.02938 0.02251  283 GLN B NE2 
599 N N   . ARG B 28 ? 0.24264 0.23169 0.20609 0.00324  -0.03081 0.05122  284 ARG B N   
600 C CA  . ARG B 28 ? 0.25921 0.24714 0.22075 0.00540  -0.02593 0.05681  284 ARG B CA  
601 C C   . ARG B 28 ? 0.25806 0.23080 0.19333 0.00821  -0.01422 0.05786  284 ARG B C   
602 O O   . ARG B 28 ? 0.26585 0.24656 0.21421 0.00530  -0.00505 0.06062  284 ARG B O   
603 C CB  . ARG B 28 ? 0.27566 0.26310 0.22998 0.00774  -0.04033 0.06107  284 ARG B CB  
604 C CG  . ARG B 28 ? 0.27116 0.26983 0.25576 -0.00244 -0.05131 0.06180  284 ARG B CG  
605 C CD  . ARG B 28 ? 0.42625 0.42289 0.40572 -0.00184 -0.06522 0.06688  284 ARG B CD  
606 N NE  . ARG B 28 ? 0.55915 0.54716 0.51250 0.00328  -0.07668 0.06224  284 ARG B NE  
607 C CZ  . ARG B 28 ? 0.55939 0.54401 0.51831 -0.00256 -0.08990 0.05701  284 ARG B CZ  
608 N NH1 . ARG B 28 ? 0.48850 0.47577 0.47658 -0.01237 -0.09200 0.05739  284 ARG B NH1 
609 N NH2 . ARG B 28 ? 0.53651 0.51201 0.47088 0.00008  -0.10072 0.05199  284 ARG B NH2 
610 N N   . LYS B 29 ? 0.25740 0.21727 0.16354 0.00975  -0.01488 0.05542  285 LYS B N   
611 C CA  . LYS B 29 ? 0.25825 0.22497 0.15581 0.00278  -0.00303 0.05902  285 LYS B CA  
612 C C   . LYS B 29 ? 0.19290 0.16986 0.11552 0.00278  0.01459  0.05147  285 LYS B C   
613 O O   . LYS B 29 ? 0.20858 0.19008 0.13799 0.00469  0.02580  0.05079  285 LYS B O   
614 C CB  . LYS B 29 ? 0.34107 0.30529 0.20995 0.01006  -0.00175 0.05472  285 LYS B CB  
615 C CG  . LYS B 29 ? 0.53513 0.49264 0.38531 0.01419  0.01425  0.05183  285 LYS B CG  
616 C CD  . LYS B 29 ? 0.63642 0.57857 0.45265 0.02086  0.01490  0.04169  285 LYS B CD  
617 C CE  . LYS B 29 ? 0.72561 0.65871 0.51615 0.02481  0.02176  0.04332  285 LYS B CE  
618 N NZ  . LYS B 29 ? 0.80121 0.72342 0.57268 0.02987  0.03316  0.03186  285 LYS B NZ  
619 N N   . VAL B 30 ? 0.18335 0.16509 0.12203 0.00211  0.01468  0.04605  286 VAL B N   
620 C CA  . VAL B 30 ? 0.15644 0.14932 0.12147 0.00296  0.02557  0.03810  286 VAL B CA  
621 C C   . VAL B 30 ? 0.16246 0.16638 0.15321 0.00735  0.02669  0.04122  286 VAL B C   
622 O O   . VAL B 30 ? 0.14819 0.15303 0.14984 0.01316  0.03388  0.03958  286 VAL B O   
623 C CB  . VAL B 30 ? 0.25664 0.25172 0.23172 0.00097  0.02290  0.03199  286 VAL B CB  
624 C CG1 . VAL B 30 ? 0.18441 0.18749 0.18793 0.00596  0.02590  0.02732  286 VAL B CG1 
625 C CG2 . VAL B 30 ? 0.33773 0.32633 0.29374 0.00500  0.03057  0.02740  286 VAL B CG2 
626 N N   . HIS B 31 ? 0.16646 0.17746 0.16715 0.00566  0.01808  0.04618  287 HIS B N   
627 C CA  . HIS B 31 ? 0.20086 0.22765 0.22751 0.01044  0.01878  0.04957  287 HIS B CA  
628 C C   . HIS B 31 ? 0.11376 0.13638 0.13186 0.01373  0.02544  0.05441  287 HIS B C   
629 O O   . HIS B 31 ? 0.18673 0.21321 0.21923 0.02065  0.03066  0.05445  287 HIS B O   
630 C CB  . HIS B 31 ? 0.23061 0.27071 0.27328 0.00590  0.00896  0.05432  287 HIS B CB  
631 C CG  . HIS B 31 ? 0.30019 0.35254 0.36177 0.00928  0.00980  0.05757  287 HIS B CG  
632 N ND1 . HIS B 31 ? 0.33804 0.37870 0.39484 0.01103  0.01051  0.04620  287 HIS B ND1 
633 C CD2 . HIS B 31 ? 0.30446 0.36572 0.37313 0.00832  0.00898  0.06704  287 HIS B CD2 
634 C CE1 . HIS B 31 ? 0.35826 0.40163 0.41994 0.01185  0.01087  0.04840  287 HIS B CE1 
635 N NE2 . HIS B 31 ? 0.34353 0.39934 0.41393 0.01050  0.01064  0.06060  287 HIS B NE2 
636 N N   . ALA B 32 ? 0.12887 0.13862 0.11950 0.01004  0.02342  0.05913  288 ALA B N   
637 C CA  . ALA B 32 ? 0.16711 0.17223 0.14718 0.01296  0.02935  0.06439  288 ALA B CA  
638 C C   . ALA B 32 ? 0.19668 0.19809 0.17619 0.01753  0.04143  0.05977  288 ALA B C   
639 O O   . ALA B 32 ? 0.19135 0.19356 0.17788 0.02257  0.04813  0.06249  288 ALA B O   
640 C CB  . ALA B 32 ? 0.22737 0.21467 0.17210 0.00949  0.02115  0.07017  288 ALA B CB  
641 N N   . GLU B 33 ? 0.20457 0.20042 0.17651 0.01616  0.04394  0.05304  289 GLU B N   
642 C CA  . GLU B 33 ? 0.24812 0.23784 0.22134 0.02034  0.05437  0.04883  289 GLU B CA  
643 C C   . GLU B 33 ? 0.16851 0.15943 0.16672 0.02494  0.05527  0.04587  289 GLU B C   
644 O O   . GLU B 33 ? 0.12073 0.10398 0.12221 0.02864  0.06251  0.04603  289 GLU B O   
645 C CB  . GLU B 33 ? 0.14055 0.12453 0.09972 0.01782  0.05650  0.04263  289 GLU B CB  
646 C CG  . GLU B 33 ? 0.27553 0.25285 0.20347 0.01652  0.05751  0.04510  289 GLU B CG  
647 C CD  . GLU B 33 ? 0.38866 0.36338 0.30257 0.01491  0.05619  0.03820  289 GLU B CD  
648 O OE1 . GLU B 33 ? 0.44050 0.41921 0.37060 0.01374  0.05523  0.03197  289 GLU B OE1 
649 O OE2 . GLU B 33 ? 0.41091 0.37885 0.29666 0.01580  0.05546  0.03852  289 GLU B OE2 
650 N N   . LYS B 34 ? 0.09724 0.09484 0.11045 0.02481  0.04746  0.04372  290 LYS B N   
651 C CA  . LYS B 34 ? 0.12819 0.12245 0.15881 0.03013  0.04647  0.04217  290 LYS B CA  
652 C C   . LYS B 34 ? 0.11295 0.11129 0.14957 0.03243  0.04739  0.04632  290 LYS B C   
653 O O   . LYS B 34 ? 0.11830 0.10976 0.15583 0.03146  0.04907  0.04325  290 LYS B O   
654 C CB  . LYS B 34 ? 0.12780 0.12887 0.16242 0.02373  0.03486  0.03618  290 LYS B CB  
655 C CG  . LYS B 34 ? 0.26161 0.25721 0.29178 0.02059  0.03332  0.03038  290 LYS B CG  
656 C CD  . LYS B 34 ? 0.18554 0.18686 0.21690 0.01541  0.02268  0.02516  290 LYS B CD  
657 C CE  . LYS B 34 ? 0.26891 0.26562 0.29632 0.01252  0.02105  0.01972  290 LYS B CE  
658 N NZ  . LYS B 34 ? 0.33036 0.33251 0.35690 0.00577  0.01570  0.01798  290 LYS B NZ  
659 N N   . VAL B 35 ? 0.08806 0.09884 0.12919 0.03464  0.04600  0.05368  291 VAL B N   
660 C CA  . VAL B 35 ? 0.08115 0.09587 0.12808 0.03706  0.04798  0.05852  291 VAL B CA  
661 C C   . VAL B 35 ? 0.10116 0.10505 0.13918 0.04094  0.05868  0.06142  291 VAL B C   
662 O O   . VAL B 35 ? 0.11917 0.11835 0.16350 0.04419  0.06246  0.06190  291 VAL B O   
663 C CB  . VAL B 35 ? 0.17935 0.20962 0.23089 0.03559  0.04396  0.06636  291 VAL B CB  
664 C CG1 . VAL B 35 ? 0.11844 0.15083 0.17186 0.03889  0.04886  0.07353  291 VAL B CG1 
665 C CG2 . VAL B 35 ? 0.17388 0.21107 0.23391 0.02915  0.03340  0.06133  291 VAL B CG2 
666 N N   . ALA B 36 ? 0.11978 0.11779 0.13718 0.03636  0.06208  0.06128  292 ALA B N   
667 C CA  . ALA B 36 ? 0.14712 0.13454 0.15263 0.03807  0.07207  0.06339  292 ALA B CA  
668 C C   . ALA B 36 ? 0.16867 0.14497 0.18303 0.04092  0.07777  0.05874  292 ALA B C   
669 O O   . ALA B 36 ? 0.16554 0.13531 0.18263 0.04446  0.08514  0.06143  292 ALA B O   
670 C CB  . ALA B 36 ? 0.16518 0.14703 0.14470 0.03355  0.07434  0.06364  292 ALA B CB  
671 N N   . LYS B 37 ? 0.12875 0.10144 0.14696 0.03858  0.07430  0.05216  293 LYS B N   
672 C CA  . LYS B 37 ? 0.17067 0.13066 0.19587 0.03930  0.07867  0.04808  293 LYS B CA  
673 C C   . LYS B 37 ? 0.11869 0.08251 0.15431 0.03765  0.07339  0.04628  293 LYS B C   
674 O O   . LYS B 37 ? 0.16241 0.11932 0.20061 0.03723  0.07841  0.04532  293 LYS B O   
675 C CB  . LYS B 37 ? 0.18783 0.14453 0.21318 0.03480  0.07420  0.04123  293 LYS B CB  
676 C CG  . LYS B 37 ? 0.24054 0.19086 0.27011 0.02974  0.07523  0.03531  293 LYS B CG  
677 C CD  . LYS B 37 ? 0.49726 0.44456 0.52494 0.02502  0.07369  0.02954  293 LYS B CD  
678 C CE  . LYS B 37 ? 0.57378 0.51586 0.60699 0.02107  0.07672  0.02511  293 LYS B CE  
679 N NZ  . LYS B 37 ? 0.58960 0.51974 0.62235 0.02486  0.09150  0.02930  293 LYS B NZ  
680 N N   . ALA B 38 ? 0.10353 0.07883 0.14321 0.03534  0.06313  0.04510  294 ALA B N   
681 C CA  . ALA B 38 ? 0.09674 0.07483 0.14133 0.03306  0.05816  0.04251  294 ALA B CA  
682 C C   . ALA B 38 ? 0.11981 0.09583 0.16755 0.03823  0.06659  0.04914  294 ALA B C   
683 O O   . ALA B 38 ? 0.16617 0.13736 0.21648 0.03745  0.06865  0.04731  294 ALA B O   
684 C CB  . ALA B 38 ? 0.10481 0.09297 0.15105 0.03033  0.04781  0.04038  294 ALA B CB  
685 N N   . PHE B 39 ? 0.11804 0.09810 0.16527 0.04407  0.07192  0.05753  295 PHE B N   
686 C CA  . PHE B 39 ? 0.13284 0.11058 0.18191 0.05011  0.08112  0.06501  295 PHE B CA  
687 C C   . PHE B 39 ? 0.15096 0.11392 0.19574 0.05281  0.09284  0.06575  295 PHE B C   
688 O O   . PHE B 39 ? 0.17931 0.13739 0.22775 0.05433  0.09852  0.06745  295 PHE B O   
689 C CB  . PHE B 39 ? 0.16567 0.15181 0.21314 0.05682  0.08474  0.07504  295 PHE B CB  
690 C CG  . PHE B 39 ? 0.23043 0.23193 0.28681 0.05456  0.07608  0.07704  295 PHE B CG  
691 C CD1 . PHE B 39 ? 0.38973 0.39433 0.45295 0.05600  0.07755  0.08056  295 PHE B CD1 
692 C CD2 . PHE B 39 ? 0.35568 0.36773 0.41383 0.05060  0.06711  0.07551  295 PHE B CD2 
693 C CE1 . PHE B 39 ? 0.36393 0.38099 0.43521 0.05347  0.07051  0.08226  295 PHE B CE1 
694 C CE2 . PHE B 39 ? 0.36783 0.39238 0.43455 0.04748  0.05993  0.07726  295 PHE B CE2 
695 C CZ  . PHE B 39 ? 0.22547 0.25207 0.29851 0.04898  0.06182  0.08053  295 PHE B CZ  
696 N N   . TRP B 40 ? 0.22263 0.17767 0.25943 0.05300  0.09714  0.06434  296 TRP B N   
697 C CA  . TRP B 40 ? 0.21844 0.16137 0.24904 0.05175  0.10744  0.06371  296 TRP B CA  
698 C C   . TRP B 40 ? 0.30192 0.23852 0.34357 0.04892  0.10751  0.05839  296 TRP B C   
699 O O   . TRP B 40 ? 0.25867 0.18668 0.30282 0.05094  0.11725  0.06066  296 TRP B O   
700 C CB  . TRP B 40 ? 0.24479 0.18618 0.26230 0.04666  0.10802  0.06015  296 TRP B CB  
701 C CG  . TRP B 40 ? 0.30513 0.23573 0.31765 0.04539  0.11939  0.05960  296 TRP B CG  
702 C CD1 . TRP B 40 ? 0.36732 0.28976 0.38727 0.04254  0.12225  0.05414  296 TRP B CD1 
703 C CD2 . TRP B 40 ? 0.27296 0.19980 0.27212 0.04678  0.13004  0.06508  296 TRP B CD2 
704 N NE1 . TRP B 40 ? 0.36601 0.28134 0.38044 0.04213  0.13448  0.05587  296 TRP B NE1 
705 C CE2 . TRP B 40 ? 0.33938 0.25661 0.34017 0.04507  0.13970  0.06263  296 TRP B CE2 
706 C CE3 . TRP B 40 ? 0.24855 0.17859 0.23376 0.04909  0.13250  0.07219  296 TRP B CE3 
707 C CZ2 . TRP B 40 ? 0.45516 0.36611 0.44460 0.04631  0.15245  0.06707  296 TRP B CZ2 
708 C CZ3 . TRP B 40 ? 0.40603 0.32825 0.37740 0.05023  0.14446  0.07662  296 TRP B CZ3 
709 C CH2 . TRP B 40 ? 0.46781 0.38071 0.44156 0.04917  0.15470  0.07405  296 TRP B CH2 
710 N N   . MET B 41 ? 0.18460 0.12818 0.23004 0.04185  0.09520  0.05056  297 MET B N   
711 C CA  . MET B 41 ? 0.31778 0.25976 0.36929 0.03693  0.09237  0.04467  297 MET B CA  
712 C C   . MET B 41 ? 0.35095 0.29625 0.40735 0.03818  0.09106  0.04632  297 MET B C   
713 O O   . MET B 41 ? 0.43876 0.37913 0.49990 0.03723  0.09513  0.04494  297 MET B O   
714 C CB  . MET B 41 ? 0.30737 0.25524 0.35820 0.03058  0.08003  0.03674  297 MET B CB  
715 C CG  . MET B 41 ? 0.41066 0.35641 0.45730 0.02885  0.08030  0.03469  297 MET B CG  
716 S SD  . MET B 41 ? 0.62313 0.55912 0.67352 0.02571  0.08831  0.03092  297 MET B SD  
717 C CE  . MET B 41 ? 0.53396 0.47607 0.58897 0.02081  0.07751  0.02434  297 MET B CE  
718 N N   . ALA B 42 ? 0.26803 0.22176 0.32414 0.04022  0.08592  0.04931  298 ALA B N   
719 C CA  . ALA B 42 ? 0.28257 0.23962 0.34326 0.04100  0.08430  0.05035  298 ALA B CA  
720 C C   . ALA B 42 ? 0.32035 0.27037 0.38436 0.04615  0.09692  0.05689  298 ALA B C   
721 O O   . ALA B 42 ? 0.40261 0.35074 0.47131 0.04568  0.09834  0.05598  298 ALA B O   
722 C CB  . ALA B 42 ? 0.24727 0.21491 0.30823 0.04204  0.07747  0.05269  298 ALA B CB  
723 N N   . ILE B 43 ? 0.27063 0.21584 0.33112 0.05169  0.10699  0.06380  299 ILE B N   
724 C CA  . ILE B 43 ? 0.33990 0.27751 0.40169 0.05788  0.12030  0.07125  299 ILE B CA  
725 C C   . ILE B 43 ? 0.40734 0.33197 0.47008 0.05680  0.13017  0.06932  299 ILE B C   
726 O O   . ILE B 43 ? 0.42809 0.34339 0.49118 0.06186  0.14341  0.07526  299 ILE B O   
727 C CB  . ILE B 43 ? 0.31684 0.25477 0.37169 0.06617  0.12768  0.08097  299 ILE B CB  
728 C CG1 . ILE B 43 ? 0.31970 0.25261 0.36179 0.06431  0.13058  0.07993  299 ILE B CG1 
729 C CG2 . ILE B 43 ? 0.32988 0.28304 0.38684 0.06647  0.11773  0.08311  299 ILE B CG2 
730 C CD1 . ILE B 43 ? 0.31729 0.25599 0.34099 0.06317  0.13189  0.08620  299 ILE B CD1 
731 N N   . GLY B 44 ? 0.34671 0.27071 0.41045 0.05036  0.12444  0.06137  300 GLY B N   
732 C CA  . GLY B 44 ? 0.38720 0.30093 0.45486 0.04826  0.13305  0.05889  300 GLY B CA  
733 C C   . GLY B 44 ? 0.43926 0.34262 0.50079 0.05077  0.14392  0.06146  300 GLY B C   
734 O O   . GLY B 44 ? 0.45882 0.35150 0.52432 0.05092  0.15569  0.06194  300 GLY B O   
735 N N   . GLY B 45 ? 0.38670 0.29213 0.43856 0.05292  0.14125  0.06316  301 GLY B N   
736 C CA  . GLY B 45 ? 0.54155 0.44382 0.58143 0.05094  0.14793  0.06389  301 GLY B CA  
737 C C   . GLY B 45 ? 0.76387 0.66008 0.80994 0.04601  0.14933  0.05712  301 GLY B C   
738 O O   . GLY B 45 ? 0.82176 0.72144 0.87520 0.04228  0.13914  0.05076  301 GLY B O   
739 O OXT . GLY B 45 ? 0.89380 0.78533 0.93670 0.04398  0.15944  0.05747  301 GLY B OXT 
740 P P   . PO4 C .  ? 1.13527 1.10383 1.05243 0.03313  0.09458  -0.04150 401 PO4 A P   
741 O O1  . PO4 C .  ? 1.18209 1.14641 1.08747 0.03129  0.09570  -0.03210 401 PO4 A O1  
742 O O2  . PO4 C .  ? 1.13218 1.09416 1.02524 0.03922  0.09626  -0.05158 401 PO4 A O2  
743 O O3  . PO4 C .  ? 1.14087 1.11105 1.07750 0.03130  0.10554  -0.03831 401 PO4 A O3  
744 O O4  . PO4 C .  ? 1.11201 1.08696 1.04470 0.03046  0.08054  -0.04396 401 PO4 A O4  
745 P P   . PO4 D .  ? 1.33903 1.30989 1.20689 0.02082  -0.08677 0.07236  401 PO4 B P   
746 O O1  . PO4 D .  ? 1.35199 1.32617 1.23563 0.01902  -0.10093 0.07557  401 PO4 B O1  
747 O O2  . PO4 D .  ? 1.35623 1.31280 1.19698 0.01800  -0.09696 0.06243  401 PO4 B O2  
748 O O3  . PO4 D .  ? 1.34691 1.31957 1.19871 0.02767  -0.07204 0.08213  401 PO4 B O3  
749 O O4  . PO4 D .  ? 1.33446 1.31103 1.22915 0.01740  -0.07649 0.06834  401 PO4 B O4  
750 O O   . HOH E .  ? 0.55564 0.47799 0.54400 0.03176  0.13205  0.04337  501 HOH A O   
751 O O   . HOH E .  ? 1.00294 0.89689 0.80036 0.05870  0.08989  0.20063  502 HOH A O   
752 O O   . HOH E .  ? 0.52122 0.48882 0.54420 -0.00114 0.07390  -0.01423 503 HOH A O   
753 O O   . HOH E .  ? 0.34843 0.28716 0.35945 0.02003  0.09107  0.02493  504 HOH A O   
754 O O   . HOH E .  ? 0.75064 0.59631 0.75406 -0.00158 -0.17639 -0.01920 505 HOH A O   
755 O O   . HOH E .  ? 0.35277 0.34293 0.37369 0.00540  0.01680  0.00785  506 HOH A O   
756 O O   . HOH E .  ? 0.49756 0.35629 0.54485 -0.00130 -0.16319 0.00155  507 HOH A O   
757 O O   . HOH E .  ? 0.24703 0.24007 0.26494 -0.00180 0.02127  -0.00496 508 HOH A O   
758 O O   . HOH E .  ? 0.49577 0.43194 0.51137 -0.01998 -0.09191 0.01895  509 HOH A O   
759 O O   . HOH E .  ? 0.84009 0.72603 0.57868 0.04331  0.03458  -0.04974 510 HOH A O   
760 O O   . HOH E .  ? 0.42070 0.37596 0.36768 0.02033  0.10443  0.00831  511 HOH A O   
761 O O   . HOH E .  ? 0.37099 0.32738 0.40131 0.00407  -0.05639 -0.00423 512 HOH A O   
762 O O   . HOH E .  ? 0.38274 0.31154 0.30968 0.01278  -0.01889 -0.07192 513 HOH A O   
763 O O   . HOH E .  ? 0.37585 0.35228 0.35331 0.02072  0.03003  -0.04407 514 HOH A O   
764 O O   . HOH E .  ? 0.75525 0.71473 0.65364 0.03714  0.08093  0.10765  515 HOH A O   
765 O O   . HOH E .  ? 0.64056 0.64382 0.67064 0.00085  0.00201  -0.00917 516 HOH A O   
766 O O   . HOH E .  ? 0.53549 0.53276 0.56847 -0.00016 -0.01263 0.00612  517 HOH A O   
767 O O   . HOH E .  ? 0.67370 0.63964 0.69467 -0.00261 0.05686  -0.00710 518 HOH A O   
768 O O   . HOH E .  ? 0.34713 0.34827 0.37467 -0.00003 0.00435  -0.00649 519 HOH A O   
769 O O   . HOH E .  ? 0.89814 0.79528 0.69752 0.02874  -0.01396 -0.05598 520 HOH A O   
770 O O   . HOH E .  ? 0.39048 0.36392 0.31565 0.03154  0.07135  0.08986  521 HOH A O   
771 O O   . HOH E .  ? 0.54248 0.55673 0.60196 0.00686  -0.00621 -0.05025 522 HOH A O   
772 O O   . HOH E .  ? 0.53239 0.48549 0.53696 0.00933  0.10974  -0.00374 523 HOH A O   
773 O O   . HOH E .  ? 0.77921 0.74734 0.77006 0.01429  0.00982  -0.05354 524 HOH A O   
774 O O   . HOH E .  ? 0.48599 0.43918 0.45315 0.01833  0.11854  -0.00038 525 HOH A O   
775 O O   . HOH E .  ? 0.67132 0.67081 0.70368 0.00250  -0.00712 -0.00431 526 HOH A O   
776 O O   . HOH E .  ? 0.59148 0.50477 0.50556 0.01663  -0.04032 -0.07976 527 HOH A O   
777 O O   . HOH E .  ? 0.43528 0.38420 0.47213 -0.00055 -0.06467 0.00355  528 HOH A O   
778 O O   . HOH E .  ? 0.35162 0.28926 0.39562 0.00130  -0.07881 0.00201  529 HOH A O   
779 O O   . HOH E .  ? 0.48405 0.42750 0.44385 0.01469  0.00197  -0.06456 530 HOH A O   
780 O O   . HOH E .  ? 0.71774 0.68553 0.75033 -0.00496 -0.04365 0.01000  531 HOH A O   
781 O O   . HOH E .  ? 0.24880 0.24846 0.26652 0.00142  0.01854  0.01083  532 HOH A O   
782 O O   . HOH E .  ? 0.58387 0.55970 0.51336 0.03757  0.07018  0.11501  533 HOH A O   
783 O O   . HOH E .  ? 0.58607 0.50413 0.49677 0.07689  0.15515  0.17974  534 HOH A O   
784 O O   . HOH E .  ? 0.60392 0.58934 0.63824 -0.00429 -0.02650 0.00212  535 HOH A O   
785 O O   . HOH E .  ? 0.68602 0.70930 0.69116 0.02529  0.03715  0.09546  536 HOH A O   
786 O O   . HOH E .  ? 0.61014 0.61041 0.58192 0.03391  0.05731  0.10515  537 HOH A O   
787 O O   . HOH E .  ? 0.91191 0.75332 0.97993 0.02901  -0.19508 -0.03618 538 HOH A O   
788 O O   . HOH E .  ? 0.50465 0.47488 0.52629 0.02146  -0.03189 -0.07182 539 HOH A O   
789 O O   . HOH F .  ? 0.75106 0.66691 0.63405 0.01777  -0.00689 -0.08397 501 HOH B O   
790 O O   . HOH F .  ? 0.43715 0.36377 0.42048 -0.01534 -0.10847 0.00536  502 HOH B O   
791 O O   . HOH F .  ? 0.65505 0.67460 0.69608 0.00684  0.01467  0.03420  503 HOH B O   
792 O O   . HOH F .  ? 0.52698 0.41466 0.38404 0.02126  -0.04531 -0.09172 504 HOH B O   
793 O O   . HOH F .  ? 0.56187 0.48639 0.62845 0.03416  0.10956  0.04137  505 HOH B O   
794 O O   . HOH F .  ? 1.05333 0.83766 0.76449 0.04764  -0.07017 -0.14891 506 HOH B O   
795 O O   . HOH F .  ? 0.56217 0.56622 0.60286 -0.02651 -0.07164 0.06495  507 HOH B O   
796 O O   . HOH F .  ? 0.79669 0.71377 0.54950 0.03347  0.05343  0.04117  508 HOH B O   
797 O O   . HOH F .  ? 0.36874 0.37407 0.39549 -0.00332 -0.01013 0.01607  509 HOH B O   
798 O O   . HOH F .  ? 0.31624 0.34572 0.35606 -0.00192 -0.00156 0.03662  510 HOH B O   
799 O O   . HOH F .  ? 0.66361 0.56661 0.57975 0.02377  -0.03287 -0.09622 511 HOH B O   
800 O O   . HOH F .  ? 0.43847 0.44958 0.43239 0.00281  -0.01127 0.07336  512 HOH B O   
801 O O   . HOH F .  ? 0.13667 0.12043 0.17082 0.02095  0.03809  0.02721  513 HOH B O   
802 O O   . HOH F .  ? 0.53083 0.47269 0.43307 -0.00403 -0.11562 0.01985  514 HOH B O   
803 O O   . HOH F .  ? 0.22187 0.22498 0.19970 0.02448  0.04763  0.07900  515 HOH B O   
804 O O   . HOH F .  ? 0.39137 0.39091 0.41648 -0.02093 -0.05736 0.04974  516 HOH B O   
805 O O   . HOH F .  ? 0.39862 0.41823 0.43562 0.00772  0.00712  0.02677  517 HOH B O   
806 O O   . HOH F .  ? 0.59202 0.61827 0.63791 0.00593  0.00296  0.03341  518 HOH B O   
807 O O   . HOH F .  ? 0.59056 0.51199 0.60572 0.02896  0.11814  0.03741  519 HOH B O   
808 O O   . HOH F .  ? 0.66518 0.58360 0.61745 -0.01719 -0.13867 0.00905  520 HOH B O   
809 O O   . HOH F .  ? 0.59194 0.54748 0.53802 -0.01216 -0.12921 0.03777  521 HOH B O   
810 O O   . HOH F .  ? 0.82828 0.71340 0.72860 0.03149  -0.01623 -0.11550 522 HOH B O   
811 O O   . HOH F .  ? 0.84859 0.91315 0.91774 0.01702  0.01971  0.08535  523 HOH B O   
812 O O   . HOH F .  ? 0.55086 0.58500 0.60771 -0.02051 -0.02564 0.05458  524 HOH B O   
813 O O   . HOH F .  ? 0.93673 0.84079 0.65538 0.03179  -0.01541 0.04491  525 HOH B O   
814 O O   . HOH F .  ? 0.83690 0.76354 0.91765 0.03889  0.11321  0.04658  526 HOH B O   
815 O O   . HOH F .  ? 0.72292 0.61708 0.57244 0.02939  0.01001  -0.11027 527 HOH B O   
816 O O   . HOH F .  ? 0.79123 0.69645 0.83286 0.03055  0.12615  0.03711  528 HOH B O   
817 O O   . HOH F .  ? 0.40655 0.40510 0.39214 0.03565  0.06638  0.08462  529 HOH B O   
818 O O   . HOH F .  ? 0.58995 0.53413 0.61959 0.01227  0.06956  0.01477  530 HOH B O   
819 O O   . HOH F .  ? 0.72228 0.74704 0.72969 0.00958  0.00752  0.08443  531 HOH B O   
820 O O   . HOH F .  ? 0.23810 0.24779 0.26253 -0.00325 0.00184  0.02296  532 HOH B O   
821 O O   . HOH F .  ? 0.52717 0.54433 0.52083 0.01732  0.02511  0.08721  533 HOH B O   
822 O O   . HOH F .  ? 0.62127 0.54242 0.57030 0.02008  -0.04900 -0.07984 534 HOH B O   
823 O O   . HOH F .  ? 0.51367 0.53447 0.52969 0.03681  0.05687  0.09355  535 HOH B O   
# 
